data_8E0Y
#
_entry.id   8E0Y
#
_cell.length_a   209.851
_cell.length_b   53.254
_cell.length_c   150.543
_cell.angle_alpha   90.000
_cell.angle_beta   115.589
_cell.angle_gamma   90.000
#
_symmetry.space_group_name_H-M   'C 1 2 1'
#
loop_
_entity.id
_entity.type
_entity.pdbx_description
1 polymer 'Phospho-2-dehydro-3-deoxyheptonate aldolase, Phe-sensitive'
2 non-polymer 'PRASEODYMIUM ION'
3 non-polymer 'CITRATE ANION'
4 non-polymer 'PHOSPHATE ION'
5 non-polymer 'ACETATE ION'
6 non-polymer 'DAHP Oxime'
7 water water
#
_entity_poly.entity_id   1
_entity_poly.type   'polypeptide(L)'
_entity_poly.pdbx_seq_one_letter_code
;GMNYQNDDLRIKEIKELLPPVALLEKFPATENAANTVAHARKAIHKILKGNDDRLLVVIGPCSIHDPVAAKEYATRLLAL
REELKDELEIVMRVYFEKPRTTVGWKGLINDPHMDNSFQINDGLRIARKLLLDINDSGLPAAGEFLDMITPQYLADLMSW
GAIGARTTESQVHRELASGLSCPVGFKNGTDGTIKVAIDAINAAGAPHCFLSVTKWGHSAIVNTSGNGDCHIILRGGKEP
NYSAKHVAEVKEGLNKAGLPAQVMIDFSHANSSKQFKKQMDVCADVCQQIAGGEKAIIGVMVESHLVEGNQSLESGEPLA
YGKSITDACIGWEDTDALLRQLANAVKARRG
;
_entity_poly.pdbx_strand_id   A,B,C,D
#
loop_
_chem_comp.id
_chem_comp.type
_chem_comp.name
_chem_comp.formula
52L non-polymer 'DAHP Oxime' 'C7 H14 N O10 P'
ACT non-polymer 'ACETATE ION' 'C2 H3 O2 -1'
FLC non-polymer 'CITRATE ANION' 'C6 H5 O7 -3'
PO4 non-polymer 'PHOSPHATE ION' 'O4 P -3'
PR non-polymer 'PRASEODYMIUM ION' 'Pr 3'
#
# COMPACT_ATOMS: atom_id res chain seq x y z
N ASP A 8 -3.53 6.45 -19.42
CA ASP A 8 -4.50 5.36 -19.34
C ASP A 8 -5.89 5.82 -19.83
N LEU A 9 -6.09 5.79 -21.15
CA LEU A 9 -7.35 6.23 -21.76
C LEU A 9 -8.29 5.08 -22.14
N ARG A 10 -7.84 3.84 -21.94
CA ARG A 10 -8.74 2.68 -22.17
C ARG A 10 -9.01 2.04 -20.80
N ILE A 11 -8.59 2.71 -19.72
CA ILE A 11 -8.92 2.23 -18.35
C ILE A 11 -10.06 3.13 -17.88
N LYS A 12 -11.27 2.59 -17.79
CA LYS A 12 -12.45 3.41 -17.47
C LYS A 12 -12.59 3.65 -15.97
N GLU A 13 -12.36 2.64 -15.16
CA GLU A 13 -12.55 2.79 -13.70
C GLU A 13 -11.59 1.89 -12.92
N ILE A 14 -11.19 2.33 -11.74
CA ILE A 14 -10.35 1.50 -10.85
C ILE A 14 -11.04 1.50 -9.50
N LYS A 15 -11.34 0.32 -8.96
CA LYS A 15 -12.09 0.22 -7.68
C LYS A 15 -11.27 -0.53 -6.61
N GLU A 16 -11.57 -0.27 -5.36
CA GLU A 16 -10.75 -0.83 -4.25
C GLU A 16 -10.90 -2.35 -4.17
N LEU A 17 -9.80 -3.02 -3.85
CA LEU A 17 -9.82 -4.49 -3.66
C LEU A 17 -9.33 -4.78 -2.25
N LEU A 18 -10.09 -5.60 -1.52
CA LEU A 18 -9.64 -6.04 -0.19
C LEU A 18 -8.27 -6.69 -0.35
N PRO A 19 -7.29 -6.34 0.50
CA PRO A 19 -5.99 -6.99 0.46
C PRO A 19 -6.13 -8.46 0.90
N PRO A 20 -5.23 -9.40 0.54
CA PRO A 20 -5.39 -10.79 1.00
C PRO A 20 -5.44 -10.91 2.51
N VAL A 21 -4.65 -10.10 3.21
CA VAL A 21 -4.58 -10.21 4.66
C VAL A 21 -5.92 -9.92 5.30
N ALA A 22 -6.77 -9.13 4.62
CA ALA A 22 -8.11 -8.88 5.14
C ALA A 22 -8.96 -10.15 5.11
N LEU A 23 -8.88 -10.93 4.04
CA LEU A 23 -9.62 -12.18 3.99
C LEU A 23 -9.00 -13.25 4.88
N LEU A 24 -7.68 -13.26 5.01
CA LEU A 24 -7.03 -14.18 5.92
C LEU A 24 -7.34 -13.85 7.38
N GLU A 25 -7.53 -12.56 7.69
CA GLU A 25 -7.94 -12.23 9.05
C GLU A 25 -9.41 -12.57 9.27
N LYS A 26 -10.23 -12.40 8.25
CA LYS A 26 -11.65 -12.67 8.46
C LYS A 26 -11.91 -14.17 8.48
N PHE A 27 -11.26 -14.93 7.59
CA PHE A 27 -11.43 -16.37 7.48
C PHE A 27 -10.10 -17.09 7.68
N PRO A 28 -9.56 -17.10 8.90
CA PRO A 28 -8.31 -17.82 9.12
C PRO A 28 -8.56 -19.32 9.17
N ALA A 29 -7.54 -20.06 8.77
CA ALA A 29 -7.60 -21.51 8.81
C ALA A 29 -7.70 -22.00 10.25
N THR A 30 -8.73 -22.82 10.52
CA THR A 30 -8.80 -23.58 11.76
C THR A 30 -7.65 -24.58 11.81
N GLU A 31 -7.41 -25.14 12.99
CA GLU A 31 -6.37 -26.18 13.09
C GLU A 31 -6.78 -27.35 12.19
N ASN A 32 -8.05 -27.73 12.24
CA ASN A 32 -8.56 -28.84 11.40
C ASN A 32 -8.28 -28.55 9.93
N ALA A 33 -8.59 -27.35 9.45
CA ALA A 33 -8.42 -27.04 8.01
C ALA A 33 -6.92 -27.12 7.64
N ALA A 34 -6.09 -26.57 8.50
CA ALA A 34 -4.64 -26.54 8.20
C ALA A 34 -4.13 -27.97 8.14
N ASN A 35 -4.60 -28.79 9.07
CA ASN A 35 -4.16 -30.21 9.12
C ASN A 35 -4.62 -30.89 7.84
N THR A 36 -5.87 -30.67 7.43
CA THR A 36 -6.40 -31.25 6.17
C THR A 36 -5.42 -30.90 5.04
N VAL A 37 -5.12 -29.61 4.90
CA VAL A 37 -4.26 -29.21 3.73
C VAL A 37 -2.90 -29.91 3.84
N ALA A 38 -2.27 -29.87 5.02
CA ALA A 38 -0.91 -30.41 5.18
C ALA A 38 -0.90 -31.90 4.84
N HIS A 39 -1.85 -32.64 5.39
CA HIS A 39 -1.90 -34.10 5.22
C HIS A 39 -2.11 -34.41 3.74
N ALA A 40 -3.00 -33.68 3.08
CA ALA A 40 -3.30 -33.99 1.67
C ALA A 40 -2.06 -33.70 0.81
N ARG A 41 -1.40 -32.57 1.08
CA ARG A 41 -0.26 -32.22 0.21
C ARG A 41 0.79 -33.33 0.40
N LYS A 42 0.97 -33.78 1.64
CA LYS A 42 2.00 -34.81 1.91
C LYS A 42 1.62 -36.08 1.15
N ALA A 43 0.35 -36.47 1.23
CA ALA A 43 -0.13 -37.70 0.56
C ALA A 43 0.12 -37.62 -0.94
N ILE A 44 -0.18 -36.48 -1.56
CA ILE A 44 0.01 -36.33 -3.04
C ILE A 44 1.51 -36.38 -3.36
N HIS A 45 2.36 -35.73 -2.56
CA HIS A 45 3.84 -35.83 -2.76
C HIS A 45 4.27 -37.29 -2.73
N LYS A 46 3.77 -38.04 -1.75
CA LYS A 46 4.12 -39.46 -1.60
C LYS A 46 3.69 -40.25 -2.84
N ILE A 47 2.51 -39.95 -3.39
CA ILE A 47 2.07 -40.61 -4.61
C ILE A 47 2.96 -40.23 -5.78
N LEU A 48 3.28 -38.94 -5.89
CA LEU A 48 4.09 -38.48 -7.03
C LEU A 48 5.52 -39.06 -6.93
N LYS A 49 5.94 -39.47 -5.74
CA LYS A 49 7.30 -40.02 -5.53
C LYS A 49 7.29 -41.53 -5.72
N GLY A 50 6.12 -42.11 -5.96
CA GLY A 50 6.01 -43.58 -6.15
C GLY A 50 6.16 -44.31 -4.84
N ASN A 51 5.89 -43.64 -3.72
CA ASN A 51 5.96 -44.27 -2.40
C ASN A 51 4.56 -44.65 -1.91
N ASP A 52 3.53 -44.37 -2.71
CA ASP A 52 2.15 -44.82 -2.36
C ASP A 52 1.46 -45.33 -3.63
N ASP A 53 0.80 -46.47 -3.55
CA ASP A 53 0.16 -47.11 -4.73
C ASP A 53 -1.30 -46.65 -4.86
N ARG A 54 -1.67 -45.58 -4.18
CA ARG A 54 -3.06 -45.10 -4.18
C ARG A 54 -3.28 -44.08 -5.29
N LEU A 55 -4.55 -43.92 -5.66
CA LEU A 55 -4.91 -43.04 -6.76
C LEU A 55 -5.44 -41.73 -6.20
N LEU A 56 -4.84 -40.63 -6.65
CA LEU A 56 -5.34 -39.30 -6.36
C LEU A 56 -6.58 -39.03 -7.20
N VAL A 57 -7.71 -38.76 -6.57
CA VAL A 57 -8.95 -38.47 -7.29
C VAL A 57 -9.38 -37.04 -6.96
N VAL A 58 -9.26 -36.15 -7.95
CA VAL A 58 -9.84 -34.81 -7.88
C VAL A 58 -11.22 -34.89 -8.52
N ILE A 59 -12.26 -34.67 -7.75
CA ILE A 59 -13.62 -34.89 -8.25
C ILE A 59 -14.56 -33.86 -7.64
N GLY A 60 -15.47 -33.35 -8.47
CA GLY A 60 -16.40 -32.35 -8.02
C GLY A 60 -16.91 -31.49 -9.15
N PRO A 61 -17.65 -30.43 -8.83
CA PRO A 61 -18.36 -29.69 -9.88
C PRO A 61 -17.41 -29.04 -10.86
N CYS A 62 -17.87 -28.96 -12.12
CA CYS A 62 -17.18 -28.12 -13.10
C CYS A 62 -16.86 -26.75 -12.50
N SER A 63 -17.87 -26.10 -11.94
CA SER A 63 -17.70 -24.83 -11.25
C SER A 63 -18.71 -24.73 -10.12
N ILE A 64 -18.30 -24.10 -9.03
CA ILE A 64 -19.18 -23.84 -7.89
C ILE A 64 -19.93 -22.54 -8.16
N HIS A 65 -21.26 -22.59 -8.12
CA HIS A 65 -22.03 -21.36 -8.15
C HIS A 65 -22.92 -21.19 -6.95
N ASP A 66 -23.00 -22.18 -6.06
CA ASP A 66 -23.88 -22.18 -4.90
C ASP A 66 -23.14 -22.85 -3.76
N PRO A 67 -22.69 -22.09 -2.77
CA PRO A 67 -22.02 -22.73 -1.61
C PRO A 67 -22.87 -23.77 -0.89
N VAL A 68 -24.19 -23.61 -0.85
CA VAL A 68 -25.02 -24.57 -0.10
C VAL A 68 -24.95 -25.96 -0.72
N ALA A 69 -25.21 -26.04 -2.03
CA ALA A 69 -25.05 -27.32 -2.70
C ALA A 69 -23.62 -27.85 -2.59
N ALA A 70 -22.62 -26.97 -2.61
CA ALA A 70 -21.22 -27.44 -2.56
C ALA A 70 -20.92 -28.12 -1.21
N LYS A 71 -21.54 -27.64 -0.13
CA LYS A 71 -21.28 -28.20 1.22
C LYS A 71 -21.96 -29.58 1.36
N GLU A 72 -23.15 -29.74 0.79
CA GLU A 72 -23.82 -31.07 0.78
C GLU A 72 -22.97 -32.06 -0.02
N TYR A 73 -22.45 -31.60 -1.16
CA TYR A 73 -21.56 -32.45 -1.97
C TYR A 73 -20.36 -32.83 -1.11
N ALA A 74 -19.79 -31.84 -0.44
CA ALA A 74 -18.59 -32.13 0.34
C ALA A 74 -18.87 -33.15 1.43
N THR A 75 -20.07 -33.10 2.03
CA THR A 75 -20.43 -34.08 3.06
C THR A 75 -20.54 -35.49 2.47
N ARG A 76 -21.22 -35.61 1.34
CA ARG A 76 -21.31 -36.92 0.70
C ARG A 76 -19.94 -37.43 0.28
N LEU A 77 -19.09 -36.55 -0.29
CA LEU A 77 -17.79 -36.99 -0.79
C LEU A 77 -16.85 -37.36 0.35
N LEU A 78 -16.89 -36.58 1.45
CA LEU A 78 -16.10 -36.90 2.63
C LEU A 78 -16.38 -38.32 3.11
N ALA A 79 -17.65 -38.71 3.15
CA ALA A 79 -18.01 -40.07 3.57
C ALA A 79 -17.34 -41.10 2.66
N LEU A 80 -17.34 -40.88 1.35
CA LEU A 80 -16.68 -41.82 0.42
C LEU A 80 -15.16 -41.74 0.58
N ARG A 81 -14.62 -40.56 0.88
CA ARG A 81 -13.16 -40.39 1.11
C ARG A 81 -12.72 -41.30 2.27
N GLU A 82 -13.50 -41.35 3.34
CA GLU A 82 -13.18 -42.21 4.49
C GLU A 82 -13.36 -43.70 4.14
N GLU A 83 -14.37 -44.04 3.34
CA GLU A 83 -14.62 -45.44 3.00
C GLU A 83 -13.56 -46.01 2.06
N LEU A 84 -12.99 -45.20 1.18
CA LEU A 84 -12.09 -45.67 0.13
C LEU A 84 -10.65 -45.20 0.31
N LYS A 85 -10.30 -44.67 1.49
CA LYS A 85 -8.99 -44.05 1.70
C LYS A 85 -7.82 -45.02 1.48
N ASP A 86 -8.04 -46.31 1.72
CA ASP A 86 -6.96 -47.31 1.57
C ASP A 86 -6.57 -47.40 0.10
N GLU A 87 -7.47 -47.03 -0.79
CA GLU A 87 -7.21 -47.13 -2.24
C GLU A 87 -7.14 -45.74 -2.85
N LEU A 88 -7.91 -44.80 -2.31
CA LEU A 88 -8.00 -43.48 -2.97
C LEU A 88 -7.69 -42.31 -2.04
N GLU A 89 -6.98 -41.30 -2.56
CA GLU A 89 -6.82 -40.03 -1.83
C GLU A 89 -7.82 -39.08 -2.51
N ILE A 90 -9.03 -38.98 -1.96
CA ILE A 90 -10.11 -38.16 -2.59
C ILE A 90 -10.00 -36.68 -2.24
N VAL A 91 -9.93 -35.83 -3.25
CA VAL A 91 -9.81 -34.36 -3.09
C VAL A 91 -10.96 -33.71 -3.86
N MET A 92 -11.67 -32.81 -3.21
CA MET A 92 -12.82 -32.18 -3.87
C MET A 92 -12.39 -31.06 -4.81
N ARG A 93 -12.91 -31.10 -6.02
CA ARG A 93 -12.70 -30.05 -7.00
C ARG A 93 -13.52 -28.84 -6.58
N VAL A 94 -12.82 -27.74 -6.25
CA VAL A 94 -13.49 -26.50 -5.86
C VAL A 94 -13.04 -25.41 -6.82
N TYR A 95 -13.63 -25.40 -8.01
CA TYR A 95 -13.33 -24.46 -9.08
C TYR A 95 -14.40 -23.39 -9.05
N PHE A 96 -14.00 -22.16 -9.29
CA PHE A 96 -14.96 -21.03 -9.17
C PHE A 96 -15.36 -20.51 -10.55
N GLU A 97 -14.71 -21.00 -11.60
CA GLU A 97 -14.97 -20.41 -12.94
C GLU A 97 -14.72 -21.41 -14.06
N LYS A 98 -15.42 -21.25 -15.17
CA LYS A 98 -15.13 -22.06 -16.37
C LYS A 98 -14.45 -21.11 -17.35
N PRO A 99 -13.14 -21.24 -17.60
CA PRO A 99 -12.46 -20.37 -18.53
C PRO A 99 -13.04 -20.58 -19.94
N ARG A 100 -13.43 -19.50 -20.60
CA ARG A 100 -14.00 -19.57 -21.97
C ARG A 100 -13.68 -18.27 -22.71
N THR A 101 -13.86 -18.23 -24.04
CA THR A 101 -13.65 -17.00 -24.82
C THR A 101 -15.00 -16.41 -25.17
N THR A 102 -16.01 -17.27 -25.31
CA THR A 102 -17.39 -16.81 -25.61
C THR A 102 -17.97 -16.19 -24.35
N VAL A 103 -19.07 -15.44 -24.48
CA VAL A 103 -19.67 -14.71 -23.33
C VAL A 103 -20.23 -15.70 -22.33
N GLY A 104 -20.32 -15.29 -21.06
CA GLY A 104 -20.95 -16.18 -20.09
C GLY A 104 -20.65 -15.75 -18.68
N TRP A 105 -21.26 -16.42 -17.71
CA TRP A 105 -20.98 -16.15 -16.28
C TRP A 105 -19.47 -16.21 -16.06
N LYS A 106 -18.92 -15.22 -15.37
CA LYS A 106 -17.46 -15.14 -15.13
C LYS A 106 -17.06 -15.89 -13.86
N GLY A 107 -17.98 -16.62 -13.22
CA GLY A 107 -17.57 -17.44 -12.09
C GLY A 107 -17.95 -16.84 -10.73
N LEU A 108 -17.67 -17.60 -9.68
CA LEU A 108 -18.14 -17.22 -8.34
C LEU A 108 -17.33 -16.08 -7.77
N ILE A 109 -16.02 -16.06 -8.01
CA ILE A 109 -15.21 -14.93 -7.52
C ILE A 109 -15.57 -13.67 -8.28
N ASN A 110 -15.57 -13.73 -9.61
CA ASN A 110 -15.82 -12.54 -10.40
C ASN A 110 -17.23 -12.03 -10.25
N ASP A 111 -18.21 -12.92 -10.12
CA ASP A 111 -19.62 -12.52 -10.25
C ASP A 111 -20.47 -13.43 -9.37
N PRO A 112 -20.26 -13.36 -8.04
CA PRO A 112 -20.95 -14.32 -7.15
C PRO A 112 -22.44 -14.25 -7.25
N HIS A 113 -22.99 -13.05 -7.46
CA HIS A 113 -24.47 -12.87 -7.47
C HIS A 113 -25.02 -13.26 -8.85
N MET A 114 -24.15 -13.68 -9.76
CA MET A 114 -24.57 -14.15 -11.10
C MET A 114 -25.47 -13.12 -11.79
N ASP A 115 -24.98 -11.89 -11.99
CA ASP A 115 -25.78 -10.80 -12.61
C ASP A 115 -24.87 -9.84 -13.37
N ASN A 116 -23.57 -10.14 -13.47
CA ASN A 116 -22.58 -9.23 -14.05
C ASN A 116 -22.34 -7.98 -13.19
N SER A 117 -22.56 -8.05 -11.88
CA SER A 117 -22.20 -6.89 -11.06
C SER A 117 -20.72 -6.87 -10.69
N PHE A 118 -19.99 -7.96 -10.92
CA PHE A 118 -18.55 -8.00 -10.69
C PHE A 118 -18.19 -7.58 -9.26
N GLN A 119 -18.95 -8.15 -8.32
CA GLN A 119 -18.67 -7.87 -6.89
C GLN A 119 -17.59 -8.85 -6.44
N ILE A 120 -16.35 -8.57 -6.82
CA ILE A 120 -15.21 -9.49 -6.55
C ILE A 120 -14.84 -9.53 -5.07
N ASN A 121 -15.05 -8.47 -4.31
CA ASN A 121 -14.79 -8.54 -2.85
C ASN A 121 -15.73 -9.60 -2.25
N ASP A 122 -17.00 -9.52 -2.65
CA ASP A 122 -17.99 -10.52 -2.18
C ASP A 122 -17.57 -11.91 -2.64
N GLY A 123 -17.16 -12.03 -3.89
CA GLY A 123 -16.79 -13.34 -4.44
C GLY A 123 -15.65 -13.95 -3.65
N LEU A 124 -14.67 -13.12 -3.30
CA LEU A 124 -13.48 -13.59 -2.57
C LEU A 124 -13.92 -14.06 -1.19
N ARG A 125 -14.76 -13.27 -0.53
CA ARG A 125 -15.28 -13.70 0.79
C ARG A 125 -15.96 -15.07 0.66
N ILE A 126 -16.87 -15.19 -0.31
CA ILE A 126 -17.65 -16.45 -0.42
C ILE A 126 -16.70 -17.62 -0.70
N ALA A 127 -15.75 -17.40 -1.60
CA ALA A 127 -14.84 -18.49 -2.02
C ALA A 127 -14.01 -18.95 -0.82
N ARG A 128 -13.46 -18.00 -0.09
CA ARG A 128 -12.56 -18.39 1.01
C ARG A 128 -13.40 -19.10 2.07
N LYS A 129 -14.59 -18.60 2.33
CA LYS A 129 -15.42 -19.19 3.42
C LYS A 129 -15.76 -20.63 3.04
N LEU A 130 -16.10 -20.83 1.77
CA LEU A 130 -16.47 -22.19 1.32
C LEU A 130 -15.24 -23.09 1.46
N LEU A 131 -14.09 -22.63 0.97
CA LEU A 131 -12.85 -23.42 1.05
C LEU A 131 -12.56 -23.70 2.52
N LEU A 132 -12.76 -22.67 3.36
CA LEU A 132 -12.46 -22.88 4.77
C LEU A 132 -13.36 -23.96 5.34
N ASP A 133 -14.67 -23.87 5.09
CA ASP A 133 -15.62 -24.82 5.64
C ASP A 133 -15.34 -26.25 5.16
N ILE A 134 -15.01 -26.41 3.87
CA ILE A 134 -14.77 -27.76 3.33
C ILE A 134 -13.55 -28.39 3.98
N ASN A 135 -12.42 -27.66 4.01
CA ASN A 135 -11.22 -28.14 4.66
C ASN A 135 -11.43 -28.39 6.14
N ASP A 136 -12.19 -27.52 6.81
CA ASP A 136 -12.39 -27.69 8.24
C ASP A 136 -13.13 -28.97 8.56
N SER A 137 -13.96 -29.43 7.63
CA SER A 137 -14.69 -30.69 7.79
C SER A 137 -13.81 -31.90 7.55
N GLY A 138 -12.60 -31.72 7.02
CA GLY A 138 -11.68 -32.82 6.77
C GLY A 138 -11.52 -33.19 5.31
N LEU A 139 -12.22 -32.51 4.40
CA LEU A 139 -12.15 -32.83 2.98
C LEU A 139 -11.14 -31.89 2.32
N PRO A 140 -10.08 -32.40 1.69
CA PRO A 140 -9.15 -31.52 0.97
C PRO A 140 -9.80 -30.94 -0.28
N ALA A 141 -9.21 -29.85 -0.78
CA ALA A 141 -9.73 -29.10 -1.91
C ALA A 141 -8.68 -28.90 -2.98
N ALA A 142 -9.13 -28.92 -4.22
CA ALA A 142 -8.30 -28.69 -5.40
C ALA A 142 -8.86 -27.51 -6.17
N GLY A 143 -7.98 -26.66 -6.68
CA GLY A 143 -8.39 -25.45 -7.35
C GLY A 143 -7.75 -25.33 -8.72
N GLU A 144 -8.18 -24.30 -9.45
CA GLU A 144 -7.56 -23.91 -10.70
C GLU A 144 -6.96 -22.52 -10.55
N PHE A 145 -5.78 -22.32 -11.11
CA PHE A 145 -5.09 -21.03 -11.03
C PHE A 145 -5.19 -20.38 -12.40
N LEU A 146 -5.99 -19.32 -12.48
CA LEU A 146 -6.26 -18.65 -13.75
C LEU A 146 -5.67 -17.26 -13.83
N ASP A 147 -5.29 -16.67 -12.70
CA ASP A 147 -4.71 -15.35 -12.69
C ASP A 147 -3.63 -15.31 -11.62
N MET A 148 -2.94 -14.17 -11.51
CA MET A 148 -1.82 -14.07 -10.59
C MET A 148 -2.16 -13.45 -9.24
N ILE A 149 -3.38 -12.94 -9.04
CA ILE A 149 -3.69 -12.17 -7.85
C ILE A 149 -4.60 -12.93 -6.88
N THR A 150 -5.59 -13.68 -7.37
CA THR A 150 -6.44 -14.43 -6.44
C THR A 150 -5.75 -15.56 -5.67
N PRO A 151 -4.69 -16.26 -6.15
CA PRO A 151 -4.10 -17.31 -5.30
C PRO A 151 -3.67 -16.83 -3.92
N GLN A 152 -3.29 -15.56 -3.78
CA GLN A 152 -2.85 -15.09 -2.47
C GLN A 152 -3.99 -15.11 -1.46
N TYR A 153 -5.24 -15.13 -1.95
CA TYR A 153 -6.42 -15.18 -1.10
C TYR A 153 -6.87 -16.60 -0.77
N LEU A 154 -6.36 -17.61 -1.47
CA LEU A 154 -7.00 -18.91 -1.41
C LEU A 154 -6.03 -20.08 -1.35
N ALA A 155 -4.78 -19.94 -1.79
CA ALA A 155 -3.93 -21.11 -2.00
C ALA A 155 -3.56 -21.80 -0.70
N ASP A 156 -3.60 -21.10 0.43
CA ASP A 156 -3.31 -21.73 1.71
C ASP A 156 -4.33 -22.81 2.06
N LEU A 157 -5.45 -22.84 1.34
CA LEU A 157 -6.47 -23.87 1.55
C LEU A 157 -6.58 -24.83 0.38
N MET A 158 -5.59 -24.86 -0.51
N MET A 158 -5.59 -24.88 -0.51
CA MET A 158 -5.55 -25.77 -1.64
CA MET A 158 -5.60 -25.79 -1.65
C MET A 158 -4.53 -26.86 -1.37
C MET A 158 -4.53 -26.85 -1.46
N SER A 159 -4.92 -28.11 -1.64
CA SER A 159 -4.02 -29.25 -1.53
C SER A 159 -3.44 -29.69 -2.87
N TRP A 160 -3.92 -29.12 -3.97
CA TRP A 160 -3.56 -29.46 -5.33
C TRP A 160 -4.15 -28.38 -6.24
N GLY A 161 -3.45 -28.07 -7.30
CA GLY A 161 -3.91 -27.05 -8.24
C GLY A 161 -3.59 -27.45 -9.66
N ALA A 162 -4.39 -26.92 -10.58
CA ALA A 162 -4.23 -27.14 -12.00
C ALA A 162 -4.02 -25.79 -12.68
N ILE A 163 -3.03 -25.72 -13.56
CA ILE A 163 -2.89 -24.53 -14.37
C ILE A 163 -3.81 -24.67 -15.57
N GLY A 164 -4.52 -23.60 -15.92
CA GLY A 164 -5.38 -23.58 -17.10
C GLY A 164 -4.72 -24.10 -18.37
N ALA A 165 -5.52 -24.76 -19.23
CA ALA A 165 -4.97 -25.33 -20.46
C ALA A 165 -4.47 -24.26 -21.41
N ARG A 166 -5.18 -23.12 -21.48
CA ARG A 166 -4.80 -21.99 -22.30
C ARG A 166 -3.56 -21.25 -21.77
N THR A 167 -2.97 -21.69 -20.65
CA THR A 167 -1.81 -20.98 -20.09
C THR A 167 -0.67 -21.91 -19.67
N THR A 168 -0.72 -23.18 -20.04
CA THR A 168 0.39 -24.10 -19.80
C THR A 168 1.70 -23.59 -20.42
N GLU A 169 1.61 -22.82 -21.51
CA GLU A 169 2.77 -22.29 -22.22
C GLU A 169 3.32 -20.99 -21.65
N SER A 170 2.55 -20.30 -20.82
CA SER A 170 2.86 -18.96 -20.35
C SER A 170 3.95 -18.95 -19.29
N GLN A 171 4.95 -18.09 -19.47
CA GLN A 171 5.99 -17.97 -18.41
C GLN A 171 5.39 -17.45 -17.11
N VAL A 172 4.36 -16.59 -17.18
CA VAL A 172 3.89 -16.00 -15.93
C VAL A 172 3.15 -17.03 -15.08
N HIS A 173 2.50 -17.99 -15.73
CA HIS A 173 1.83 -19.07 -15.03
C HIS A 173 2.81 -20.14 -14.58
N ARG A 174 3.87 -20.37 -15.34
CA ARG A 174 4.93 -21.27 -14.88
C ARG A 174 5.66 -20.66 -13.68
N GLU A 175 5.93 -19.36 -13.70
CA GLU A 175 6.50 -18.70 -12.52
C GLU A 175 5.60 -18.91 -11.30
N LEU A 176 4.29 -18.69 -11.45
CA LEU A 176 3.34 -18.90 -10.33
C LEU A 176 3.50 -20.30 -9.72
N ALA A 177 3.48 -21.34 -10.56
CA ALA A 177 3.55 -22.73 -10.06
C ALA A 177 4.86 -22.99 -9.30
N SER A 178 5.95 -22.30 -9.68
CA SER A 178 7.28 -22.47 -9.03
C SER A 178 7.21 -22.14 -7.54
N GLY A 179 6.25 -21.31 -7.15
CA GLY A 179 6.13 -20.89 -5.75
C GLY A 179 4.83 -21.30 -5.08
N LEU A 180 4.06 -22.17 -5.73
CA LEU A 180 2.83 -22.68 -5.05
C LEU A 180 3.23 -23.75 -4.02
N SER A 181 2.61 -23.72 -2.85
CA SER A 181 2.93 -24.66 -1.75
C SER A 181 2.30 -26.04 -2.00
N CYS A 182 1.48 -26.16 -3.04
CA CYS A 182 0.76 -27.42 -3.32
C CYS A 182 1.25 -28.03 -4.62
N PRO A 183 1.08 -29.35 -4.85
CA PRO A 183 1.36 -29.91 -6.18
C PRO A 183 0.52 -29.27 -7.27
N VAL A 184 1.02 -29.34 -8.51
CA VAL A 184 0.40 -28.65 -9.63
C VAL A 184 0.32 -29.59 -10.84
N GLY A 185 -0.82 -29.59 -11.51
CA GLY A 185 -1.02 -30.36 -12.72
C GLY A 185 -1.07 -29.41 -13.91
N PHE A 186 -0.37 -29.79 -14.98
CA PHE A 186 -0.31 -29.02 -16.21
C PHE A 186 -1.00 -29.81 -17.32
N LYS A 187 -1.93 -29.18 -18.00
CA LYS A 187 -2.71 -29.95 -19.00
C LYS A 187 -1.93 -30.01 -20.32
N ASN A 188 -2.08 -31.11 -21.03
CA ASN A 188 -1.44 -31.29 -22.35
C ASN A 188 -2.04 -30.31 -23.36
N GLY A 189 -1.57 -30.38 -24.60
CA GLY A 189 -2.01 -29.44 -25.64
C GLY A 189 -3.33 -29.82 -26.30
N THR A 190 -3.97 -28.85 -26.95
CA THR A 190 -5.26 -29.10 -27.62
C THR A 190 -5.07 -30.15 -28.72
N ASP A 191 -3.85 -30.33 -29.20
CA ASP A 191 -3.56 -31.34 -30.25
C ASP A 191 -3.21 -32.67 -29.60
N GLY A 192 -3.15 -32.71 -28.27
CA GLY A 192 -2.77 -33.95 -27.58
C GLY A 192 -1.27 -34.09 -27.43
N THR A 193 -0.52 -33.06 -27.82
CA THR A 193 0.96 -33.06 -27.64
C THR A 193 1.30 -32.82 -26.18
N ILE A 194 2.47 -33.27 -25.72
CA ILE A 194 2.87 -33.14 -24.30
C ILE A 194 4.11 -32.26 -24.17
N LYS A 195 4.57 -31.65 -25.27
CA LYS A 195 5.82 -30.86 -25.26
C LYS A 195 5.67 -29.62 -24.35
N VAL A 196 4.61 -28.85 -24.52
CA VAL A 196 4.44 -27.59 -23.72
C VAL A 196 4.31 -27.95 -22.24
N ALA A 197 3.66 -29.05 -21.93
CA ALA A 197 3.46 -29.47 -20.53
C ALA A 197 4.78 -29.97 -19.98
N ILE A 198 5.57 -30.60 -20.83
CA ILE A 198 6.91 -30.94 -20.36
C ILE A 198 7.73 -29.68 -20.12
N ASP A 199 7.74 -28.76 -21.10
CA ASP A 199 8.38 -27.47 -20.90
C ASP A 199 7.87 -26.80 -19.63
N ALA A 200 6.56 -26.86 -19.39
CA ALA A 200 6.00 -26.23 -18.20
C ALA A 200 6.47 -26.90 -16.93
N ILE A 201 6.51 -28.25 -16.90
CA ILE A 201 6.99 -28.94 -15.71
C ILE A 201 8.45 -28.62 -15.44
N ASN A 202 9.27 -28.57 -16.49
CA ASN A 202 10.67 -28.19 -16.32
C ASN A 202 10.76 -26.78 -15.77
N ALA A 203 10.09 -25.82 -16.42
CA ALA A 203 10.17 -24.43 -15.99
C ALA A 203 9.68 -24.26 -14.55
N ALA A 204 8.58 -24.91 -14.19
CA ALA A 204 8.01 -24.76 -12.85
C ALA A 204 8.89 -25.37 -11.77
N GLY A 205 9.68 -26.39 -12.09
CA GLY A 205 10.58 -27.00 -11.14
C GLY A 205 11.83 -26.21 -10.84
N ALA A 206 12.10 -25.14 -11.60
CA ALA A 206 13.25 -24.26 -11.47
C ALA A 206 12.93 -23.11 -10.53
N PRO A 207 13.94 -22.57 -9.84
CA PRO A 207 13.73 -21.34 -9.08
C PRO A 207 13.49 -20.17 -10.01
N HIS A 208 12.67 -19.23 -9.56
CA HIS A 208 12.36 -18.06 -10.38
C HIS A 208 12.35 -16.81 -9.52
N CYS A 209 12.56 -15.67 -10.18
CA CYS A 209 12.43 -14.37 -9.54
C CYS A 209 11.50 -13.55 -10.40
N PHE A 210 10.46 -12.96 -9.79
CA PHE A 210 9.47 -12.25 -10.60
C PHE A 210 8.68 -11.31 -9.71
N LEU A 211 7.88 -10.46 -10.35
CA LEU A 211 7.05 -9.50 -9.63
C LEU A 211 5.69 -10.11 -9.32
N SER A 212 5.17 -9.79 -8.14
CA SER A 212 3.95 -10.43 -7.65
C SER A 212 3.33 -9.54 -6.58
N VAL A 213 2.06 -9.79 -6.30
CA VAL A 213 1.34 -9.09 -5.24
C VAL A 213 1.45 -9.87 -3.94
N THR A 214 1.75 -9.16 -2.86
CA THR A 214 1.92 -9.77 -1.54
C THR A 214 0.58 -9.89 -0.82
N LYS A 215 0.61 -10.58 0.33
CA LYS A 215 -0.52 -10.60 1.24
C LYS A 215 -1.04 -9.21 1.59
N TRP A 216 -0.21 -8.17 1.49
CA TRP A 216 -0.60 -6.82 1.87
C TRP A 216 -1.26 -6.05 0.75
N GLY A 217 -1.43 -6.67 -0.41
CA GLY A 217 -1.95 -5.97 -1.55
C GLY A 217 -0.97 -5.07 -2.27
N HIS A 218 0.34 -5.24 -2.04
CA HIS A 218 1.36 -4.45 -2.71
C HIS A 218 2.23 -5.33 -3.62
N SER A 219 2.62 -4.78 -4.76
CA SER A 219 3.57 -5.48 -5.63
C SER A 219 4.92 -5.59 -4.95
N ALA A 220 5.60 -6.72 -5.16
CA ALA A 220 6.94 -6.91 -4.62
C ALA A 220 7.72 -7.84 -5.55
N ILE A 221 9.01 -8.02 -5.23
CA ILE A 221 9.87 -8.98 -5.90
C ILE A 221 9.87 -10.27 -5.08
N VAL A 222 9.59 -11.40 -5.73
CA VAL A 222 9.56 -12.67 -5.03
C VAL A 222 10.51 -13.64 -5.70
N ASN A 223 11.18 -14.46 -4.88
CA ASN A 223 11.98 -15.57 -5.37
C ASN A 223 11.36 -16.87 -4.89
N THR A 224 11.25 -17.83 -5.80
CA THR A 224 10.69 -19.13 -5.51
C THR A 224 11.79 -20.19 -5.53
N SER A 225 11.50 -21.32 -4.89
CA SER A 225 12.43 -22.44 -4.86
C SER A 225 12.30 -23.35 -6.06
N GLY A 226 11.23 -23.25 -6.82
CA GLY A 226 10.91 -24.31 -7.75
C GLY A 226 10.00 -25.34 -7.11
N ASN A 227 9.10 -25.89 -7.91
CA ASN A 227 8.08 -26.82 -7.47
C ASN A 227 8.35 -28.17 -8.11
N GLY A 228 8.82 -29.13 -7.32
CA GLY A 228 9.07 -30.46 -7.84
C GLY A 228 7.86 -31.38 -7.86
N ASP A 229 6.71 -30.93 -7.37
CA ASP A 229 5.52 -31.80 -7.37
C ASP A 229 4.57 -31.45 -8.51
N CYS A 230 5.08 -31.31 -9.73
CA CYS A 230 4.26 -31.01 -10.88
C CYS A 230 4.14 -32.24 -11.77
N HIS A 231 3.00 -32.38 -12.45
CA HIS A 231 2.79 -33.50 -13.35
C HIS A 231 1.88 -33.07 -14.49
N ILE A 232 1.77 -33.94 -15.50
CA ILE A 232 0.91 -33.68 -16.64
C ILE A 232 -0.50 -34.15 -16.32
N ILE A 233 -1.48 -33.48 -16.91
CA ILE A 233 -2.86 -33.94 -16.94
C ILE A 233 -3.21 -34.20 -18.39
N LEU A 234 -3.59 -35.44 -18.66
CA LEU A 234 -4.02 -35.81 -20.03
C LEU A 234 -5.52 -35.53 -20.13
N ARG A 235 -5.89 -34.65 -21.05
CA ARG A 235 -7.31 -34.24 -21.13
C ARG A 235 -7.79 -34.30 -22.57
N GLY A 236 -7.05 -34.98 -23.45
CA GLY A 236 -7.43 -35.07 -24.86
C GLY A 236 -6.81 -33.98 -25.71
N GLU A 239 -8.66 -35.75 -30.18
CA GLU A 239 -9.51 -36.92 -29.85
C GLU A 239 -9.06 -37.47 -28.49
N PRO A 240 -9.78 -38.43 -27.87
CA PRO A 240 -9.43 -38.89 -26.54
C PRO A 240 -7.97 -39.36 -26.42
N ASN A 241 -7.39 -39.27 -25.23
CA ASN A 241 -5.99 -39.69 -25.02
C ASN A 241 -5.86 -40.45 -23.71
N TYR A 242 -6.93 -41.05 -23.22
CA TYR A 242 -6.89 -41.83 -21.97
C TYR A 242 -6.49 -43.27 -22.27
N SER A 243 -6.52 -43.63 -23.56
CA SER A 243 -6.27 -45.05 -23.95
C SER A 243 -4.87 -45.49 -23.58
N ALA A 244 -4.70 -46.80 -23.40
CA ALA A 244 -3.38 -47.40 -23.06
C ALA A 244 -2.30 -47.04 -24.10
N LYS A 245 -2.62 -47.03 -25.38
CA LYS A 245 -1.61 -46.59 -26.38
C LYS A 245 -1.12 -45.20 -26.02
N HIS A 246 -2.05 -44.27 -25.79
CA HIS A 246 -1.69 -42.85 -25.50
C HIS A 246 -0.88 -42.80 -24.20
N VAL A 247 -1.26 -43.58 -23.21
CA VAL A 247 -0.55 -43.50 -21.89
C VAL A 247 0.88 -44.00 -22.10
N ALA A 248 1.06 -45.04 -22.91
CA ALA A 248 2.40 -45.57 -23.20
C ALA A 248 3.21 -44.49 -23.90
N GLU A 249 2.60 -43.81 -24.87
CA GLU A 249 3.28 -42.74 -25.62
C GLU A 249 3.72 -41.64 -24.65
N VAL A 250 2.88 -41.29 -23.67
CA VAL A 250 3.20 -40.17 -22.76
C VAL A 250 4.35 -40.63 -21.86
N LYS A 251 4.24 -41.85 -21.38
CA LYS A 251 5.28 -42.40 -20.49
C LYS A 251 6.62 -42.32 -21.24
N GLU A 252 6.59 -42.63 -22.53
CA GLU A 252 7.83 -42.63 -23.34
C GLU A 252 8.39 -41.20 -23.38
N GLY A 253 7.55 -40.23 -23.71
CA GLY A 253 8.00 -38.83 -23.79
C GLY A 253 8.54 -38.33 -22.46
N LEU A 254 7.90 -38.71 -21.36
CA LEU A 254 8.35 -38.25 -20.02
C LEU A 254 9.72 -38.88 -19.72
N ASN A 255 9.83 -40.20 -19.87
CA ASN A 255 11.12 -40.90 -19.61
C ASN A 255 12.24 -40.24 -20.43
N LYS A 256 12.00 -39.95 -21.71
CA LYS A 256 13.01 -39.31 -22.59
C LYS A 256 13.36 -37.92 -22.09
N ALA A 257 12.39 -37.19 -21.55
CA ALA A 257 12.62 -35.81 -21.08
C ALA A 257 13.24 -35.86 -19.69
N GLY A 258 13.32 -37.05 -19.12
CA GLY A 258 13.95 -37.20 -17.79
C GLY A 258 12.97 -36.93 -16.67
N LEU A 259 11.70 -36.82 -17.00
CA LEU A 259 10.73 -36.65 -15.93
C LEU A 259 10.10 -37.99 -15.54
N PRO A 260 9.55 -38.11 -14.33
CA PRO A 260 8.84 -39.33 -13.97
C PRO A 260 7.71 -39.62 -14.94
N ALA A 261 7.61 -40.89 -15.36
CA ALA A 261 6.60 -41.32 -16.32
C ALA A 261 5.30 -41.56 -15.57
N GLN A 262 4.63 -40.46 -15.23
CA GLN A 262 3.36 -40.56 -14.46
C GLN A 262 2.35 -39.60 -15.06
N VAL A 263 1.08 -39.91 -14.90
CA VAL A 263 0.03 -39.08 -15.57
C VAL A 263 -1.24 -39.03 -14.72
N MET A 264 -1.93 -37.91 -14.82
CA MET A 264 -3.28 -37.85 -14.22
C MET A 264 -4.19 -37.80 -15.45
N ILE A 265 -5.31 -38.48 -15.43
CA ILE A 265 -6.18 -38.49 -16.64
C ILE A 265 -7.47 -37.70 -16.36
N ASP A 266 -7.77 -36.73 -17.22
CA ASP A 266 -9.00 -35.97 -17.08
C ASP A 266 -10.09 -36.73 -17.84
N PHE A 267 -11.10 -37.21 -17.13
CA PHE A 267 -12.16 -38.05 -17.77
C PHE A 267 -13.15 -37.22 -18.56
N SER A 268 -13.17 -35.90 -18.34
CA SER A 268 -14.23 -35.06 -18.97
C SER A 268 -13.80 -34.41 -20.28
N HIS A 269 -14.64 -33.52 -20.82
CA HIS A 269 -14.29 -32.78 -22.06
C HIS A 269 -13.94 -33.73 -23.20
N ALA A 270 -12.88 -33.41 -23.96
CA ALA A 270 -12.48 -34.23 -25.13
C ALA A 270 -12.39 -35.70 -24.74
N ASN A 271 -11.69 -36.01 -23.65
CA ASN A 271 -11.52 -37.42 -23.22
C ASN A 271 -12.89 -38.08 -23.11
N SER A 272 -13.95 -37.27 -22.99
CA SER A 272 -15.33 -37.82 -22.92
C SER A 272 -16.17 -37.25 -24.06
N SER A 273 -15.52 -36.68 -25.08
CA SER A 273 -16.23 -36.13 -26.26
C SER A 273 -17.38 -35.20 -25.82
N LYS A 274 -17.16 -34.41 -24.76
CA LYS A 274 -18.18 -33.43 -24.27
C LYS A 274 -19.54 -34.10 -24.03
N GLN A 275 -19.55 -35.29 -23.43
CA GLN A 275 -20.82 -36.01 -23.07
C GLN A 275 -20.60 -36.52 -21.65
N PHE A 276 -21.25 -35.90 -20.67
CA PHE A 276 -20.96 -36.23 -19.25
C PHE A 276 -20.97 -37.73 -18.97
N LYS A 277 -21.91 -38.47 -19.55
CA LYS A 277 -22.01 -39.91 -19.20
C LYS A 277 -20.78 -40.66 -19.68
N LYS A 278 -20.07 -40.10 -20.64
CA LYS A 278 -18.88 -40.77 -21.23
C LYS A 278 -17.74 -40.82 -20.19
N GLN A 279 -17.83 -40.02 -19.13
CA GLN A 279 -16.82 -40.10 -18.06
C GLN A 279 -16.84 -41.53 -17.49
N MET A 280 -18.00 -42.16 -17.49
CA MET A 280 -18.13 -43.56 -17.02
C MET A 280 -17.46 -44.49 -18.04
N ASP A 281 -17.55 -44.18 -19.33
CA ASP A 281 -16.82 -44.98 -20.31
C ASP A 281 -15.32 -44.84 -20.10
N VAL A 282 -14.84 -43.61 -19.92
CA VAL A 282 -13.42 -43.40 -19.65
C VAL A 282 -13.02 -44.14 -18.38
N CYS A 283 -13.86 -44.04 -17.36
CA CYS A 283 -13.59 -44.76 -16.10
C CYS A 283 -13.41 -46.25 -16.34
N ALA A 284 -14.28 -46.84 -17.15
CA ALA A 284 -14.17 -48.27 -17.45
C ALA A 284 -12.82 -48.58 -18.09
N ASP A 285 -12.39 -47.74 -19.03
CA ASP A 285 -11.12 -47.97 -19.70
C ASP A 285 -9.95 -47.77 -18.74
N VAL A 286 -9.90 -46.62 -18.06
CA VAL A 286 -8.82 -46.34 -17.13
C VAL A 286 -8.75 -47.40 -16.04
N CYS A 287 -9.92 -47.84 -15.53
CA CYS A 287 -9.93 -48.93 -14.56
C CYS A 287 -9.33 -50.21 -15.14
N GLN A 288 -9.57 -50.46 -16.43
CA GLN A 288 -8.94 -51.61 -17.09
C GLN A 288 -7.42 -51.49 -17.07
N GLN A 289 -6.90 -50.36 -17.54
CA GLN A 289 -5.46 -50.11 -17.52
C GLN A 289 -4.91 -50.30 -16.12
N ILE A 290 -5.56 -49.75 -15.09
CA ILE A 290 -5.03 -49.84 -13.70
C ILE A 290 -5.04 -51.28 -13.18
N ALA A 291 -6.18 -51.96 -13.21
CA ALA A 291 -6.27 -53.31 -12.61
C ALA A 291 -5.25 -54.26 -13.24
N GLY A 292 -4.90 -54.03 -14.50
CA GLY A 292 -3.91 -54.87 -15.18
C GLY A 292 -2.49 -54.56 -14.75
N GLY A 293 -2.28 -53.44 -14.07
CA GLY A 293 -0.93 -53.15 -13.54
C GLY A 293 -0.33 -51.80 -13.86
N GLU A 294 -1.07 -50.87 -14.47
CA GLU A 294 -0.46 -49.58 -14.88
C GLU A 294 -0.23 -48.73 -13.62
N LYS A 295 1.02 -48.36 -13.36
CA LYS A 295 1.36 -47.57 -12.15
C LYS A 295 1.61 -46.13 -12.55
N ALA A 296 1.68 -45.87 -13.85
CA ALA A 296 1.89 -44.51 -14.36
C ALA A 296 0.65 -43.63 -14.08
N ILE A 297 -0.55 -44.18 -14.21
CA ILE A 297 -1.76 -43.45 -13.86
C ILE A 297 -1.69 -43.19 -12.36
N ILE A 298 -1.45 -41.94 -11.97
CA ILE A 298 -1.32 -41.59 -10.56
C ILE A 298 -2.52 -40.78 -10.11
N GLY A 299 -3.38 -40.37 -11.02
CA GLY A 299 -4.51 -39.54 -10.65
C GLY A 299 -5.54 -39.48 -11.77
N VAL A 300 -6.75 -39.04 -11.38
CA VAL A 300 -7.84 -38.81 -12.31
C VAL A 300 -8.58 -37.55 -11.89
N MET A 301 -9.28 -36.96 -12.85
CA MET A 301 -10.08 -35.75 -12.69
C MET A 301 -11.46 -36.05 -13.23
N VAL A 302 -12.49 -35.89 -12.40
CA VAL A 302 -13.89 -36.16 -12.82
C VAL A 302 -14.78 -34.94 -12.52
N GLU A 303 -15.64 -34.56 -13.47
CA GLU A 303 -16.60 -33.45 -13.24
C GLU A 303 -17.88 -34.08 -12.68
N SER A 304 -18.15 -33.86 -11.40
CA SER A 304 -19.29 -34.49 -10.70
C SER A 304 -20.08 -33.47 -9.91
N HIS A 305 -21.38 -33.70 -9.77
CA HIS A 305 -22.19 -32.85 -8.90
C HIS A 305 -23.26 -33.69 -8.21
N LEU A 306 -24.11 -33.03 -7.42
CA LEU A 306 -25.21 -33.76 -6.79
C LEU A 306 -26.18 -34.28 -7.82
N VAL A 307 -26.52 -33.44 -8.80
CA VAL A 307 -27.51 -33.71 -9.84
C VAL A 307 -26.77 -33.68 -11.16
N GLU A 308 -27.01 -34.67 -12.02
CA GLU A 308 -26.24 -34.74 -13.25
C GLU A 308 -26.69 -33.66 -14.24
N GLY A 309 -25.86 -33.46 -15.28
CA GLY A 309 -26.22 -32.62 -16.40
C GLY A 309 -25.85 -31.16 -16.22
N ASN A 310 -26.60 -30.24 -16.84
CA ASN A 310 -26.36 -28.82 -16.62
C ASN A 310 -27.62 -28.03 -16.97
N GLN A 311 -27.54 -26.73 -16.71
CA GLN A 311 -28.67 -25.81 -16.94
C GLN A 311 -28.09 -24.43 -17.31
N SER A 312 -28.89 -23.61 -17.98
CA SER A 312 -28.45 -22.25 -18.36
C SER A 312 -28.90 -21.22 -17.33
N LEU A 313 -28.03 -20.30 -16.95
CA LEU A 313 -28.37 -19.23 -15.97
C LEU A 313 -29.40 -18.27 -16.57
N GLU A 317 -34.28 -15.71 -12.39
CA GLU A 317 -35.24 -16.84 -12.33
C GLU A 317 -34.56 -17.98 -11.59
N PRO A 318 -35.31 -18.85 -10.89
CA PRO A 318 -34.68 -19.87 -10.07
C PRO A 318 -33.90 -20.92 -10.89
N LEU A 319 -32.97 -21.60 -10.22
CA LEU A 319 -32.20 -22.66 -10.87
C LEU A 319 -32.46 -24.00 -10.18
N ALA A 320 -32.23 -25.09 -10.90
CA ALA A 320 -32.32 -26.41 -10.27
C ALA A 320 -31.21 -26.50 -9.22
N TYR A 321 -31.55 -27.09 -8.08
CA TYR A 321 -30.56 -27.26 -7.00
C TYR A 321 -29.53 -28.32 -7.37
N GLY A 322 -28.28 -28.01 -7.11
CA GLY A 322 -27.22 -28.97 -7.25
C GLY A 322 -26.83 -29.33 -8.68
N LYS A 323 -27.23 -28.55 -9.68
CA LYS A 323 -26.96 -28.89 -11.08
C LYS A 323 -26.08 -27.80 -11.71
N SER A 324 -25.01 -28.22 -12.38
CA SER A 324 -24.04 -27.29 -12.96
C SER A 324 -24.71 -26.22 -13.84
N ILE A 325 -24.21 -24.98 -13.76
CA ILE A 325 -24.66 -23.90 -14.69
C ILE A 325 -23.53 -23.70 -15.71
N THR A 326 -22.52 -24.57 -15.65
CA THR A 326 -21.40 -24.54 -16.63
C THR A 326 -21.42 -25.84 -17.45
N ASP A 327 -20.34 -26.62 -17.39
CA ASP A 327 -20.27 -27.90 -18.14
C ASP A 327 -21.08 -28.99 -17.43
N ALA A 328 -21.57 -29.96 -18.19
CA ALA A 328 -22.39 -31.05 -17.63
C ALA A 328 -21.54 -31.98 -16.76
N CYS A 329 -22.13 -32.42 -15.67
CA CYS A 329 -21.45 -33.32 -14.75
C CYS A 329 -22.23 -34.62 -14.58
N ILE A 330 -21.52 -35.69 -14.22
CA ILE A 330 -22.20 -36.87 -13.71
C ILE A 330 -22.83 -36.54 -12.36
N GLY A 331 -23.92 -37.24 -12.04
CA GLY A 331 -24.65 -37.02 -10.82
C GLY A 331 -24.16 -37.93 -9.72
N TRP A 332 -24.71 -37.76 -8.51
CA TRP A 332 -24.17 -38.49 -7.33
C TRP A 332 -24.13 -40.01 -7.50
N GLU A 333 -25.20 -40.64 -7.98
CA GLU A 333 -25.24 -42.13 -8.07
C GLU A 333 -24.06 -42.60 -8.93
N ASP A 334 -23.89 -41.98 -10.09
CA ASP A 334 -22.75 -42.32 -10.98
C ASP A 334 -21.44 -42.04 -10.24
N THR A 335 -21.43 -40.94 -9.50
CA THR A 335 -20.20 -40.61 -8.78
C THR A 335 -19.89 -41.69 -7.75
N ASP A 336 -20.91 -42.17 -7.04
CA ASP A 336 -20.68 -43.24 -6.07
C ASP A 336 -20.18 -44.49 -6.77
N ALA A 337 -20.74 -44.82 -7.93
CA ALA A 337 -20.29 -46.00 -8.66
C ALA A 337 -18.88 -45.80 -9.23
N LEU A 338 -18.62 -44.63 -9.81
CA LEU A 338 -17.31 -44.38 -10.41
C LEU A 338 -16.20 -44.57 -9.38
N LEU A 339 -16.38 -43.97 -8.19
CA LEU A 339 -15.33 -43.99 -7.18
C LEU A 339 -15.09 -45.40 -6.67
N ARG A 340 -16.13 -46.21 -6.62
CA ARG A 340 -15.98 -47.63 -6.21
C ARG A 340 -15.28 -48.39 -7.34
N GLN A 341 -15.62 -48.11 -8.59
CA GLN A 341 -14.88 -48.69 -9.72
C GLN A 341 -13.39 -48.41 -9.59
N LEU A 342 -13.03 -47.13 -9.36
CA LEU A 342 -11.62 -46.78 -9.27
C LEU A 342 -10.94 -47.50 -8.11
N ALA A 343 -11.61 -47.58 -6.95
CA ALA A 343 -11.03 -48.19 -5.75
C ALA A 343 -10.79 -49.69 -5.95
N ASN A 344 -11.80 -50.40 -6.44
CA ASN A 344 -11.65 -51.85 -6.73
C ASN A 344 -10.45 -52.03 -7.66
N ALA A 345 -10.27 -51.13 -8.61
CA ALA A 345 -9.14 -51.20 -9.55
C ALA A 345 -7.80 -51.06 -8.82
N VAL A 346 -7.71 -50.18 -7.83
CA VAL A 346 -6.44 -49.94 -7.10
C VAL A 346 -6.11 -51.21 -6.33
N LYS A 347 -7.11 -51.86 -5.76
CA LYS A 347 -6.90 -53.14 -5.04
C LYS A 347 -6.30 -54.17 -6.00
N ALA A 348 -6.86 -54.33 -7.21
CA ALA A 348 -6.37 -55.29 -8.21
C ALA A 348 -4.91 -55.03 -8.60
N ARG A 349 -4.56 -53.79 -8.95
CA ARG A 349 -3.17 -53.46 -9.37
C ARG A 349 -2.23 -53.91 -8.26
N ARG A 350 -2.67 -53.81 -7.01
CA ARG A 350 -1.75 -54.13 -5.89
C ARG A 350 -1.43 -55.61 -5.88
N GLY A 351 -2.46 -56.44 -5.83
CA GLY A 351 -2.23 -57.88 -5.63
C GLY A 351 -3.07 -58.79 -6.52
N ASP B 8 4.73 -19.09 0.94
CA ASP B 8 4.92 -20.06 2.03
C ASP B 8 6.21 -20.86 1.82
N LEU B 9 6.15 -22.18 1.89
CA LEU B 9 7.40 -23.00 1.83
C LEU B 9 8.19 -22.78 0.52
N ARG B 10 7.53 -22.53 -0.60
CA ARG B 10 8.26 -22.42 -1.88
C ARG B 10 8.56 -20.95 -2.21
N ILE B 11 8.28 -20.04 -1.29
CA ILE B 11 8.64 -18.61 -1.49
C ILE B 11 9.84 -18.33 -0.60
N LYS B 12 11.04 -18.27 -1.18
CA LYS B 12 12.27 -18.16 -0.35
C LYS B 12 12.37 -16.76 0.23
N GLU B 13 12.19 -15.75 -0.62
CA GLU B 13 12.35 -14.37 -0.12
C GLU B 13 11.44 -13.39 -0.85
N ILE B 14 11.11 -12.32 -0.18
CA ILE B 14 10.30 -11.25 -0.74
C ILE B 14 11.06 -9.94 -0.53
N LYS B 15 11.19 -9.14 -1.59
CA LYS B 15 12.00 -7.93 -1.53
C LYS B 15 11.19 -6.74 -2.04
N GLU B 16 11.60 -5.55 -1.58
CA GLU B 16 10.89 -4.30 -1.86
C GLU B 16 11.00 -3.89 -3.33
N LEU B 17 9.92 -3.33 -3.87
CA LEU B 17 9.83 -2.95 -5.27
C LEU B 17 9.35 -1.51 -5.39
N LEU B 18 10.11 -0.69 -6.13
CA LEU B 18 9.64 0.67 -6.39
C LEU B 18 8.29 0.67 -7.08
N PRO B 19 7.37 1.55 -6.71
CA PRO B 19 6.09 1.63 -7.41
C PRO B 19 6.23 2.39 -8.72
N PRO B 20 5.33 2.10 -9.68
CA PRO B 20 5.40 2.83 -10.97
C PRO B 20 5.52 4.34 -10.82
N VAL B 21 4.74 4.88 -9.91
CA VAL B 21 4.72 6.32 -9.68
C VAL B 21 6.10 6.84 -9.32
N ALA B 22 6.96 5.99 -8.73
CA ALA B 22 8.33 6.43 -8.45
C ALA B 22 9.16 6.54 -9.73
N LEU B 23 9.01 5.56 -10.64
CA LEU B 23 9.72 5.61 -11.92
C LEU B 23 9.18 6.74 -12.80
N LEU B 24 7.86 6.94 -12.77
CA LEU B 24 7.26 8.02 -13.52
C LEU B 24 7.69 9.39 -13.01
N GLU B 25 7.97 9.50 -11.70
CA GLU B 25 8.44 10.78 -11.18
C GLU B 25 9.92 11.00 -11.48
N LYS B 26 10.74 9.96 -11.43
CA LYS B 26 12.16 10.14 -11.68
C LYS B 26 12.44 10.33 -13.16
N PHE B 27 11.68 9.67 -14.02
CA PHE B 27 11.90 9.67 -15.47
C PHE B 27 10.61 10.06 -16.17
N PRO B 28 10.14 11.30 -16.00
CA PRO B 28 8.92 11.70 -16.68
C PRO B 28 9.14 11.86 -18.18
N ALA B 29 8.04 11.76 -18.92
CA ALA B 29 8.09 11.97 -20.36
C ALA B 29 8.42 13.42 -20.65
N THR B 30 9.49 13.64 -21.43
CA THR B 30 9.72 14.96 -21.98
C THR B 30 8.63 15.28 -23.00
N GLU B 31 8.51 16.56 -23.34
CA GLU B 31 7.46 17.00 -24.32
C GLU B 31 7.70 16.28 -25.64
N ASN B 32 8.95 16.25 -26.09
CA ASN B 32 9.29 15.56 -27.36
C ASN B 32 8.86 14.10 -27.27
N ALA B 33 9.15 13.42 -26.16
CA ALA B 33 8.81 11.99 -26.03
C ALA B 33 7.31 11.79 -26.14
N ALA B 34 6.55 12.63 -25.44
CA ALA B 34 5.08 12.52 -25.49
C ALA B 34 4.64 12.69 -26.94
N ASN B 35 5.16 13.71 -27.61
CA ASN B 35 4.74 13.99 -29.00
C ASN B 35 5.03 12.76 -29.86
N THR B 36 6.23 12.19 -29.73
CA THR B 36 6.62 11.01 -30.53
C THR B 36 5.58 9.92 -30.31
N VAL B 37 5.30 9.59 -29.04
CA VAL B 37 4.37 8.46 -28.78
C VAL B 37 3.03 8.78 -29.43
N ALA B 38 2.51 9.97 -29.19
CA ALA B 38 1.17 10.27 -29.71
C ALA B 38 1.16 10.13 -31.23
N HIS B 39 2.13 10.72 -31.91
CA HIS B 39 2.14 10.73 -33.38
C HIS B 39 2.21 9.29 -33.88
N ALA B 40 3.08 8.48 -33.32
CA ALA B 40 3.25 7.11 -33.85
C ALA B 40 1.97 6.29 -33.67
N ARG B 41 1.30 6.47 -32.54
CA ARG B 41 0.08 5.69 -32.27
C ARG B 41 -0.98 6.13 -33.27
N LYS B 42 -1.07 7.43 -33.50
CA LYS B 42 -2.12 7.96 -34.41
C LYS B 42 -1.83 7.44 -35.81
N ALA B 43 -0.55 7.35 -36.17
CA ALA B 43 -0.17 6.92 -37.53
C ALA B 43 -0.46 5.43 -37.70
N ILE B 44 -0.22 4.65 -36.66
CA ILE B 44 -0.51 3.19 -36.74
C ILE B 44 -2.02 3.01 -36.78
N HIS B 45 -2.78 3.83 -36.07
CA HIS B 45 -4.25 3.75 -36.14
C HIS B 45 -4.68 4.07 -37.57
N LYS B 46 -4.07 5.10 -38.17
CA LYS B 46 -4.38 5.47 -39.57
C LYS B 46 -4.07 4.28 -40.50
N ILE B 47 -2.99 3.55 -40.24
CA ILE B 47 -2.60 2.39 -41.10
C ILE B 47 -3.57 1.23 -40.86
N LEU B 48 -4.00 1.03 -39.61
CA LEU B 48 -4.87 -0.13 -39.29
C LEU B 48 -6.31 0.16 -39.72
N LYS B 49 -6.62 1.41 -40.00
CA LYS B 49 -7.98 1.78 -40.48
C LYS B 49 -7.96 1.93 -42.00
N GLY B 50 -6.81 1.68 -42.63
CA GLY B 50 -6.72 1.74 -44.10
C GLY B 50 -6.54 3.14 -44.66
N ASN B 51 -6.68 4.18 -43.83
CA ASN B 51 -6.62 5.57 -44.33
C ASN B 51 -5.19 5.92 -44.77
N ASP B 52 -4.22 5.09 -44.41
CA ASP B 52 -2.80 5.38 -44.74
C ASP B 52 -2.23 4.18 -45.44
N ASP B 53 -1.48 4.38 -46.53
CA ASP B 53 -0.98 3.25 -47.36
C ASP B 53 0.44 2.81 -47.00
N ARG B 54 1.09 3.49 -46.07
CA ARG B 54 2.51 3.16 -45.73
C ARG B 54 2.57 1.83 -44.97
N LEU B 55 3.77 1.38 -44.61
CA LEU B 55 3.92 0.10 -43.90
C LEU B 55 4.51 0.32 -42.51
N LEU B 56 3.96 -0.34 -41.49
CA LEU B 56 4.55 -0.28 -40.14
C LEU B 56 5.72 -1.25 -40.09
N VAL B 57 6.90 -0.74 -39.75
CA VAL B 57 8.09 -1.62 -39.61
C VAL B 57 8.54 -1.59 -38.14
N VAL B 58 8.47 -2.72 -37.49
CA VAL B 58 8.92 -2.84 -36.08
C VAL B 58 10.26 -3.55 -36.18
N ILE B 59 11.33 -2.80 -35.97
CA ILE B 59 12.68 -3.37 -36.21
C ILE B 59 13.63 -3.04 -35.06
N GLY B 60 14.48 -3.99 -34.72
CA GLY B 60 15.45 -3.76 -33.65
C GLY B 60 15.89 -5.06 -33.03
N PRO B 61 16.70 -5.01 -31.95
CA PRO B 61 17.23 -6.21 -31.35
C PRO B 61 16.17 -7.16 -30.78
N CYS B 62 16.47 -8.45 -30.71
CA CYS B 62 15.55 -9.43 -30.10
C CYS B 62 15.35 -9.02 -28.63
N SER B 63 16.39 -8.50 -28.01
CA SER B 63 16.27 -8.02 -26.64
C SER B 63 17.30 -6.94 -26.39
N ILE B 64 16.94 -5.96 -25.57
CA ILE B 64 17.89 -4.96 -25.13
C ILE B 64 18.68 -5.52 -23.95
N HIS B 65 20.00 -5.38 -24.01
CA HIS B 65 20.84 -5.83 -22.87
C HIS B 65 21.98 -4.84 -22.63
N ASP B 66 22.06 -3.81 -23.49
CA ASP B 66 23.18 -2.86 -23.43
C ASP B 66 22.65 -1.53 -23.88
N PRO B 67 22.28 -0.63 -22.95
CA PRO B 67 21.66 0.63 -23.35
C PRO B 67 22.50 1.49 -24.31
N VAL B 68 23.83 1.34 -24.26
CA VAL B 68 24.71 2.21 -25.08
C VAL B 68 24.57 1.81 -26.55
N ALA B 69 24.71 0.53 -26.84
CA ALA B 69 24.48 0.02 -28.22
C ALA B 69 23.07 0.38 -28.68
N ALA B 70 22.08 0.29 -27.79
CA ALA B 70 20.69 0.59 -28.16
C ALA B 70 20.61 2.05 -28.58
N LYS B 71 21.35 2.90 -27.89
CA LYS B 71 21.36 4.35 -28.22
C LYS B 71 22.00 4.52 -29.61
N GLU B 72 23.01 3.72 -29.89
CA GLU B 72 23.67 3.79 -31.22
C GLU B 72 22.69 3.27 -32.27
N TYR B 73 22.16 2.06 -32.08
CA TYR B 73 21.16 1.55 -33.02
C TYR B 73 20.06 2.57 -33.28
N ALA B 74 19.54 3.19 -32.21
CA ALA B 74 18.44 4.14 -32.36
C ALA B 74 18.83 5.34 -33.21
N THR B 75 20.07 5.83 -33.06
CA THR B 75 20.51 6.94 -33.90
C THR B 75 20.51 6.56 -35.38
N ARG B 76 20.97 5.35 -35.69
CA ARG B 76 20.99 4.93 -37.09
C ARG B 76 19.57 4.71 -37.62
N LEU B 77 18.74 4.01 -36.83
CA LEU B 77 17.36 3.76 -37.26
C LEU B 77 16.58 5.05 -37.41
N LEU B 78 16.84 6.03 -36.55
CA LEU B 78 16.09 7.28 -36.62
C LEU B 78 16.34 7.99 -37.95
N ALA B 79 17.56 7.90 -38.47
CA ALA B 79 17.86 8.50 -39.77
C ALA B 79 17.02 7.87 -40.87
N LEU B 80 16.93 6.55 -40.86
CA LEU B 80 16.19 5.82 -41.92
C LEU B 80 14.69 6.09 -41.77
N ARG B 81 14.22 6.34 -40.54
CA ARG B 81 12.79 6.64 -40.33
C ARG B 81 12.46 7.99 -40.99
N GLU B 82 13.39 8.94 -40.91
CA GLU B 82 13.12 10.28 -41.47
C GLU B 82 13.25 10.21 -43.00
N GLU B 83 14.11 9.33 -43.49
CA GLU B 83 14.36 9.23 -44.95
C GLU B 83 13.26 8.40 -45.62
N LEU B 84 12.90 7.26 -45.03
CA LEU B 84 11.91 6.35 -45.67
C LEU B 84 10.50 6.63 -45.14
N LYS B 85 10.26 7.83 -44.62
CA LYS B 85 8.98 8.15 -43.93
C LYS B 85 7.77 8.19 -44.88
N ASP B 86 8.01 8.24 -46.19
CA ASP B 86 6.86 8.39 -47.12
C ASP B 86 6.26 7.01 -47.34
N GLU B 87 7.06 5.98 -47.06
CA GLU B 87 6.61 4.60 -47.34
C GLU B 87 6.67 3.75 -46.07
N LEU B 88 7.49 4.12 -45.09
CA LEU B 88 7.67 3.25 -43.90
C LEU B 88 7.45 4.00 -42.58
N GLU B 89 6.64 3.47 -41.66
CA GLU B 89 6.51 4.03 -40.29
C GLU B 89 7.44 3.17 -39.43
N ILE B 90 8.66 3.63 -39.20
CA ILE B 90 9.66 2.77 -38.51
C ILE B 90 9.52 2.90 -36.99
N VAL B 91 9.40 1.75 -36.31
CA VAL B 91 9.31 1.74 -34.84
C VAL B 91 10.39 0.78 -34.34
N MET B 92 11.17 1.23 -33.37
CA MET B 92 12.30 0.41 -32.88
C MET B 92 11.86 -0.61 -31.84
N ARG B 93 12.32 -1.84 -32.01
CA ARG B 93 12.11 -2.88 -31.01
C ARG B 93 12.94 -2.58 -29.77
N VAL B 94 12.27 -2.33 -28.65
CA VAL B 94 12.97 -2.13 -27.39
C VAL B 94 12.42 -3.15 -26.40
N TYR B 95 12.84 -4.39 -26.58
CA TYR B 95 12.31 -5.50 -25.74
C TYR B 95 13.09 -5.65 -24.43
N PHE B 96 12.40 -5.43 -23.32
CA PHE B 96 13.01 -5.55 -21.98
C PHE B 96 12.58 -6.87 -21.34
N GLU B 97 11.62 -7.56 -21.97
CA GLU B 97 11.08 -8.82 -21.40
C GLU B 97 11.08 -9.94 -22.44
N LYS B 98 11.61 -11.10 -22.07
CA LYS B 98 11.75 -12.21 -23.02
C LYS B 98 11.11 -13.48 -22.46
N PRO B 99 10.12 -14.07 -23.16
CA PRO B 99 9.58 -15.35 -22.74
C PRO B 99 10.53 -16.48 -23.12
N ARG B 100 10.80 -17.38 -22.19
CA ARG B 100 11.69 -18.50 -22.47
C ARG B 100 10.87 -19.76 -22.70
N THR B 101 11.38 -20.63 -23.58
CA THR B 101 10.70 -21.90 -23.84
C THR B 101 10.62 -22.74 -22.58
N THR B 102 11.69 -22.73 -21.79
CA THR B 102 11.68 -23.31 -20.45
C THR B 102 12.26 -22.30 -19.46
N VAL B 103 13.59 -22.14 -19.45
CA VAL B 103 14.27 -21.21 -18.56
C VAL B 103 15.31 -20.43 -19.35
N GLY B 104 15.80 -19.36 -18.74
CA GLY B 104 16.83 -18.54 -19.36
C GLY B 104 16.75 -17.11 -18.85
N TRP B 105 17.67 -16.29 -19.35
CA TRP B 105 17.67 -14.86 -19.06
C TRP B 105 16.37 -14.24 -19.57
N LYS B 106 15.60 -13.62 -18.66
CA LYS B 106 14.27 -13.12 -18.98
C LYS B 106 14.25 -11.69 -19.46
N GLY B 107 15.39 -11.00 -19.49
CA GLY B 107 15.45 -9.68 -20.06
C GLY B 107 16.10 -8.67 -19.12
N LEU B 108 16.19 -7.43 -19.63
CA LEU B 108 16.94 -6.39 -18.92
C LEU B 108 16.27 -6.03 -17.59
N ILE B 109 14.95 -6.03 -17.54
CA ILE B 109 14.28 -5.63 -16.30
C ILE B 109 14.49 -6.69 -15.23
N ASN B 110 14.22 -7.95 -15.57
CA ASN B 110 14.33 -9.04 -14.60
C ASN B 110 15.75 -9.22 -14.10
N ASP B 111 16.75 -8.98 -14.94
CA ASP B 111 18.14 -9.27 -14.58
C ASP B 111 19.10 -8.38 -15.38
N PRO B 112 19.19 -7.07 -15.08
CA PRO B 112 19.99 -6.16 -15.90
C PRO B 112 21.49 -6.51 -15.95
N HIS B 113 21.99 -7.22 -14.93
CA HIS B 113 23.43 -7.54 -14.84
C HIS B 113 23.69 -8.93 -15.43
N MET B 114 22.65 -9.56 -15.97
CA MET B 114 22.79 -10.88 -16.66
C MET B 114 23.55 -11.88 -15.79
N ASP B 115 23.35 -11.82 -14.47
CA ASP B 115 24.13 -12.71 -13.58
C ASP B 115 23.26 -13.31 -12.47
N ASN B 116 21.94 -13.34 -12.66
CA ASN B 116 21.03 -13.95 -11.66
C ASN B 116 21.10 -13.15 -10.36
N SER B 117 21.24 -11.82 -10.48
CA SER B 117 21.23 -10.93 -9.29
C SER B 117 19.81 -10.35 -9.15
N PHE B 118 19.08 -10.26 -10.25
CA PHE B 118 17.67 -9.79 -10.23
C PHE B 118 17.58 -8.38 -9.61
N GLN B 119 18.49 -7.49 -9.97
CA GLN B 119 18.43 -6.08 -9.50
C GLN B 119 17.32 -5.44 -10.32
N ILE B 120 16.09 -5.84 -10.01
CA ILE B 120 14.95 -5.44 -10.85
C ILE B 120 14.66 -3.96 -10.70
N ASN B 121 14.90 -3.37 -9.52
CA ASN B 121 14.66 -1.94 -9.38
C ASN B 121 15.63 -1.15 -10.25
N ASP B 122 16.89 -1.59 -10.32
CA ASP B 122 17.82 -0.98 -11.28
C ASP B 122 17.40 -1.32 -12.71
N GLY B 123 16.86 -2.53 -12.91
CA GLY B 123 16.38 -2.90 -14.24
C GLY B 123 15.30 -1.95 -14.74
N LEU B 124 14.35 -1.61 -13.87
CA LEU B 124 13.29 -0.68 -14.23
C LEU B 124 13.82 0.73 -14.44
N ARG B 125 14.76 1.17 -13.57
CA ARG B 125 15.40 2.47 -13.74
C ARG B 125 16.15 2.53 -15.08
N ILE B 126 17.00 1.53 -15.34
CA ILE B 126 17.75 1.48 -16.59
C ILE B 126 16.81 1.46 -17.79
N ALA B 127 15.79 0.60 -17.74
CA ALA B 127 14.93 0.41 -18.91
C ALA B 127 14.07 1.63 -19.19
N ARG B 128 13.53 2.28 -18.16
CA ARG B 128 12.70 3.46 -18.41
C ARG B 128 13.55 4.62 -18.94
N LYS B 129 14.77 4.76 -18.44
CA LYS B 129 15.62 5.85 -18.90
C LYS B 129 16.00 5.68 -20.37
N LEU B 130 16.34 4.45 -20.77
CA LEU B 130 16.64 4.18 -22.17
C LEU B 130 15.42 4.41 -23.06
N LEU B 131 14.27 3.89 -22.63
CA LEU B 131 13.04 4.10 -23.37
C LEU B 131 12.72 5.58 -23.52
N LEU B 132 12.94 6.36 -22.45
CA LEU B 132 12.65 7.79 -22.49
C LEU B 132 13.62 8.52 -23.43
N ASP B 133 14.90 8.16 -23.39
CA ASP B 133 15.86 8.84 -24.26
C ASP B 133 15.56 8.55 -25.72
N ILE B 134 15.29 7.28 -26.04
CA ILE B 134 14.95 6.91 -27.42
C ILE B 134 13.77 7.75 -27.91
N ASN B 135 12.64 7.68 -27.20
CA ASN B 135 11.47 8.48 -27.58
C ASN B 135 11.81 9.96 -27.67
N ASP B 136 12.63 10.47 -26.75
CA ASP B 136 12.93 11.90 -26.74
C ASP B 136 13.67 12.33 -28.00
N SER B 137 14.45 11.43 -28.59
CA SER B 137 15.13 11.71 -29.85
C SER B 137 14.18 11.71 -31.04
N GLY B 138 12.97 11.18 -30.89
CA GLY B 138 11.99 11.17 -31.96
C GLY B 138 11.71 9.80 -32.53
N LEU B 139 12.32 8.75 -31.99
CA LEU B 139 12.13 7.39 -32.47
C LEU B 139 11.07 6.70 -31.64
N PRO B 140 9.96 6.25 -32.21
CA PRO B 140 8.98 5.48 -31.45
C PRO B 140 9.50 4.10 -31.10
N ALA B 141 8.87 3.48 -30.10
CA ALA B 141 9.38 2.24 -29.54
C ALA B 141 8.29 1.20 -29.39
N ALA B 142 8.70 -0.06 -29.40
CA ALA B 142 7.77 -1.17 -29.28
C ALA B 142 8.35 -2.21 -28.33
N GLY B 143 7.47 -2.95 -27.67
CA GLY B 143 7.91 -4.00 -26.77
C GLY B 143 6.88 -5.10 -26.69
N GLU B 144 7.29 -6.23 -26.13
CA GLU B 144 6.34 -7.28 -25.82
C GLU B 144 5.86 -7.09 -24.39
N PHE B 145 4.54 -7.12 -24.20
CA PHE B 145 3.95 -7.04 -22.86
C PHE B 145 3.78 -8.46 -22.36
N LEU B 146 4.73 -8.93 -21.55
CA LEU B 146 4.70 -10.28 -21.01
C LEU B 146 4.31 -10.30 -19.54
N ASP B 147 4.97 -9.47 -18.73
CA ASP B 147 4.71 -9.35 -17.31
C ASP B 147 3.42 -8.57 -17.07
N MET B 148 2.69 -8.93 -16.02
CA MET B 148 1.46 -8.21 -15.67
C MET B 148 1.72 -6.95 -14.85
N ILE B 149 2.89 -6.80 -14.25
CA ILE B 149 3.13 -5.68 -13.35
C ILE B 149 4.04 -4.62 -13.97
N THR B 150 5.01 -5.02 -14.78
CA THR B 150 5.87 -4.03 -15.43
C THR B 150 5.17 -3.03 -16.36
N PRO B 151 4.02 -3.31 -17.00
CA PRO B 151 3.50 -2.32 -17.97
C PRO B 151 3.30 -0.92 -17.41
N GLN B 152 2.90 -0.79 -16.15
CA GLN B 152 2.68 0.54 -15.59
C GLN B 152 3.94 1.38 -15.60
N TYR B 153 5.12 0.77 -15.48
CA TYR B 153 6.37 1.52 -15.50
C TYR B 153 6.79 1.99 -16.90
N LEU B 154 6.23 1.42 -17.97
CA LEU B 154 6.78 1.65 -19.30
C LEU B 154 5.75 2.06 -20.34
N ALA B 155 4.49 1.66 -20.15
CA ALA B 155 3.53 1.67 -21.25
C ALA B 155 3.34 3.05 -21.86
N ASP B 156 3.38 4.10 -21.03
CA ASP B 156 3.24 5.47 -21.50
C ASP B 156 4.30 5.86 -22.51
N LEU B 157 5.40 5.11 -22.59
CA LEU B 157 6.43 5.34 -23.61
C LEU B 157 6.40 4.30 -24.73
N MET B 158 5.33 3.54 -24.88
CA MET B 158 5.23 2.50 -25.90
C MET B 158 4.25 2.96 -27.00
N SER B 159 4.73 2.92 -28.26
CA SER B 159 3.89 3.26 -29.40
C SER B 159 3.19 2.06 -30.01
N TRP B 160 3.60 0.85 -29.65
CA TRP B 160 3.02 -0.37 -30.19
C TRP B 160 3.50 -1.53 -29.33
N GLY B 161 2.61 -2.50 -29.09
CA GLY B 161 2.96 -3.63 -28.24
C GLY B 161 2.67 -4.95 -28.93
N ALA B 162 3.29 -6.00 -28.40
CA ALA B 162 3.08 -7.36 -28.90
C ALA B 162 2.77 -8.29 -27.75
N ILE B 163 1.88 -9.24 -28.01
CA ILE B 163 1.63 -10.35 -27.09
C ILE B 163 2.27 -11.59 -27.69
N GLY B 164 3.13 -12.25 -26.90
CA GLY B 164 3.91 -13.35 -27.41
C GLY B 164 3.09 -14.55 -27.82
N ALA B 165 3.65 -15.35 -28.73
CA ALA B 165 2.95 -16.54 -29.21
C ALA B 165 2.55 -17.47 -28.06
N ARG B 166 3.38 -17.56 -27.02
CA ARG B 166 3.05 -18.43 -25.89
C ARG B 166 2.10 -17.80 -24.89
N THR B 167 1.64 -16.56 -25.13
CA THR B 167 0.65 -15.91 -24.28
C THR B 167 -0.52 -15.32 -25.06
N THR B 168 -0.58 -15.52 -26.38
CA THR B 168 -1.73 -15.06 -27.15
C THR B 168 -3.03 -15.65 -26.60
N GLU B 169 -2.97 -16.86 -26.04
CA GLU B 169 -4.14 -17.55 -25.48
C GLU B 169 -4.45 -17.18 -24.04
N SER B 170 -3.62 -16.36 -23.42
CA SER B 170 -3.70 -16.08 -21.98
C SER B 170 -4.73 -14.99 -21.71
N GLN B 171 -5.75 -15.33 -20.91
CA GLN B 171 -6.80 -14.37 -20.52
C GLN B 171 -6.20 -13.08 -19.97
N VAL B 172 -5.33 -13.19 -18.96
CA VAL B 172 -4.81 -11.99 -18.33
C VAL B 172 -4.10 -11.10 -19.35
N HIS B 173 -3.51 -11.70 -20.39
CA HIS B 173 -2.84 -10.89 -21.42
C HIS B 173 -3.85 -10.27 -22.38
N ARG B 174 -4.90 -11.01 -22.76
CA ARG B 174 -5.96 -10.39 -23.54
C ARG B 174 -6.61 -9.24 -22.78
N GLU B 175 -6.80 -9.43 -21.47
CA GLU B 175 -7.29 -8.34 -20.63
C GLU B 175 -6.33 -7.17 -20.61
N LEU B 176 -5.04 -7.44 -20.45
CA LEU B 176 -4.06 -6.36 -20.49
C LEU B 176 -4.16 -5.56 -21.78
N ALA B 177 -4.24 -6.27 -22.91
CA ALA B 177 -4.32 -5.58 -24.20
C ALA B 177 -5.53 -4.67 -24.26
N SER B 178 -6.64 -5.08 -23.63
CA SER B 178 -7.89 -4.34 -23.76
C SER B 178 -7.82 -2.99 -23.08
N GLY B 179 -6.83 -2.78 -22.21
CA GLY B 179 -6.70 -1.54 -21.48
C GLY B 179 -5.53 -0.69 -21.91
N LEU B 180 -4.66 -1.22 -22.78
CA LEU B 180 -3.44 -0.50 -23.16
C LEU B 180 -3.75 0.64 -24.12
N SER B 181 -3.07 1.76 -23.93
CA SER B 181 -3.35 2.94 -24.73
C SER B 181 -2.79 2.84 -26.15
N CYS B 182 -1.96 1.83 -26.43
CA CYS B 182 -1.27 1.68 -27.70
C CYS B 182 -1.83 0.53 -28.54
N PRO B 183 -1.62 0.54 -29.87
CA PRO B 183 -2.00 -0.60 -30.70
C PRO B 183 -1.25 -1.84 -30.21
N VAL B 184 -1.80 -3.02 -30.44
CA VAL B 184 -1.18 -4.28 -29.94
C VAL B 184 -1.27 -5.36 -31.00
N GLY B 185 -0.18 -6.09 -31.21
CA GLY B 185 -0.21 -7.23 -32.15
C GLY B 185 -0.17 -8.54 -31.39
N PHE B 186 -0.94 -9.53 -31.85
CA PHE B 186 -0.96 -10.85 -31.19
C PHE B 186 -0.33 -11.90 -32.11
N LYS B 187 0.65 -12.60 -31.59
CA LYS B 187 1.35 -13.62 -32.39
C LYS B 187 0.47 -14.85 -32.55
N ASN B 188 0.59 -15.51 -33.70
CA ASN B 188 -0.13 -16.79 -33.88
C ASN B 188 0.56 -17.80 -32.98
N GLY B 189 -0.16 -18.84 -32.61
CA GLY B 189 0.39 -19.82 -31.67
C GLY B 189 1.65 -20.50 -32.17
N THR B 190 2.38 -21.13 -31.25
CA THR B 190 3.61 -21.84 -31.61
C THR B 190 3.35 -22.85 -32.74
N ASP B 191 2.13 -23.30 -32.96
CA ASP B 191 1.94 -24.38 -33.97
C ASP B 191 1.41 -23.81 -35.27
N GLY B 192 1.35 -22.49 -35.37
CA GLY B 192 0.82 -21.83 -36.57
C GLY B 192 -0.67 -21.59 -36.41
N THR B 193 -1.24 -22.11 -35.33
CA THR B 193 -2.69 -21.97 -35.11
C THR B 193 -3.05 -20.49 -35.19
N ILE B 194 -3.90 -20.12 -36.15
CA ILE B 194 -4.31 -18.71 -36.32
C ILE B 194 -5.50 -18.38 -35.42
N LYS B 195 -6.38 -19.35 -35.16
CA LYS B 195 -7.62 -19.10 -34.38
C LYS B 195 -7.35 -18.40 -33.05
N VAL B 196 -6.39 -18.89 -32.28
CA VAL B 196 -6.08 -18.31 -30.94
C VAL B 196 -5.90 -16.79 -31.05
N ALA B 197 -5.34 -16.31 -32.16
CA ALA B 197 -5.06 -14.86 -32.32
C ALA B 197 -6.33 -14.08 -32.64
N ILE B 198 -7.16 -14.60 -33.53
CA ILE B 198 -8.47 -13.94 -33.83
C ILE B 198 -9.26 -13.83 -32.53
N ASP B 199 -9.35 -14.90 -31.75
CA ASP B 199 -10.03 -14.88 -30.48
C ASP B 199 -9.43 -13.81 -29.56
N ALA B 200 -8.10 -13.72 -29.58
CA ALA B 200 -7.40 -12.70 -28.79
C ALA B 200 -7.76 -11.30 -29.24
N ILE B 201 -7.71 -11.04 -30.56
CA ILE B 201 -8.11 -9.74 -31.11
C ILE B 201 -9.54 -9.42 -30.70
N ASN B 202 -10.45 -10.40 -30.83
CA ASN B 202 -11.82 -10.18 -30.43
C ASN B 202 -11.92 -9.85 -28.93
N ALA B 203 -11.28 -10.67 -28.10
CA ALA B 203 -11.33 -10.45 -26.65
C ALA B 203 -10.77 -9.08 -26.29
N ALA B 204 -9.58 -8.75 -26.81
CA ALA B 204 -8.95 -7.47 -26.51
C ALA B 204 -9.78 -6.29 -27.01
N GLY B 205 -10.69 -6.50 -27.95
CA GLY B 205 -11.53 -5.38 -28.38
C GLY B 205 -12.73 -5.10 -27.49
N ALA B 206 -13.01 -5.99 -26.54
CA ALA B 206 -14.12 -5.92 -25.61
C ALA B 206 -13.67 -5.31 -24.30
N PRO B 207 -14.63 -4.75 -23.51
CA PRO B 207 -14.30 -4.28 -22.19
C PRO B 207 -14.14 -5.51 -21.29
N HIS B 208 -13.29 -5.40 -20.26
CA HIS B 208 -13.08 -6.49 -19.30
C HIS B 208 -13.02 -5.90 -17.88
N CYS B 209 -13.27 -6.73 -16.88
CA CYS B 209 -13.17 -6.28 -15.46
C CYS B 209 -12.29 -7.33 -14.79
N PHE B 210 -11.19 -6.92 -14.20
CA PHE B 210 -10.24 -7.90 -13.66
C PHE B 210 -9.32 -7.28 -12.61
N LEU B 211 -8.52 -8.13 -11.98
CA LEU B 211 -7.59 -7.65 -10.94
C LEU B 211 -6.26 -7.26 -11.59
N SER B 212 -5.68 -6.17 -11.14
CA SER B 212 -4.44 -5.64 -11.71
C SER B 212 -3.80 -4.77 -10.66
N VAL B 213 -2.65 -4.19 -10.98
CA VAL B 213 -1.88 -3.37 -10.04
C VAL B 213 -1.84 -1.94 -10.56
N THR B 214 -1.98 -0.99 -9.64
CA THR B 214 -2.12 0.42 -9.99
C THR B 214 -0.73 1.07 -10.09
N LYS B 215 -0.73 2.34 -10.49
CA LYS B 215 0.51 3.10 -10.50
C LYS B 215 1.10 3.27 -9.11
N TRP B 216 0.32 3.01 -8.06
CA TRP B 216 0.87 3.10 -6.71
C TRP B 216 1.40 1.78 -6.20
N GLY B 217 1.39 0.75 -7.04
CA GLY B 217 1.91 -0.54 -6.61
C GLY B 217 0.95 -1.35 -5.79
N HIS B 218 -0.34 -1.02 -5.84
CA HIS B 218 -1.38 -1.68 -5.05
C HIS B 218 -2.32 -2.44 -5.97
N SER B 219 -2.80 -3.59 -5.51
CA SER B 219 -3.76 -4.36 -6.28
C SER B 219 -5.13 -3.68 -6.24
N ALA B 220 -5.90 -3.87 -7.30
CA ALA B 220 -7.19 -3.22 -7.44
C ALA B 220 -8.00 -3.92 -8.52
N ILE B 221 -9.27 -3.53 -8.59
CA ILE B 221 -10.19 -3.97 -9.64
C ILE B 221 -10.13 -2.94 -10.75
N VAL B 222 -9.96 -3.38 -11.98
CA VAL B 222 -9.79 -2.49 -13.12
C VAL B 222 -10.84 -2.81 -14.18
N ASN B 223 -11.43 -1.76 -14.77
CA ASN B 223 -12.37 -1.91 -15.87
C ASN B 223 -11.75 -1.31 -17.12
N THR B 224 -11.76 -2.07 -18.21
CA THR B 224 -11.15 -1.62 -19.49
C THR B 224 -12.23 -1.30 -20.52
N SER B 225 -11.90 -0.46 -21.50
CA SER B 225 -12.88 -0.02 -22.52
C SER B 225 -12.86 -0.98 -23.71
N GLY B 226 -11.71 -1.60 -23.96
CA GLY B 226 -11.56 -2.42 -25.17
C GLY B 226 -10.62 -1.75 -26.14
N ASN B 227 -9.81 -2.53 -26.83
CA ASN B 227 -8.80 -1.97 -27.77
C ASN B 227 -9.08 -2.48 -29.19
N GLY B 228 -9.58 -1.61 -30.06
CA GLY B 228 -9.86 -1.97 -31.46
C GLY B 228 -8.65 -1.79 -32.37
N ASP B 229 -7.55 -1.24 -31.85
CA ASP B 229 -6.31 -1.08 -32.65
C ASP B 229 -5.46 -2.34 -32.50
N CYS B 230 -6.08 -3.50 -32.73
CA CYS B 230 -5.36 -4.79 -32.58
C CYS B 230 -5.33 -5.53 -33.92
N HIS B 231 -4.28 -6.32 -34.13
CA HIS B 231 -4.06 -7.06 -35.41
C HIS B 231 -3.25 -8.32 -35.15
N ILE B 232 -3.16 -9.21 -36.15
CA ILE B 232 -2.43 -10.49 -36.00
C ILE B 232 -0.97 -10.33 -36.44
N ILE B 233 -0.10 -11.19 -35.94
CA ILE B 233 1.33 -11.21 -36.35
C ILE B 233 1.64 -12.66 -36.74
N LEU B 234 1.94 -12.91 -38.02
CA LEU B 234 2.31 -14.27 -38.48
C LEU B 234 3.79 -14.51 -38.18
N ARG B 235 4.10 -15.56 -37.43
CA ARG B 235 5.48 -15.78 -36.97
C ARG B 235 5.85 -17.23 -37.24
N GLY B 236 4.99 -17.93 -37.96
CA GLY B 236 5.29 -19.31 -38.37
C GLY B 236 4.91 -20.36 -37.35
N GLY B 237 5.02 -21.63 -37.73
CA GLY B 237 4.76 -22.75 -36.82
C GLY B 237 5.81 -23.83 -37.04
N LYS B 238 5.39 -25.05 -37.37
CA LYS B 238 6.38 -26.11 -37.72
C LYS B 238 7.04 -25.65 -39.01
N GLU B 239 6.29 -24.91 -39.84
CA GLU B 239 6.84 -24.36 -41.08
C GLU B 239 6.41 -22.91 -41.18
N PRO B 240 7.06 -22.09 -42.03
CA PRO B 240 6.69 -20.69 -42.20
C PRO B 240 5.27 -20.42 -42.72
N ASN B 241 4.79 -19.18 -42.60
CA ASN B 241 3.42 -18.83 -43.05
C ASN B 241 3.40 -17.37 -43.51
N TYR B 242 4.46 -16.93 -44.21
CA TYR B 242 4.57 -15.54 -44.71
C TYR B 242 4.14 -15.43 -46.17
N SER B 243 3.77 -16.54 -46.80
CA SER B 243 3.46 -16.58 -48.26
C SER B 243 2.06 -16.10 -48.57
N ALA B 244 1.86 -15.56 -49.77
CA ALA B 244 0.53 -15.03 -50.18
C ALA B 244 -0.56 -16.05 -49.82
N LYS B 245 -0.30 -17.32 -50.14
CA LYS B 245 -1.30 -18.39 -49.88
C LYS B 245 -1.67 -18.33 -48.41
N HIS B 246 -0.67 -18.50 -47.57
CA HIS B 246 -0.90 -18.39 -46.11
C HIS B 246 -1.60 -17.07 -45.81
N VAL B 247 -1.15 -15.98 -46.43
CA VAL B 247 -1.72 -14.65 -46.12
C VAL B 247 -3.21 -14.71 -46.46
N ALA B 248 -3.53 -15.36 -47.58
CA ALA B 248 -4.94 -15.45 -48.05
C ALA B 248 -5.74 -16.27 -47.05
N GLU B 249 -5.23 -17.43 -46.68
CA GLU B 249 -5.91 -18.23 -45.64
C GLU B 249 -6.23 -17.33 -44.44
N VAL B 250 -5.21 -16.67 -43.88
CA VAL B 250 -5.40 -15.78 -42.69
C VAL B 250 -6.44 -14.71 -43.00
N LYS B 251 -6.33 -14.07 -44.15
CA LYS B 251 -7.26 -12.97 -44.51
C LYS B 251 -8.69 -13.51 -44.56
N GLU B 252 -8.85 -14.78 -44.92
CA GLU B 252 -10.20 -15.40 -44.99
C GLU B 252 -10.71 -15.61 -43.55
N GLY B 253 -9.88 -16.17 -42.69
CA GLY B 253 -10.27 -16.32 -41.27
C GLY B 253 -10.63 -14.99 -40.66
N LEU B 254 -9.97 -13.90 -41.06
CA LEU B 254 -10.21 -12.58 -40.45
C LEU B 254 -11.57 -12.07 -40.90
N ASN B 255 -11.87 -12.23 -42.18
CA ASN B 255 -13.16 -11.74 -42.73
C ASN B 255 -14.29 -12.56 -42.09
N LYS B 256 -14.08 -13.86 -41.95
CA LYS B 256 -15.08 -14.74 -41.30
C LYS B 256 -15.36 -14.23 -39.88
N ALA B 257 -14.33 -13.72 -39.19
CA ALA B 257 -14.54 -13.33 -37.76
C ALA B 257 -15.05 -11.89 -37.58
N GLY B 258 -15.41 -11.21 -38.67
CA GLY B 258 -15.84 -9.82 -38.58
C GLY B 258 -14.74 -8.83 -38.32
N LEU B 259 -13.50 -9.32 -38.47
CA LEU B 259 -12.29 -8.49 -38.23
C LEU B 259 -11.64 -8.06 -39.54
N PRO B 260 -10.89 -6.95 -39.55
CA PRO B 260 -10.26 -6.45 -40.76
C PRO B 260 -9.22 -7.43 -41.30
N ALA B 261 -9.16 -7.59 -42.62
CA ALA B 261 -8.22 -8.58 -43.21
C ALA B 261 -6.84 -7.94 -43.30
N GLN B 262 -6.24 -7.66 -42.15
CA GLN B 262 -4.93 -6.98 -42.13
C GLN B 262 -3.95 -7.90 -41.43
N VAL B 263 -2.73 -7.93 -41.92
CA VAL B 263 -1.73 -8.85 -41.32
C VAL B 263 -0.41 -8.11 -41.10
N MET B 264 0.35 -8.54 -40.10
CA MET B 264 1.72 -8.03 -39.92
C MET B 264 2.56 -9.27 -40.04
N ILE B 265 3.65 -9.19 -40.79
CA ILE B 265 4.45 -10.42 -41.02
C ILE B 265 5.77 -10.32 -40.28
N ASP B 266 6.04 -11.30 -39.42
CA ASP B 266 7.32 -11.37 -38.69
C ASP B 266 8.35 -12.15 -39.52
N PHE B 267 9.44 -11.51 -39.91
CA PHE B 267 10.43 -12.17 -40.81
C PHE B 267 11.28 -13.17 -40.03
N SER B 268 11.22 -13.16 -38.70
CA SER B 268 12.13 -14.03 -37.90
C SER B 268 11.41 -15.21 -37.25
N HIS B 269 12.03 -15.85 -36.25
CA HIS B 269 11.41 -16.97 -35.49
C HIS B 269 11.03 -18.12 -36.42
N ALA B 270 9.79 -18.64 -36.36
CA ALA B 270 9.42 -19.77 -37.20
C ALA B 270 9.33 -19.39 -38.67
N ASN B 271 9.09 -18.12 -38.98
CA ASN B 271 8.98 -17.72 -40.37
C ASN B 271 10.32 -17.71 -41.08
N SER B 272 11.42 -17.79 -40.32
CA SER B 272 12.81 -17.83 -40.87
C SER B 272 13.56 -19.10 -40.42
N SER B 273 12.88 -20.01 -39.74
CA SER B 273 13.51 -21.29 -39.29
C SER B 273 14.66 -21.01 -38.31
N LYS B 274 14.63 -19.90 -37.58
CA LYS B 274 15.66 -19.59 -36.56
C LYS B 274 17.02 -19.32 -37.23
N GLN B 275 17.03 -19.14 -38.56
CA GLN B 275 18.28 -18.77 -39.29
C GLN B 275 18.16 -17.29 -39.62
N PHE B 276 19.01 -16.45 -39.05
CA PHE B 276 18.85 -14.99 -39.20
C PHE B 276 18.89 -14.57 -40.67
N LYS B 277 19.81 -15.11 -41.46
CA LYS B 277 19.96 -14.63 -42.86
C LYS B 277 18.68 -14.89 -43.64
N LYS B 278 17.87 -15.86 -43.21
CA LYS B 278 16.62 -16.23 -43.93
C LYS B 278 15.59 -15.10 -43.87
N GLN B 279 15.81 -14.16 -42.96
CA GLN B 279 14.90 -13.00 -42.89
C GLN B 279 14.97 -12.24 -44.22
N MET B 280 16.13 -12.21 -44.87
CA MET B 280 16.29 -11.44 -46.14
C MET B 280 15.41 -12.07 -47.23
N ASP B 281 15.34 -13.39 -47.26
CA ASP B 281 14.47 -14.12 -48.23
C ASP B 281 12.99 -13.93 -47.88
N VAL B 282 12.68 -13.95 -46.57
CA VAL B 282 11.25 -13.67 -46.23
C VAL B 282 10.95 -12.25 -46.74
N CYS B 283 11.93 -11.36 -46.65
CA CYS B 283 11.74 -9.94 -47.06
C CYS B 283 11.47 -9.95 -48.56
N ALA B 284 12.28 -10.66 -49.33
CA ALA B 284 12.03 -10.81 -50.78
C ALA B 284 10.55 -11.18 -51.01
N ASP B 285 10.13 -12.30 -50.41
CA ASP B 285 8.74 -12.77 -50.64
C ASP B 285 7.70 -11.69 -50.28
N VAL B 286 7.82 -11.07 -49.10
CA VAL B 286 6.78 -10.09 -48.66
C VAL B 286 6.79 -8.87 -49.58
N CYS B 287 7.98 -8.46 -50.00
CA CYS B 287 8.13 -7.26 -50.88
C CYS B 287 7.44 -7.52 -52.22
N GLN B 288 7.52 -8.76 -52.71
CA GLN B 288 6.82 -9.14 -53.97
C GLN B 288 5.31 -9.06 -53.75
N GLN B 289 4.84 -9.53 -52.58
CA GLN B 289 3.40 -9.46 -52.26
C GLN B 289 2.97 -7.99 -52.27
N ILE B 290 3.76 -7.12 -51.65
CA ILE B 290 3.38 -5.68 -51.57
C ILE B 290 3.37 -5.13 -53.00
N ALA B 291 4.45 -5.32 -53.74
CA ALA B 291 4.52 -4.76 -55.12
C ALA B 291 3.42 -5.34 -56.01
N GLY B 292 2.98 -6.56 -55.71
CA GLY B 292 1.88 -7.19 -56.48
C GLY B 292 0.55 -6.55 -56.17
N GLY B 293 0.44 -5.88 -55.02
CA GLY B 293 -0.80 -5.19 -54.65
C GLY B 293 -1.37 -5.61 -53.30
N GLU B 294 -0.62 -6.36 -52.49
CA GLU B 294 -1.23 -6.85 -51.22
C GLU B 294 -1.37 -5.68 -50.25
N LYS B 295 -2.60 -5.21 -50.04
CA LYS B 295 -2.85 -4.10 -49.09
C LYS B 295 -3.10 -4.69 -47.70
N ALA B 296 -3.14 -6.02 -47.59
CA ALA B 296 -3.40 -6.68 -46.30
C ALA B 296 -2.17 -6.64 -45.40
N ILE B 297 -0.97 -6.64 -45.99
CA ILE B 297 0.28 -6.51 -45.18
C ILE B 297 0.42 -5.05 -44.74
N ILE B 298 0.01 -4.73 -43.51
CA ILE B 298 0.04 -3.33 -42.99
C ILE B 298 1.34 -3.10 -42.22
N GLY B 299 2.05 -4.17 -41.92
CA GLY B 299 3.25 -4.06 -41.12
C GLY B 299 4.15 -5.28 -41.27
N VAL B 300 5.38 -5.13 -40.80
CA VAL B 300 6.36 -6.21 -40.73
C VAL B 300 7.18 -6.06 -39.45
N MET B 301 7.81 -7.16 -39.03
CA MET B 301 8.65 -7.14 -37.82
C MET B 301 9.98 -7.82 -38.14
N VAL B 302 11.10 -7.21 -37.74
CA VAL B 302 12.43 -7.74 -38.11
C VAL B 302 13.36 -7.69 -36.90
N GLU B 303 14.12 -8.76 -36.69
CA GLU B 303 15.11 -8.79 -35.60
C GLU B 303 16.46 -8.28 -36.15
N SER B 304 16.81 -7.02 -35.88
CA SER B 304 18.06 -6.40 -36.38
C SER B 304 18.96 -5.92 -35.24
N HIS B 305 20.27 -5.96 -35.44
CA HIS B 305 21.21 -5.41 -34.44
C HIS B 305 22.42 -4.81 -35.18
N LEU B 306 23.28 -4.12 -34.45
CA LEU B 306 24.48 -3.51 -35.06
C LEU B 306 25.35 -4.61 -35.69
N VAL B 307 25.41 -5.80 -35.09
CA VAL B 307 26.27 -6.86 -35.61
C VAL B 307 25.44 -8.13 -35.67
N GLU B 308 25.41 -8.77 -36.85
CA GLU B 308 24.54 -9.92 -37.07
C GLU B 308 24.94 -11.11 -36.19
N GLY B 309 24.04 -12.10 -36.14
CA GLY B 309 24.25 -13.28 -35.32
C GLY B 309 23.85 -13.08 -33.88
N ASN B 310 24.21 -14.07 -33.06
CA ASN B 310 23.96 -13.97 -31.62
C ASN B 310 25.10 -14.61 -30.86
N GLN B 311 25.17 -14.29 -29.57
CA GLN B 311 26.18 -14.81 -28.67
C GLN B 311 25.52 -15.31 -27.40
N SER B 312 26.25 -16.15 -26.66
CA SER B 312 25.73 -16.76 -25.46
C SER B 312 26.34 -16.11 -24.22
N LEU B 313 25.68 -16.31 -23.10
CA LEU B 313 26.12 -15.76 -21.83
C LEU B 313 26.98 -16.78 -21.09
N GLU B 317 33.45 -13.97 -19.76
CA GLU B 317 32.15 -13.35 -19.40
C GLU B 317 31.93 -12.05 -20.19
N PRO B 318 32.93 -11.18 -20.44
CA PRO B 318 32.66 -9.93 -21.15
C PRO B 318 32.02 -10.28 -22.50
N LEU B 319 31.13 -9.43 -23.01
CA LEU B 319 30.38 -9.79 -24.24
C LEU B 319 30.81 -8.94 -25.43
N ALA B 320 30.60 -9.46 -26.64
CA ALA B 320 30.96 -8.73 -27.86
C ALA B 320 30.00 -7.56 -28.05
N TYR B 321 30.47 -6.52 -28.70
CA TYR B 321 29.61 -5.32 -28.84
C TYR B 321 28.60 -5.54 -29.97
N GLY B 322 27.35 -5.10 -29.75
CA GLY B 322 26.30 -5.15 -30.79
C GLY B 322 25.82 -6.53 -31.20
N LYS B 323 26.16 -7.57 -30.45
CA LYS B 323 25.59 -8.90 -30.80
C LYS B 323 24.49 -9.30 -29.80
N SER B 324 23.34 -9.74 -30.32
CA SER B 324 22.26 -10.21 -29.45
C SER B 324 22.75 -11.33 -28.53
N ILE B 325 22.21 -11.35 -27.31
CA ILE B 325 22.40 -12.50 -26.42
C ILE B 325 21.18 -13.41 -26.40
N THR B 326 20.18 -13.13 -27.23
CA THR B 326 18.98 -13.99 -27.35
C THR B 326 18.94 -14.49 -28.79
N ASP B 327 17.94 -14.07 -29.55
CA ASP B 327 17.80 -14.60 -30.93
C ASP B 327 18.84 -13.95 -31.84
N ALA B 328 19.26 -14.65 -32.88
CA ALA B 328 20.23 -14.10 -33.86
C ALA B 328 19.55 -13.02 -34.70
N CYS B 329 20.24 -11.91 -34.95
CA CYS B 329 19.64 -10.79 -35.72
C CYS B 329 20.44 -10.48 -36.99
N ILE B 330 19.81 -9.80 -37.94
CA ILE B 330 20.55 -9.33 -39.14
C ILE B 330 21.36 -8.09 -38.72
N GLY B 331 22.50 -7.83 -39.38
CA GLY B 331 23.35 -6.67 -39.03
C GLY B 331 22.87 -5.40 -39.65
N TRP B 332 23.50 -4.27 -39.34
CA TRP B 332 22.98 -2.96 -39.81
C TRP B 332 22.98 -2.82 -41.35
N GLU B 333 23.98 -3.37 -42.03
CA GLU B 333 24.06 -3.22 -43.50
C GLU B 333 22.85 -3.93 -44.08
N ASP B 334 22.64 -5.16 -43.62
CA ASP B 334 21.47 -5.93 -44.10
C ASP B 334 20.22 -5.13 -43.73
N THR B 335 20.22 -4.50 -42.56
CA THR B 335 19.04 -3.74 -42.10
C THR B 335 18.79 -2.58 -43.06
N ASP B 336 19.82 -1.80 -43.38
CA ASP B 336 19.63 -0.62 -44.26
C ASP B 336 19.06 -1.12 -45.57
N ALA B 337 19.58 -2.23 -46.06
CA ALA B 337 19.13 -2.79 -47.36
C ALA B 337 17.70 -3.31 -47.23
N LEU B 338 17.43 -4.16 -46.24
CA LEU B 338 16.07 -4.71 -46.01
C LEU B 338 15.07 -3.57 -46.01
N LEU B 339 15.42 -2.48 -45.34
CA LEU B 339 14.45 -1.37 -45.20
C LEU B 339 14.14 -0.75 -46.57
N ARG B 340 15.18 -0.47 -47.35
CA ARG B 340 14.99 0.19 -48.66
C ARG B 340 14.16 -0.74 -49.55
N GLN B 341 14.42 -2.05 -49.49
CA GLN B 341 13.61 -3.03 -50.26
C GLN B 341 12.13 -2.83 -49.89
N LEU B 342 11.80 -2.79 -48.59
CA LEU B 342 10.39 -2.69 -48.15
C LEU B 342 9.79 -1.39 -48.68
N ALA B 343 10.53 -0.30 -48.52
CA ALA B 343 10.00 1.01 -48.95
C ALA B 343 9.90 1.04 -50.48
N ASN B 344 10.74 0.28 -51.18
CA ASN B 344 10.62 0.22 -52.66
C ASN B 344 9.32 -0.50 -53.01
N ALA B 345 9.04 -1.60 -52.32
CA ALA B 345 7.80 -2.36 -52.57
C ALA B 345 6.59 -1.50 -52.26
N VAL B 346 6.69 -0.61 -51.28
CA VAL B 346 5.51 0.21 -50.89
C VAL B 346 5.23 1.21 -52.00
N LYS B 347 6.27 1.83 -52.55
CA LYS B 347 6.11 2.81 -53.65
C LYS B 347 5.52 2.09 -54.88
N ALA B 348 5.91 0.84 -55.08
CA ALA B 348 5.35 0.04 -56.19
C ALA B 348 3.86 -0.19 -55.98
N ARG B 349 3.46 -0.67 -54.80
CA ARG B 349 2.04 -0.95 -54.51
C ARG B 349 1.23 0.33 -54.65
N ARG B 350 1.83 1.47 -54.35
CA ARG B 350 1.13 2.78 -54.41
C ARG B 350 1.01 3.25 -55.85
N ASP C 8 18.13 6.63 8.18
CA ASP C 8 17.36 6.44 9.43
C ASP C 8 18.23 5.73 10.48
N LEU C 9 19.11 6.46 11.14
CA LEU C 9 20.01 5.90 12.17
C LEU C 9 19.29 5.64 13.49
N ARG C 10 18.20 6.36 13.76
CA ARG C 10 17.48 6.21 15.05
C ARG C 10 16.23 5.32 14.90
N ILE C 11 15.99 4.78 13.70
CA ILE C 11 14.89 3.82 13.48
C ILE C 11 15.50 2.42 13.56
N LYS C 12 15.27 1.70 14.65
CA LYS C 12 15.90 0.38 14.86
C LYS C 12 15.22 -0.73 14.06
N GLU C 13 13.89 -0.73 13.98
CA GLU C 13 13.20 -1.82 13.32
C GLU C 13 11.88 -1.31 12.74
N ILE C 14 11.47 -1.84 11.59
CA ILE C 14 10.15 -1.48 10.98
C ILE C 14 9.39 -2.81 10.80
N LYS C 15 8.13 -2.87 11.21
CA LYS C 15 7.42 -4.17 11.21
C LYS C 15 6.04 -4.06 10.57
N GLU C 16 5.52 -5.18 10.08
CA GLU C 16 4.22 -5.20 9.35
C GLU C 16 3.06 -4.87 10.28
N LEU C 17 2.18 -4.01 9.79
CA LEU C 17 1.01 -3.61 10.54
C LEU C 17 -0.24 -3.96 9.74
N LEU C 18 -1.16 -4.68 10.36
CA LEU C 18 -2.44 -4.96 9.71
C LEU C 18 -3.11 -3.65 9.29
N PRO C 19 -3.67 -3.58 8.08
CA PRO C 19 -4.38 -2.37 7.68
C PRO C 19 -5.76 -2.33 8.30
N PRO C 20 -6.36 -1.13 8.46
CA PRO C 20 -7.69 -1.06 9.11
C PRO C 20 -8.74 -1.95 8.45
N VAL C 21 -8.69 -2.15 7.14
CA VAL C 21 -9.72 -2.96 6.42
C VAL C 21 -9.71 -4.39 6.95
N ALA C 22 -8.55 -4.88 7.37
CA ALA C 22 -8.42 -6.23 7.94
C ALA C 22 -9.19 -6.33 9.26
N LEU C 23 -9.05 -5.33 10.12
CA LEU C 23 -9.75 -5.37 11.40
C LEU C 23 -11.25 -5.17 11.21
N LEU C 24 -11.64 -4.30 10.29
CA LEU C 24 -13.05 -4.08 9.98
C LEU C 24 -13.68 -5.32 9.36
N GLU C 25 -12.95 -6.04 8.49
CA GLU C 25 -13.47 -7.28 7.92
C GLU C 25 -13.54 -8.39 8.96
N LYS C 26 -12.54 -8.48 9.84
CA LYS C 26 -12.58 -9.54 10.84
C LYS C 26 -13.66 -9.27 11.89
N PHE C 27 -13.82 -8.00 12.30
CA PHE C 27 -14.75 -7.63 13.38
C PHE C 27 -15.72 -6.57 12.87
N PRO C 28 -16.67 -6.92 12.00
CA PRO C 28 -17.65 -5.94 11.55
C PRO C 28 -18.62 -5.61 12.68
N ALA C 29 -19.17 -4.40 12.64
CA ALA C 29 -20.19 -4.04 13.61
C ALA C 29 -21.41 -4.93 13.39
N THR C 30 -21.97 -5.46 14.46
CA THR C 30 -23.28 -6.07 14.30
C THR C 30 -24.34 -5.00 14.11
N GLU C 31 -25.54 -5.46 13.75
CA GLU C 31 -26.68 -4.54 13.68
C GLU C 31 -26.88 -3.79 15.00
N ASN C 32 -26.81 -4.50 16.12
CA ASN C 32 -27.05 -3.82 17.39
C ASN C 32 -25.89 -2.91 17.78
N ALA C 33 -24.66 -3.34 17.50
CA ALA C 33 -23.50 -2.48 17.76
C ALA C 33 -23.61 -1.17 16.99
N ALA C 34 -23.91 -1.26 15.69
CA ALA C 34 -24.08 -0.05 14.89
C ALA C 34 -25.23 0.79 15.40
N ASN C 35 -26.28 0.16 15.90
CA ASN C 35 -27.43 0.88 16.49
C ASN C 35 -26.97 1.62 17.75
N THR C 36 -26.25 0.95 18.65
CA THR C 36 -25.72 1.60 19.87
C THR C 36 -24.96 2.88 19.52
N VAL C 37 -24.00 2.80 18.61
CA VAL C 37 -23.20 3.96 18.24
C VAL C 37 -24.07 5.06 17.67
N ALA C 38 -24.91 4.74 16.67
CA ALA C 38 -25.69 5.78 16.01
C ALA C 38 -26.64 6.48 16.99
N HIS C 39 -27.34 5.71 17.82
CA HIS C 39 -28.24 6.30 18.83
C HIS C 39 -27.47 7.17 19.83
N ALA C 40 -26.32 6.68 20.32
CA ALA C 40 -25.59 7.45 21.32
C ALA C 40 -25.08 8.77 20.76
N ARG C 41 -24.46 8.74 19.56
CA ARG C 41 -24.00 9.98 18.95
C ARG C 41 -25.13 10.97 18.81
N LYS C 42 -26.29 10.49 18.33
CA LYS C 42 -27.45 11.36 18.16
C LYS C 42 -27.92 11.93 19.49
N ALA C 43 -27.92 11.11 20.54
CA ALA C 43 -28.31 11.60 21.85
C ALA C 43 -27.38 12.69 22.35
N ILE C 44 -26.07 12.54 22.10
CA ILE C 44 -25.11 13.55 22.52
C ILE C 44 -25.25 14.80 21.68
N HIS C 45 -25.46 14.65 20.38
CA HIS C 45 -25.74 15.81 19.53
C HIS C 45 -26.92 16.59 20.07
N LYS C 46 -27.97 15.89 20.51
CA LYS C 46 -29.20 16.53 21.04
C LYS C 46 -28.90 17.34 22.31
N ILE C 47 -28.15 16.76 23.25
CA ILE C 47 -27.75 17.48 24.49
C ILE C 47 -26.94 18.71 24.10
N LEU C 48 -25.98 18.54 23.20
CA LEU C 48 -25.11 19.65 22.84
C LEU C 48 -25.90 20.80 22.22
N LYS C 49 -26.95 20.50 21.46
CA LYS C 49 -27.73 21.56 20.77
C LYS C 49 -28.74 22.20 21.73
N GLY C 50 -28.82 21.70 22.95
CA GLY C 50 -29.78 22.22 23.94
C GLY C 50 -31.18 21.66 23.81
N ASN C 51 -31.36 20.55 23.08
CA ASN C 51 -32.68 19.99 22.89
C ASN C 51 -32.98 18.84 23.83
N ASP C 52 -32.12 18.61 24.82
CA ASP C 52 -32.35 17.54 25.78
C ASP C 52 -31.65 17.91 27.07
N ASP C 53 -32.30 17.61 28.18
CA ASP C 53 -31.90 18.07 29.50
C ASP C 53 -31.18 16.98 30.31
N ARG C 54 -30.80 15.90 29.66
CA ARG C 54 -30.08 14.82 30.30
C ARG C 54 -28.59 15.15 30.37
N LEU C 55 -27.88 14.41 31.21
CA LEU C 55 -26.46 14.60 31.41
C LEU C 55 -25.68 13.49 30.68
N LEU C 56 -24.74 13.88 29.83
CA LEU C 56 -23.80 12.88 29.32
C LEU C 56 -22.84 12.48 30.42
N VAL C 57 -22.69 11.18 30.65
CA VAL C 57 -21.80 10.66 31.68
C VAL C 57 -20.81 9.70 31.03
N VAL C 58 -19.55 10.10 30.96
CA VAL C 58 -18.46 9.27 30.45
C VAL C 58 -17.73 8.70 31.66
N ILE C 59 -17.78 7.40 31.85
CA ILE C 59 -17.37 6.84 33.14
C ILE C 59 -16.79 5.45 32.93
N GLY C 60 -15.72 5.15 33.66
CA GLY C 60 -15.10 3.85 33.53
C GLY C 60 -13.61 3.96 33.71
N PRO C 61 -12.88 2.89 33.42
CA PRO C 61 -11.48 2.79 33.86
C PRO C 61 -10.59 3.87 33.26
N CYS C 62 -9.57 4.24 34.01
CA CYS C 62 -8.57 5.12 33.43
C CYS C 62 -8.01 4.50 32.16
N SER C 63 -7.71 3.19 32.19
CA SER C 63 -7.22 2.46 31.04
C SER C 63 -7.77 1.04 31.05
N ILE C 64 -8.01 0.52 29.85
CA ILE C 64 -8.34 -0.90 29.67
C ILE C 64 -7.03 -1.68 29.62
N HIS C 65 -6.90 -2.71 30.46
CA HIS C 65 -5.78 -3.64 30.33
C HIS C 65 -6.19 -5.09 30.37
N ASP C 66 -7.45 -5.40 30.70
CA ASP C 66 -7.94 -6.76 30.79
C ASP C 66 -9.33 -6.82 30.19
N PRO C 67 -9.49 -7.39 29.00
CA PRO C 67 -10.84 -7.48 28.41
C PRO C 67 -11.88 -8.17 29.29
N VAL C 68 -11.48 -9.09 30.19
CA VAL C 68 -12.48 -9.81 30.97
C VAL C 68 -13.07 -8.88 32.04
N ALA C 69 -12.22 -8.18 32.77
CA ALA C 69 -12.73 -7.22 33.75
C ALA C 69 -13.49 -6.10 33.05
N ALA C 70 -13.04 -5.67 31.87
CA ALA C 70 -13.74 -4.59 31.19
C ALA C 70 -15.17 -4.99 30.84
N LYS C 71 -15.40 -6.24 30.47
CA LYS C 71 -16.78 -6.70 30.10
C LYS C 71 -17.61 -6.90 31.38
N GLU C 72 -16.99 -7.39 32.45
CA GLU C 72 -17.73 -7.43 33.72
C GLU C 72 -18.18 -6.03 34.12
N TYR C 73 -17.26 -5.06 34.05
CA TYR C 73 -17.61 -3.67 34.32
C TYR C 73 -18.74 -3.20 33.41
N ALA C 74 -18.59 -3.47 32.11
CA ALA C 74 -19.59 -3.02 31.15
C ALA C 74 -20.99 -3.56 31.49
N THR C 75 -21.08 -4.82 31.89
CA THR C 75 -22.41 -5.38 32.22
C THR C 75 -23.05 -4.61 33.36
N ARG C 76 -22.26 -4.33 34.41
CA ARG C 76 -22.82 -3.60 35.53
C ARG C 76 -23.24 -2.20 35.12
N LEU C 77 -22.41 -1.53 34.30
CA LEU C 77 -22.69 -0.16 33.87
C LEU C 77 -23.91 -0.12 32.98
N LEU C 78 -24.03 -1.09 32.09
CA LEU C 78 -25.18 -1.15 31.19
C LEU C 78 -26.48 -1.21 31.98
N ALA C 79 -26.52 -2.00 33.06
CA ALA C 79 -27.74 -2.08 33.86
C ALA C 79 -28.11 -0.73 34.47
N LEU C 80 -27.11 0.06 34.87
CA LEU C 80 -27.42 1.40 35.37
C LEU C 80 -27.76 2.34 34.24
N ARG C 81 -27.10 2.19 33.09
CA ARG C 81 -27.48 2.96 31.91
C ARG C 81 -28.96 2.81 31.62
N GLU C 82 -29.47 1.57 31.69
CA GLU C 82 -30.88 1.34 31.42
C GLU C 82 -31.73 1.91 32.54
N GLU C 83 -31.37 1.61 33.78
CA GLU C 83 -32.19 2.07 34.90
C GLU C 83 -32.27 3.59 34.95
N LEU C 84 -31.18 4.29 34.63
CA LEU C 84 -31.11 5.74 34.84
C LEU C 84 -31.28 6.54 33.56
N LYS C 85 -31.74 5.92 32.45
CA LYS C 85 -31.63 6.56 31.14
C LYS C 85 -32.56 7.74 30.94
N ASP C 86 -33.58 7.95 31.79
CA ASP C 86 -34.37 9.17 31.68
C ASP C 86 -33.59 10.41 32.12
N GLU C 87 -32.51 10.22 32.88
CA GLU C 87 -31.71 11.31 33.43
C GLU C 87 -30.31 11.41 32.85
N LEU C 88 -29.64 10.28 32.62
CA LEU C 88 -28.24 10.23 32.19
C LEU C 88 -28.10 9.49 30.86
N GLU C 89 -27.24 10.01 29.97
CA GLU C 89 -26.76 9.27 28.80
C GLU C 89 -25.39 8.70 29.17
N ILE C 90 -25.38 7.44 29.58
CA ILE C 90 -24.18 6.81 30.13
C ILE C 90 -23.35 6.16 29.03
N VAL C 91 -22.07 6.51 29.00
CA VAL C 91 -21.10 6.01 28.03
C VAL C 91 -19.89 5.52 28.81
N MET C 92 -19.39 4.33 28.47
CA MET C 92 -18.27 3.74 29.16
C MET C 92 -16.95 4.27 28.63
N ARG C 93 -16.03 4.58 29.54
CA ARG C 93 -14.65 4.89 29.12
C ARG C 93 -14.02 3.60 28.66
N VAL C 94 -13.70 3.50 27.37
CA VAL C 94 -12.95 2.34 26.88
C VAL C 94 -11.67 2.89 26.25
N TYR C 95 -10.72 3.30 27.10
CA TYR C 95 -9.52 4.01 26.64
C TYR C 95 -8.41 3.01 26.35
N PHE C 96 -7.98 2.96 25.08
CA PHE C 96 -6.92 2.05 24.70
C PHE C 96 -5.57 2.76 24.57
N GLU C 97 -5.54 4.09 24.65
CA GLU C 97 -4.35 4.91 24.41
C GLU C 97 -4.17 5.88 25.57
N LYS C 98 -2.98 5.86 26.19
CA LYS C 98 -2.64 6.71 27.33
C LYS C 98 -1.49 7.64 27.00
N PRO C 99 -1.65 8.95 27.13
CA PRO C 99 -0.49 9.85 27.05
C PRO C 99 0.23 9.88 28.38
N ARG C 100 1.56 9.88 28.32
CA ARG C 100 2.39 9.85 29.51
C ARG C 100 3.04 11.21 29.72
N THR C 101 3.31 11.57 30.99
CA THR C 101 4.03 12.80 31.27
C THR C 101 5.43 12.74 30.70
N THR C 102 6.09 11.58 30.82
CA THR C 102 7.36 11.35 30.13
C THR C 102 7.32 10.01 29.41
N VAL C 103 7.50 8.91 30.16
CA VAL C 103 7.51 7.55 29.62
C VAL C 103 6.60 6.67 30.47
N GLY C 104 6.17 5.56 29.89
CA GLY C 104 5.29 4.65 30.60
C GLY C 104 4.50 3.79 29.65
N TRP C 105 3.73 2.87 30.22
CA TRP C 105 2.84 2.01 29.43
C TRP C 105 1.83 2.89 28.70
N LYS C 106 1.79 2.76 27.38
CA LYS C 106 0.97 3.63 26.54
C LYS C 106 -0.41 3.05 26.29
N GLY C 107 -0.73 1.87 26.84
CA GLY C 107 -2.07 1.34 26.82
C GLY C 107 -2.14 0.00 26.09
N LEU C 108 -3.38 -0.50 26.00
CA LEU C 108 -3.62 -1.87 25.50
C LEU C 108 -3.17 -2.03 24.07
N ILE C 109 -3.46 -1.05 23.20
CA ILE C 109 -3.10 -1.23 21.80
C ILE C 109 -1.60 -1.27 21.63
N ASN C 110 -0.89 -0.32 22.24
CA ASN C 110 0.55 -0.22 22.05
C ASN C 110 1.27 -1.43 22.61
N ASP C 111 0.75 -2.02 23.70
CA ASP C 111 1.50 -3.06 24.41
C ASP C 111 0.56 -3.95 25.22
N PRO C 112 -0.22 -4.80 24.56
CA PRO C 112 -1.30 -5.50 25.26
C PRO C 112 -0.80 -6.47 26.30
N HIS C 113 0.41 -7.00 26.15
CA HIS C 113 0.95 -7.89 27.18
C HIS C 113 1.70 -7.16 28.28
N MET C 114 1.79 -5.83 28.21
CA MET C 114 2.18 -5.03 29.36
C MET C 114 3.63 -5.31 29.77
N ASP C 115 4.44 -5.78 28.82
CA ASP C 115 5.80 -6.21 29.09
C ASP C 115 6.79 -5.66 28.06
N ASN C 116 6.43 -4.56 27.40
CA ASN C 116 7.28 -3.95 26.38
C ASN C 116 7.55 -4.90 25.19
N SER C 117 6.64 -5.82 24.91
CA SER C 117 6.79 -6.60 23.68
C SER C 117 6.13 -5.94 22.48
N PHE C 118 5.24 -4.97 22.72
CA PHE C 118 4.64 -4.12 21.68
C PHE C 118 4.00 -4.96 20.57
N GLN C 119 3.13 -5.88 20.97
CA GLN C 119 2.46 -6.76 20.01
C GLN C 119 1.21 -6.02 19.52
N ILE C 120 1.44 -5.01 18.67
CA ILE C 120 0.39 -4.04 18.36
C ILE C 120 -0.69 -4.66 17.47
N ASN C 121 -0.33 -5.64 16.62
CA ASN C 121 -1.38 -6.28 15.85
C ASN C 121 -2.37 -7.00 16.75
N ASP C 122 -1.88 -7.67 17.80
CA ASP C 122 -2.79 -8.33 18.72
C ASP C 122 -3.57 -7.31 19.52
N GLY C 123 -2.91 -6.20 19.84
CA GLY C 123 -3.59 -5.13 20.56
C GLY C 123 -4.77 -4.59 19.78
N LEU C 124 -4.56 -4.33 18.48
CA LEU C 124 -5.65 -3.84 17.65
C LEU C 124 -6.78 -4.86 17.59
N ARG C 125 -6.43 -6.15 17.44
CA ARG C 125 -7.44 -7.21 17.43
C ARG C 125 -8.19 -7.28 18.76
N ILE C 126 -7.44 -7.26 19.87
CA ILE C 126 -8.07 -7.33 21.18
C ILE C 126 -8.96 -6.11 21.40
N ALA C 127 -8.47 -4.94 21.02
CA ALA C 127 -9.19 -3.69 21.25
C ALA C 127 -10.48 -3.63 20.44
N ARG C 128 -10.40 -3.95 19.15
CA ARG C 128 -11.63 -3.88 18.35
C ARG C 128 -12.66 -4.90 18.83
N LYS C 129 -12.21 -6.12 19.15
CA LYS C 129 -13.17 -7.13 19.59
C LYS C 129 -13.85 -6.72 20.89
N LEU C 130 -13.10 -6.13 21.83
CA LEU C 130 -13.71 -5.61 23.04
C LEU C 130 -14.70 -4.50 22.72
N LEU C 131 -14.32 -3.54 21.87
CA LEU C 131 -15.23 -2.46 21.55
C LEU C 131 -16.49 -2.99 20.88
N LEU C 132 -16.34 -4.01 20.04
CA LEU C 132 -17.49 -4.60 19.39
C LEU C 132 -18.42 -5.30 20.38
N ASP C 133 -17.84 -6.09 21.31
CA ASP C 133 -18.65 -6.79 22.30
C ASP C 133 -19.40 -5.82 23.20
N ILE C 134 -18.78 -4.70 23.54
CA ILE C 134 -19.41 -3.77 24.47
C ILE C 134 -20.55 -3.05 23.78
N ASN C 135 -20.30 -2.51 22.58
CA ASN C 135 -21.35 -1.91 21.76
C ASN C 135 -22.46 -2.91 21.43
N ASP C 136 -22.09 -4.16 21.12
CA ASP C 136 -23.16 -5.12 20.81
C ASP C 136 -24.05 -5.36 22.02
N SER C 137 -23.51 -5.24 23.23
CA SER C 137 -24.35 -5.44 24.39
C SER C 137 -25.35 -4.32 24.57
N GLY C 138 -25.18 -3.19 23.90
CA GLY C 138 -26.03 -2.03 24.08
C GLY C 138 -25.39 -0.85 24.79
N LEU C 139 -24.10 -0.91 25.08
CA LEU C 139 -23.44 0.12 25.86
C LEU C 139 -22.52 0.94 24.95
N PRO C 140 -22.73 2.24 24.81
CA PRO C 140 -21.81 3.04 23.99
C PRO C 140 -20.45 3.18 24.65
N ALA C 141 -19.47 3.58 23.86
CA ALA C 141 -18.09 3.65 24.29
C ALA C 141 -17.46 4.97 23.91
N ALA C 142 -16.52 5.40 24.76
CA ALA C 142 -15.75 6.63 24.63
C ALA C 142 -14.26 6.31 24.69
N GLY C 143 -13.46 7.08 23.95
CA GLY C 143 -12.01 6.90 23.97
C GLY C 143 -11.26 8.22 23.78
N GLU C 144 -9.96 8.20 24.12
CA GLU C 144 -9.12 9.34 23.80
C GLU C 144 -8.48 9.11 22.44
N PHE C 145 -8.56 10.12 21.59
CA PHE C 145 -7.90 10.04 20.26
C PHE C 145 -6.52 10.69 20.38
N LEU C 146 -5.51 9.86 20.62
CA LEU C 146 -4.10 10.32 20.80
C LEU C 146 -3.36 10.01 19.50
N ASP C 147 -3.37 8.75 19.10
CA ASP C 147 -2.61 8.30 17.90
C ASP C 147 -3.32 8.78 16.63
N MET C 148 -2.53 9.08 15.59
CA MET C 148 -3.10 9.58 14.32
C MET C 148 -3.43 8.40 13.40
N ILE C 149 -2.97 7.19 13.73
CA ILE C 149 -3.23 6.07 12.81
C ILE C 149 -4.27 5.12 13.38
N THR C 150 -4.34 4.94 14.70
CA THR C 150 -5.31 3.97 15.23
C THR C 150 -6.79 4.33 15.01
N PRO C 151 -7.23 5.62 14.94
CA PRO C 151 -8.68 5.88 14.78
C PRO C 151 -9.36 5.09 13.67
N GLN C 152 -8.70 4.89 12.52
CA GLN C 152 -9.37 4.15 11.45
C GLN C 152 -9.76 2.74 11.86
N TYR C 153 -9.08 2.17 12.85
CA TYR C 153 -9.40 0.82 13.29
C TYR C 153 -10.59 0.77 14.26
N LEU C 154 -10.94 1.90 14.87
CA LEU C 154 -11.84 1.90 16.00
C LEU C 154 -12.96 2.90 15.92
N ALA C 155 -12.81 3.97 15.13
CA ALA C 155 -13.68 5.13 15.30
C ALA C 155 -15.13 4.83 15.00
N ASP C 156 -15.40 3.88 14.08
CA ASP C 156 -16.79 3.51 13.80
C ASP C 156 -17.51 2.91 15.02
N LEU C 157 -16.78 2.40 16.00
CA LEU C 157 -17.40 1.90 17.22
C LEU C 157 -17.36 2.90 18.38
N MET C 158 -16.97 4.15 18.14
CA MET C 158 -16.87 5.16 19.20
C MET C 158 -18.07 6.11 19.13
N SER C 159 -18.74 6.32 20.26
CA SER C 159 -19.84 7.29 20.31
C SER C 159 -19.40 8.69 20.71
N TRP C 160 -18.18 8.85 21.25
CA TRP C 160 -17.72 10.12 21.78
C TRP C 160 -16.21 9.98 21.98
N GLY C 161 -15.47 11.07 21.76
CA GLY C 161 -14.04 11.04 21.88
C GLY C 161 -13.49 12.26 22.60
N ALA C 162 -12.31 12.10 23.16
CA ALA C 162 -11.66 13.17 23.89
C ALA C 162 -10.28 13.40 23.28
N ILE C 163 -9.89 14.65 23.23
CA ILE C 163 -8.52 15.04 22.88
C ILE C 163 -7.90 15.48 24.20
N GLY C 164 -6.79 14.85 24.61
CA GLY C 164 -6.26 15.03 25.96
C GLY C 164 -5.67 16.41 26.22
N ALA C 165 -5.40 16.68 27.50
CA ALA C 165 -4.90 18.00 27.89
C ALA C 165 -3.62 18.35 27.15
N ARG C 166 -2.74 17.37 26.94
CA ARG C 166 -1.42 17.60 26.35
C ARG C 166 -1.46 17.75 24.82
N THR C 167 -2.62 17.52 24.20
CA THR C 167 -2.73 17.59 22.74
C THR C 167 -3.84 18.51 22.24
N THR C 168 -4.60 19.15 23.14
CA THR C 168 -5.63 20.09 22.70
C THR C 168 -5.06 21.19 21.82
N GLU C 169 -3.83 21.63 22.09
CA GLU C 169 -3.16 22.66 21.31
C GLU C 169 -2.62 22.17 19.98
N SER C 170 -2.64 20.87 19.71
CA SER C 170 -1.87 20.29 18.62
C SER C 170 -2.66 20.33 17.32
N GLN C 171 -2.05 20.90 16.26
CA GLN C 171 -2.80 21.11 15.03
C GLN C 171 -3.27 19.79 14.43
N VAL C 172 -2.47 18.72 14.54
CA VAL C 172 -2.88 17.48 13.88
C VAL C 172 -4.03 16.83 14.64
N HIS C 173 -4.16 17.10 15.94
CA HIS C 173 -5.31 16.56 16.67
C HIS C 173 -6.56 17.38 16.37
N ARG C 174 -6.42 18.69 16.21
CA ARG C 174 -7.57 19.49 15.85
C ARG C 174 -8.09 19.11 14.47
N GLU C 175 -7.16 18.83 13.54
CA GLU C 175 -7.50 18.32 12.22
C GLU C 175 -8.23 16.99 12.32
N LEU C 176 -7.69 16.06 13.11
CA LEU C 176 -8.34 14.75 13.28
C LEU C 176 -9.78 14.92 13.75
N ALA C 177 -9.98 15.79 14.74
CA ALA C 177 -11.32 15.98 15.29
C ALA C 177 -12.27 16.55 14.24
N SER C 178 -11.78 17.43 13.36
CA SER C 178 -12.61 18.03 12.33
C SER C 178 -13.21 17.00 11.38
N GLY C 179 -12.64 15.78 11.31
CA GLY C 179 -13.16 14.75 10.44
C GLY C 179 -13.74 13.53 11.12
N LEU C 180 -13.84 13.54 12.45
CA LEU C 180 -14.36 12.39 13.19
C LEU C 180 -15.87 12.41 13.15
N SER C 181 -16.47 11.22 13.00
CA SER C 181 -17.93 11.11 12.93
C SER C 181 -18.60 11.12 14.28
N CYS C 182 -17.88 11.36 15.38
CA CYS C 182 -18.49 11.41 16.70
C CYS C 182 -18.26 12.77 17.35
N PRO C 183 -19.04 13.11 18.37
CA PRO C 183 -18.73 14.33 19.14
C PRO C 183 -17.37 14.20 19.79
N VAL C 184 -16.75 15.34 20.10
CA VAL C 184 -15.38 15.37 20.62
C VAL C 184 -15.29 16.41 21.73
N GLY C 185 -14.70 16.02 22.86
CA GLY C 185 -14.39 16.95 23.94
C GLY C 185 -12.91 17.32 23.96
N PHE C 186 -12.65 18.61 24.18
CA PHE C 186 -11.28 19.14 24.29
C PHE C 186 -11.02 19.56 25.73
N LYS C 187 -10.04 18.90 26.35
CA LYS C 187 -9.70 19.20 27.73
C LYS C 187 -8.92 20.51 27.79
N ASN C 188 -9.13 21.28 28.87
CA ASN C 188 -8.32 22.47 29.04
C ASN C 188 -6.85 22.05 29.22
N GLY C 189 -5.95 23.02 29.12
CA GLY C 189 -4.53 22.72 29.18
C GLY C 189 -4.12 22.22 30.55
N THR C 190 -2.95 21.57 30.61
CA THR C 190 -2.51 21.00 31.89
C THR C 190 -2.26 22.07 32.95
N ASP C 191 -2.08 23.34 32.56
CA ASP C 191 -1.97 24.40 33.55
C ASP C 191 -3.30 25.09 33.84
N GLY C 192 -4.39 24.54 33.30
CA GLY C 192 -5.71 25.12 33.55
C GLY C 192 -6.19 26.11 32.49
N THR C 193 -5.38 26.40 31.47
CA THR C 193 -5.75 27.40 30.43
C THR C 193 -6.99 26.96 29.64
N ILE C 194 -8.01 27.82 29.56
CA ILE C 194 -9.27 27.53 28.81
C ILE C 194 -9.12 27.87 27.32
N LYS C 195 -8.46 28.97 26.99
CA LYS C 195 -8.37 29.46 25.59
C LYS C 195 -7.91 28.39 24.58
N VAL C 196 -6.95 27.55 24.94
CA VAL C 196 -6.44 26.49 24.02
C VAL C 196 -7.60 25.56 23.66
N ALA C 197 -8.51 25.33 24.61
CA ALA C 197 -9.68 24.47 24.37
C ALA C 197 -10.70 25.17 23.46
N ILE C 198 -10.94 26.46 23.68
CA ILE C 198 -11.88 27.25 22.83
C ILE C 198 -11.32 27.33 21.41
N ASP C 199 -10.03 27.61 21.28
CA ASP C 199 -9.38 27.66 19.95
C ASP C 199 -9.55 26.30 19.28
N ALA C 200 -9.38 25.23 20.05
CA ALA C 200 -9.48 23.91 19.43
C ALA C 200 -10.89 23.66 18.93
N ILE C 201 -11.90 24.06 19.69
CA ILE C 201 -13.29 23.89 19.25
C ILE C 201 -13.51 24.60 17.93
N ASN C 202 -13.13 25.87 17.85
CA ASN C 202 -13.26 26.62 16.60
C ASN C 202 -12.43 26.00 15.49
N ALA C 203 -11.21 25.56 15.77
CA ALA C 203 -10.42 24.90 14.74
C ALA C 203 -11.13 23.62 14.26
N ALA C 204 -11.63 22.81 15.18
CA ALA C 204 -12.25 21.55 14.83
C ALA C 204 -13.56 21.75 14.07
N GLY C 205 -14.22 22.91 14.22
CA GLY C 205 -15.47 23.15 13.52
C GLY C 205 -15.33 23.54 12.07
N ALA C 206 -14.14 23.83 11.64
CA ALA C 206 -13.80 24.29 10.31
C ALA C 206 -13.28 23.13 9.47
N PRO C 207 -13.37 23.22 8.14
CA PRO C 207 -12.79 22.16 7.32
C PRO C 207 -11.28 22.29 7.23
N HIS C 208 -10.63 21.16 7.05
CA HIS C 208 -9.19 21.09 6.97
C HIS C 208 -8.80 20.16 5.83
N CYS C 209 -7.57 20.34 5.36
CA CYS C 209 -6.98 19.46 4.36
C CYS C 209 -5.61 19.04 4.88
N PHE C 210 -5.38 17.74 5.02
CA PHE C 210 -4.12 17.34 5.63
C PHE C 210 -3.78 15.92 5.21
N LEU C 211 -2.58 15.50 5.57
CA LEU C 211 -2.12 14.15 5.28
C LEU C 211 -2.60 13.18 6.37
N SER C 212 -3.18 12.06 5.95
CA SER C 212 -3.64 11.05 6.91
C SER C 212 -3.50 9.68 6.25
N VAL C 213 -3.95 8.65 6.96
CA VAL C 213 -3.86 7.27 6.50
C VAL C 213 -5.27 6.75 6.28
N THR C 214 -5.47 6.05 5.17
CA THR C 214 -6.78 5.55 4.80
C THR C 214 -7.03 4.21 5.47
N LYS C 215 -8.22 3.64 5.23
CA LYS C 215 -8.54 2.32 5.75
C LYS C 215 -7.71 1.21 5.10
N TRP C 216 -7.02 1.50 4.00
CA TRP C 216 -6.13 0.51 3.41
C TRP C 216 -4.71 0.63 3.94
N GLY C 217 -4.47 1.49 4.92
CA GLY C 217 -3.14 1.64 5.47
C GLY C 217 -2.17 2.40 4.60
N HIS C 218 -2.67 3.21 3.65
CA HIS C 218 -1.83 4.03 2.79
C HIS C 218 -2.00 5.51 3.14
N SER C 219 -0.93 6.30 2.95
CA SER C 219 -1.08 7.72 3.21
C SER C 219 -1.87 8.36 2.07
N ALA C 220 -2.52 9.48 2.37
CA ALA C 220 -3.37 10.14 1.40
C ALA C 220 -3.68 11.54 1.88
N ILE C 221 -4.25 12.34 0.98
CA ILE C 221 -4.69 13.69 1.27
C ILE C 221 -6.19 13.63 1.60
N VAL C 222 -6.51 14.14 2.78
CA VAL C 222 -7.91 14.07 3.27
C VAL C 222 -8.49 15.46 3.41
N ASN C 223 -9.76 15.60 3.05
CA ASN C 223 -10.47 16.85 3.26
C ASN C 223 -11.62 16.59 4.22
N THR C 224 -11.72 17.39 5.27
CA THR C 224 -12.76 17.19 6.27
C THR C 224 -13.79 18.31 6.16
N SER C 225 -14.97 18.09 6.76
CA SER C 225 -16.00 19.10 6.68
C SER C 225 -16.05 20.01 7.91
N GLY C 226 -15.39 19.64 8.99
CA GLY C 226 -15.56 20.36 10.23
C GLY C 226 -16.54 19.61 11.12
N ASN C 227 -16.34 19.72 12.44
CA ASN C 227 -17.12 18.97 13.42
C ASN C 227 -17.78 19.99 14.33
N GLY C 228 -19.08 20.13 14.20
CA GLY C 228 -19.80 21.03 15.07
C GLY C 228 -20.14 20.51 16.46
N ASP C 229 -19.88 19.23 16.73
CA ASP C 229 -20.23 18.61 18.00
C ASP C 229 -19.04 18.56 18.94
N CYS C 230 -18.39 19.70 19.19
CA CYS C 230 -17.22 19.75 20.05
C CYS C 230 -17.52 20.62 21.27
N HIS C 231 -16.94 20.29 22.42
CA HIS C 231 -17.15 21.09 23.62
C HIS C 231 -15.91 21.00 24.49
N ILE C 232 -15.87 21.85 25.52
CA ILE C 232 -14.72 21.86 26.41
C ILE C 232 -14.93 20.79 27.46
N ILE C 233 -13.82 20.22 27.92
CA ILE C 233 -13.78 19.42 29.13
C ILE C 233 -12.95 20.15 30.18
N LEU C 234 -13.54 20.37 31.35
CA LEU C 234 -12.85 21.04 32.46
C LEU C 234 -12.16 19.97 33.32
N ARG C 235 -10.83 19.96 33.31
CA ARG C 235 -10.09 18.90 34.05
C ARG C 235 -9.12 19.48 35.09
N GLY C 236 -9.30 20.76 35.45
CA GLY C 236 -8.46 21.39 36.49
C GLY C 236 -7.04 21.64 36.03
N GLY C 237 -6.36 22.62 36.63
CA GLY C 237 -4.94 22.88 36.30
C GLY C 237 -4.10 22.84 37.56
N LYS C 238 -3.44 23.94 37.91
CA LYS C 238 -2.70 23.98 39.20
C LYS C 238 -3.72 23.76 40.31
N GLU C 239 -4.94 24.29 40.15
CA GLU C 239 -6.03 24.09 41.14
C GLU C 239 -7.25 23.52 40.39
N PRO C 240 -8.20 22.84 41.07
CA PRO C 240 -9.40 22.37 40.39
C PRO C 240 -10.20 23.52 39.76
N ASN C 241 -10.93 23.24 38.68
CA ASN C 241 -11.71 24.28 38.06
C ASN C 241 -13.16 23.83 37.87
N TYR C 242 -13.68 23.03 38.80
CA TYR C 242 -15.05 22.57 38.69
C TYR C 242 -16.06 23.46 39.40
N SER C 243 -15.61 24.38 40.25
CA SER C 243 -16.57 25.12 41.04
C SER C 243 -17.32 26.11 40.17
N ALA C 244 -18.41 26.63 40.73
CA ALA C 244 -19.29 27.57 40.03
C ALA C 244 -18.55 28.81 39.52
N LYS C 245 -17.58 29.31 40.27
CA LYS C 245 -16.82 30.52 39.84
C LYS C 245 -16.10 30.19 38.53
N HIS C 246 -15.55 28.99 38.46
CA HIS C 246 -14.81 28.57 37.27
C HIS C 246 -15.73 28.30 36.07
N VAL C 247 -16.90 27.68 36.33
CA VAL C 247 -17.82 27.38 35.23
C VAL C 247 -18.37 28.66 34.62
N ALA C 248 -18.58 29.68 35.45
CA ALA C 248 -19.08 30.96 34.95
C ALA C 248 -18.06 31.63 34.04
N GLU C 249 -16.77 31.57 34.40
CA GLU C 249 -15.74 32.17 33.56
C GLU C 249 -15.64 31.45 32.24
N VAL C 250 -15.78 30.13 32.27
CA VAL C 250 -15.75 29.34 31.04
C VAL C 250 -16.99 29.64 30.19
N LYS C 251 -18.18 29.68 30.81
CA LYS C 251 -19.39 30.09 30.10
C LYS C 251 -19.22 31.43 29.40
N GLU C 252 -18.77 32.46 30.12
CA GLU C 252 -18.58 33.77 29.48
C GLU C 252 -17.46 33.72 28.45
N GLY C 253 -16.40 32.95 28.70
CA GLY C 253 -15.34 32.81 27.72
C GLY C 253 -15.81 32.15 26.44
N LEU C 254 -16.66 31.13 26.55
CA LEU C 254 -17.16 30.44 25.36
C LEU C 254 -18.02 31.37 24.52
N ASN C 255 -18.96 32.11 25.16
CA ASN C 255 -19.91 33.04 24.48
C ASN C 255 -19.16 34.17 23.76
N LYS C 256 -18.14 34.75 24.37
CA LYS C 256 -17.27 35.76 23.75
C LYS C 256 -16.59 35.25 22.47
N ALA C 257 -16.33 33.94 22.40
CA ALA C 257 -15.81 33.34 21.19
C ALA C 257 -16.91 32.88 20.25
N GLY C 258 -18.16 33.15 20.62
CA GLY C 258 -19.32 32.82 19.77
C GLY C 258 -19.77 31.38 19.89
N LEU C 259 -19.46 30.74 21.02
CA LEU C 259 -19.79 29.30 21.19
C LEU C 259 -20.79 29.13 22.33
N PRO C 260 -21.62 28.09 22.28
CA PRO C 260 -22.59 27.86 23.32
C PRO C 260 -21.89 27.67 24.67
N ALA C 261 -22.49 28.18 25.74
CA ALA C 261 -21.94 28.02 27.10
C ALA C 261 -22.28 26.63 27.60
N GLN C 262 -21.45 25.66 27.24
CA GLN C 262 -21.70 24.26 27.62
C GLN C 262 -20.36 23.69 28.09
N VAL C 263 -20.41 22.83 29.11
CA VAL C 263 -19.16 22.28 29.67
C VAL C 263 -19.34 20.83 30.12
N MET C 264 -18.31 20.03 29.92
CA MET C 264 -18.28 18.70 30.55
C MET C 264 -17.25 18.88 31.69
N ILE C 265 -17.54 18.35 32.86
CA ILE C 265 -16.55 18.45 33.97
C ILE C 265 -15.95 17.07 34.31
N ASP C 266 -14.65 16.97 34.20
CA ASP C 266 -13.92 15.73 34.58
C ASP C 266 -13.72 15.77 36.09
N PHE C 267 -14.27 14.80 36.81
CA PHE C 267 -14.16 14.78 38.27
C PHE C 267 -12.78 14.36 38.73
N SER C 268 -12.00 13.76 37.84
CA SER C 268 -10.74 13.10 38.18
C SER C 268 -9.57 14.01 37.82
N HIS C 269 -8.38 13.42 37.64
CA HIS C 269 -7.13 14.13 37.29
C HIS C 269 -6.94 15.36 38.18
N ALA C 270 -6.67 16.55 37.63
CA ALA C 270 -6.37 17.70 38.49
C ALA C 270 -7.59 18.21 39.27
N ASN C 271 -8.81 17.86 38.85
CA ASN C 271 -9.96 18.34 39.60
C ASN C 271 -10.18 17.58 40.90
N SER C 272 -9.62 16.39 41.02
CA SER C 272 -9.60 15.65 42.27
C SER C 272 -8.25 15.71 42.93
N SER C 273 -7.38 16.58 42.43
CA SER C 273 -5.98 16.63 42.81
C SER C 273 -5.38 15.23 42.80
N LYS C 274 -5.75 14.45 41.78
CA LYS C 274 -5.22 13.10 41.57
C LYS C 274 -5.46 12.23 42.80
N GLN C 275 -6.51 12.53 43.57
CA GLN C 275 -6.91 11.74 44.75
C GLN C 275 -8.27 11.14 44.43
N PHE C 276 -8.27 9.83 44.12
CA PHE C 276 -9.43 9.23 43.44
C PHE C 276 -10.72 9.35 44.24
N LYS C 277 -10.66 9.38 45.58
CA LYS C 277 -11.88 9.48 46.35
C LYS C 277 -12.49 10.88 46.31
N LYS C 278 -11.70 11.89 45.93
CA LYS C 278 -12.21 13.26 45.84
C LYS C 278 -13.13 13.44 44.65
N GLN C 279 -13.16 12.48 43.73
CA GLN C 279 -14.18 12.51 42.69
C GLN C 279 -15.57 12.56 43.32
N MET C 280 -15.75 11.94 44.50
CA MET C 280 -17.07 11.99 45.15
C MET C 280 -17.35 13.37 45.72
N ASP C 281 -16.30 14.11 46.13
CA ASP C 281 -16.47 15.49 46.59
C ASP C 281 -16.82 16.41 45.44
N VAL C 282 -16.13 16.26 44.30
CA VAL C 282 -16.52 17.00 43.10
C VAL C 282 -17.95 16.65 42.70
N CYS C 283 -18.30 15.37 42.72
CA CYS C 283 -19.67 14.97 42.45
C CYS C 283 -20.67 15.73 43.32
N ALA C 284 -20.38 15.81 44.62
CA ALA C 284 -21.32 16.51 45.50
C ALA C 284 -21.47 17.97 45.10
N ASP C 285 -20.38 18.62 44.71
CA ASP C 285 -20.45 20.02 44.30
C ASP C 285 -21.15 20.19 42.96
N VAL C 286 -20.77 19.36 41.98
CA VAL C 286 -21.39 19.48 40.66
C VAL C 286 -22.87 19.11 40.73
N CYS C 287 -23.23 18.16 41.61
CA CYS C 287 -24.65 17.81 41.76
C CYS C 287 -25.44 19.00 42.28
N GLN C 288 -24.91 19.70 43.28
CA GLN C 288 -25.59 20.91 43.82
C GLN C 288 -25.71 21.96 42.71
N GLN C 289 -24.66 22.13 41.91
CA GLN C 289 -24.77 23.07 40.80
C GLN C 289 -25.89 22.65 39.84
N ILE C 290 -25.91 21.38 39.44
CA ILE C 290 -26.91 20.91 38.48
C ILE C 290 -28.32 21.03 39.07
N ALA C 291 -28.54 20.42 40.24
CA ALA C 291 -29.86 20.50 40.88
C ALA C 291 -30.24 21.94 41.22
N GLY C 292 -29.26 22.82 41.39
CA GLY C 292 -29.60 24.22 41.62
C GLY C 292 -30.02 24.97 40.39
N GLY C 293 -29.90 24.41 39.20
CA GLY C 293 -30.33 25.09 37.99
C GLY C 293 -29.25 25.34 36.94
N GLU C 294 -28.03 24.82 37.10
CA GLU C 294 -26.98 25.05 36.11
C GLU C 294 -27.21 24.17 34.88
N LYS C 295 -27.62 24.78 33.78
CA LYS C 295 -27.89 24.01 32.53
C LYS C 295 -26.61 23.85 31.69
N ALA C 296 -25.59 24.65 31.95
CA ALA C 296 -24.37 24.62 31.11
C ALA C 296 -23.58 23.32 31.30
N ILE C 297 -23.78 22.66 32.44
CA ILE C 297 -23.06 21.41 32.71
C ILE C 297 -23.80 20.33 31.91
N ILE C 298 -23.27 19.99 30.74
CA ILE C 298 -23.92 19.00 29.88
C ILE C 298 -23.34 17.60 30.04
N GLY C 299 -22.20 17.48 30.71
CA GLY C 299 -21.59 16.17 30.87
C GLY C 299 -20.62 16.15 32.03
N VAL C 300 -20.25 14.94 32.42
CA VAL C 300 -19.20 14.72 33.41
C VAL C 300 -18.41 13.49 32.99
N MET C 301 -17.24 13.35 33.61
CA MET C 301 -16.27 12.30 33.34
C MET C 301 -15.76 11.78 34.67
N VAL C 302 -15.68 10.46 34.80
CA VAL C 302 -15.40 9.84 36.10
C VAL C 302 -14.50 8.65 35.82
N GLU C 303 -13.45 8.49 36.63
CA GLU C 303 -12.53 7.35 36.51
C GLU C 303 -12.97 6.30 37.54
N SER C 304 -13.40 5.15 37.04
CA SER C 304 -14.20 4.19 37.80
C SER C 304 -13.82 2.78 37.35
N HIS C 305 -13.67 1.87 38.31
CA HIS C 305 -13.38 0.47 37.96
C HIS C 305 -14.18 -0.44 38.90
N LEU C 306 -14.03 -1.76 38.72
CA LEU C 306 -14.66 -2.71 39.62
C LEU C 306 -14.12 -2.56 41.05
N VAL C 307 -12.81 -2.45 41.20
CA VAL C 307 -12.19 -2.35 42.52
C VAL C 307 -11.45 -1.01 42.58
N GLU C 308 -11.55 -0.32 43.71
CA GLU C 308 -10.97 1.01 43.81
C GLU C 308 -9.45 0.95 43.87
N GLY C 309 -8.82 2.09 43.60
CA GLY C 309 -7.40 2.23 43.78
C GLY C 309 -6.65 2.02 42.49
N ASN C 310 -5.36 1.73 42.63
CA ASN C 310 -4.55 1.29 41.51
C ASN C 310 -3.45 0.37 42.02
N GLN C 311 -2.65 -0.11 41.07
CA GLN C 311 -1.56 -1.04 41.30
C GLN C 311 -0.57 -0.77 40.19
N SER C 312 0.67 -1.24 40.39
CA SER C 312 1.75 -0.96 39.41
C SER C 312 2.22 -2.21 38.67
N LEU C 313 2.62 -2.07 37.42
CA LEU C 313 3.20 -3.20 36.66
C LEU C 313 4.66 -3.34 37.08
N GLU C 314 5.32 -2.26 37.49
CA GLU C 314 6.77 -2.32 37.77
C GLU C 314 7.10 -3.49 38.71
N SER C 315 6.19 -3.81 39.62
CA SER C 315 6.42 -4.88 40.63
C SER C 315 6.80 -6.23 40.02
N GLY C 316 6.10 -6.68 38.99
CA GLY C 316 6.33 -8.05 38.50
C GLY C 316 5.36 -8.99 39.22
N GLU C 317 4.73 -8.49 40.29
CA GLU C 317 3.71 -9.29 41.01
C GLU C 317 2.50 -9.52 40.11
N PRO C 318 1.83 -10.68 40.19
CA PRO C 318 0.60 -10.89 39.44
C PRO C 318 -0.43 -9.79 39.76
N LEU C 319 -1.08 -9.21 38.74
CA LEU C 319 -2.03 -8.09 38.93
C LEU C 319 -3.34 -8.51 39.61
N ALA C 320 -3.88 -7.65 40.46
CA ALA C 320 -5.22 -7.91 41.03
C ALA C 320 -6.28 -7.71 39.95
N TYR C 321 -7.36 -8.46 40.03
CA TYR C 321 -8.42 -8.40 39.04
C TYR C 321 -9.22 -7.11 39.21
N GLY C 322 -9.58 -6.49 38.09
CA GLY C 322 -10.52 -5.39 38.12
C GLY C 322 -9.98 -4.12 38.78
N LYS C 323 -8.66 -3.94 38.81
CA LYS C 323 -8.05 -2.79 39.46
C LYS C 323 -7.08 -2.11 38.51
N SER C 324 -7.17 -0.78 38.40
CA SER C 324 -6.35 0.01 37.43
C SER C 324 -4.84 -0.21 37.55
N ILE C 325 -4.14 -0.19 36.42
CA ILE C 325 -2.66 -0.23 36.43
C ILE C 325 -2.20 1.18 36.06
N THR C 326 -3.14 2.11 35.96
CA THR C 326 -2.84 3.52 35.61
C THR C 326 -3.34 4.44 36.74
N ASP C 327 -4.19 5.41 36.41
CA ASP C 327 -4.72 6.37 37.42
C ASP C 327 -5.57 5.60 38.42
N ALA C 328 -5.54 5.99 39.68
CA ALA C 328 -6.42 5.38 40.70
C ALA C 328 -7.87 5.70 40.36
N CYS C 329 -8.74 4.74 40.57
CA CYS C 329 -10.17 4.90 40.24
C CYS C 329 -11.05 4.54 41.42
N ILE C 330 -12.25 5.11 41.47
CA ILE C 330 -13.23 4.66 42.45
C ILE C 330 -13.69 3.25 42.09
N GLY C 331 -14.17 2.52 43.11
CA GLY C 331 -14.67 1.17 42.90
C GLY C 331 -16.17 1.15 42.59
N TRP C 332 -16.68 -0.06 42.37
CA TRP C 332 -18.05 -0.16 41.86
C TRP C 332 -19.09 0.40 42.84
N GLU C 333 -18.89 0.20 44.14
CA GLU C 333 -19.92 0.63 45.09
C GLU C 333 -20.08 2.15 45.04
N ASP C 334 -18.97 2.89 45.14
CA ASP C 334 -19.02 4.33 44.98
C ASP C 334 -19.57 4.72 43.61
N THR C 335 -19.23 3.96 42.57
CA THR C 335 -19.70 4.30 41.23
C THR C 335 -21.22 4.25 41.16
N ASP C 336 -21.81 3.19 41.71
CA ASP C 336 -23.27 3.11 41.79
C ASP C 336 -23.83 4.32 42.52
N ALA C 337 -23.28 4.62 43.71
CA ALA C 337 -23.76 5.76 44.47
C ALA C 337 -23.59 7.05 43.68
N LEU C 338 -22.46 7.22 42.99
CA LEU C 338 -22.21 8.46 42.26
C LEU C 338 -23.20 8.62 41.10
N LEU C 339 -23.46 7.56 40.34
CA LEU C 339 -24.39 7.68 39.23
C LEU C 339 -25.80 8.02 39.72
N ARG C 340 -26.21 7.44 40.85
CA ARG C 340 -27.53 7.77 41.38
C ARG C 340 -27.58 9.22 41.85
N GLN C 341 -26.49 9.71 42.45
CA GLN C 341 -26.42 11.12 42.79
C GLN C 341 -26.64 11.98 41.55
N LEU C 342 -25.92 11.71 40.47
CA LEU C 342 -26.04 12.50 39.23
C LEU C 342 -27.49 12.44 38.72
N ALA C 343 -28.07 11.22 38.67
CA ALA C 343 -29.44 11.14 38.16
C ALA C 343 -30.40 11.93 39.03
N ASN C 344 -30.25 11.85 40.35
CA ASN C 344 -31.08 12.66 41.23
C ASN C 344 -30.94 14.14 40.91
N ALA C 345 -29.70 14.62 40.68
CA ALA C 345 -29.51 16.04 40.42
C ALA C 345 -30.14 16.46 39.09
N VAL C 346 -30.04 15.60 38.07
CA VAL C 346 -30.63 15.93 36.77
C VAL C 346 -32.15 16.01 36.90
N LYS C 347 -32.74 15.10 37.67
CA LYS C 347 -34.20 15.18 37.94
C LYS C 347 -34.52 16.50 38.64
N ALA C 348 -33.72 16.87 39.65
CA ALA C 348 -34.01 18.11 40.36
C ALA C 348 -33.84 19.31 39.44
N ARG C 349 -32.81 19.29 38.57
CA ARG C 349 -32.62 20.41 37.65
C ARG C 349 -33.86 20.64 36.81
N ARG C 350 -34.58 19.56 36.52
CA ARG C 350 -35.73 19.60 35.62
C ARG C 350 -36.95 20.19 36.31
N GLY C 351 -37.16 19.87 37.58
CA GLY C 351 -38.44 20.14 38.23
C GLY C 351 -38.59 21.42 39.03
N ASP D 8 -17.81 7.74 7.90
CA ASP D 8 -16.95 8.93 7.62
C ASP D 8 -17.80 10.07 7.05
N LEU D 9 -18.78 10.55 7.83
CA LEU D 9 -19.65 11.67 7.41
C LEU D 9 -18.89 12.98 7.28
N ARG D 10 -17.80 13.16 8.05
CA ARG D 10 -17.10 14.46 8.08
C ARG D 10 -15.87 14.40 7.18
N ILE D 11 -15.70 13.30 6.45
CA ILE D 11 -14.58 13.18 5.49
C ILE D 11 -15.18 13.45 4.11
N LYS D 12 -14.80 14.56 3.48
CA LYS D 12 -15.36 14.96 2.17
C LYS D 12 -14.65 14.22 1.04
N GLU D 13 -13.34 14.34 0.96
CA GLU D 13 -12.64 13.73 -0.19
C GLU D 13 -11.33 13.09 0.27
N ILE D 14 -10.90 12.07 -0.46
CA ILE D 14 -9.59 11.43 -0.19
C ILE D 14 -8.86 11.47 -1.53
N LYS D 15 -7.72 12.13 -1.59
CA LYS D 15 -7.00 12.31 -2.87
C LYS D 15 -5.63 11.63 -2.79
N GLU D 16 -5.10 11.17 -3.93
CA GLU D 16 -3.85 10.40 -3.91
C GLU D 16 -2.65 11.27 -3.51
N LEU D 17 -1.72 10.66 -2.80
CA LEU D 17 -0.51 11.36 -2.33
C LEU D 17 0.70 10.57 -2.79
N LEU D 18 1.64 11.26 -3.42
CA LEU D 18 2.88 10.57 -3.85
C LEU D 18 3.53 9.97 -2.62
N PRO D 19 3.99 8.72 -2.68
CA PRO D 19 4.72 8.15 -1.57
C PRO D 19 6.10 8.82 -1.46
N PRO D 20 6.74 8.84 -0.28
CA PRO D 20 8.07 9.44 -0.15
C PRO D 20 9.09 8.93 -1.18
N VAL D 21 9.08 7.63 -1.47
CA VAL D 21 10.06 7.01 -2.41
C VAL D 21 10.02 7.71 -3.78
N ALA D 22 8.88 8.29 -4.16
CA ALA D 22 8.76 8.97 -5.46
C ALA D 22 9.54 10.29 -5.44
N LEU D 23 9.42 11.05 -4.37
CA LEU D 23 10.15 12.33 -4.26
C LEU D 23 11.64 12.06 -4.00
N LEU D 24 11.95 10.96 -3.32
CA LEU D 24 13.37 10.57 -3.11
C LEU D 24 14.00 10.21 -4.45
N GLU D 25 13.28 9.46 -5.28
CA GLU D 25 13.81 9.00 -6.59
C GLU D 25 13.94 10.21 -7.52
N LYS D 26 12.95 11.10 -7.52
CA LYS D 26 12.99 12.29 -8.40
C LYS D 26 14.07 13.25 -7.91
N PHE D 27 14.25 13.37 -6.60
CA PHE D 27 15.19 14.37 -6.04
C PHE D 27 16.12 13.71 -5.04
N PRO D 28 17.01 12.81 -5.51
CA PRO D 28 17.90 12.13 -4.62
C PRO D 28 18.91 13.15 -4.08
N ALA D 29 19.59 12.78 -3.01
CA ALA D 29 20.56 13.69 -2.37
C ALA D 29 21.89 13.63 -3.12
N THR D 30 22.32 14.77 -3.64
CA THR D 30 23.67 14.84 -4.25
C THR D 30 24.65 14.43 -3.17
N GLU D 31 25.84 14.01 -3.55
CA GLU D 31 26.85 13.70 -2.52
C GLU D 31 27.13 14.99 -1.74
N ASN D 32 27.17 16.12 -2.42
CA ASN D 32 27.38 17.41 -1.72
C ASN D 32 26.28 17.62 -0.67
N ALA D 33 25.02 17.49 -1.05
CA ALA D 33 23.90 17.65 -0.11
C ALA D 33 24.09 16.71 1.08
N ALA D 34 24.38 15.45 0.79
CA ALA D 34 24.50 14.45 1.88
C ALA D 34 25.62 14.84 2.85
N ASN D 35 26.75 15.28 2.31
CA ASN D 35 27.91 15.67 3.14
C ASN D 35 27.52 16.90 3.99
N THR D 36 26.90 17.90 3.39
CA THR D 36 26.43 19.05 4.18
C THR D 36 25.65 18.50 5.36
N VAL D 37 24.63 17.69 5.07
CA VAL D 37 23.76 17.22 6.18
C VAL D 37 24.61 16.55 7.25
N ALA D 38 25.42 15.58 6.86
CA ALA D 38 26.19 14.79 7.84
C ALA D 38 27.10 15.68 8.68
N HIS D 39 27.87 16.54 8.02
CA HIS D 39 28.85 17.41 8.74
C HIS D 39 28.11 18.29 9.75
N ALA D 40 27.03 18.91 9.30
CA ALA D 40 26.30 19.84 10.17
C ALA D 40 25.73 19.08 11.38
N ARG D 41 25.16 17.90 11.13
CA ARG D 41 24.61 17.11 12.24
C ARG D 41 25.73 16.81 13.25
N LYS D 42 26.87 16.33 12.76
CA LYS D 42 27.98 15.92 13.67
C LYS D 42 28.52 17.14 14.43
N ALA D 43 28.54 18.30 13.80
CA ALA D 43 29.03 19.52 14.45
C ALA D 43 28.07 19.94 15.57
N ILE D 44 26.77 19.85 15.31
CA ILE D 44 25.75 20.24 16.33
C ILE D 44 25.89 19.26 17.50
N HIS D 45 26.12 17.99 17.20
CA HIS D 45 26.37 17.00 18.27
C HIS D 45 27.53 17.46 19.12
N LYS D 46 28.60 17.91 18.47
CA LYS D 46 29.82 18.32 19.19
C LYS D 46 29.50 19.52 20.07
N ILE D 47 28.74 20.47 19.54
CA ILE D 47 28.34 21.62 20.40
C ILE D 47 27.53 21.08 21.59
N LEU D 48 26.58 20.18 21.35
CA LEU D 48 25.69 19.71 22.44
C LEU D 48 26.45 18.81 23.42
N LYS D 49 27.51 18.13 22.98
CA LYS D 49 28.28 17.33 23.96
C LYS D 49 29.33 18.24 24.62
N GLY D 50 29.39 19.52 24.22
CA GLY D 50 30.32 20.47 24.82
C GLY D 50 31.77 20.25 24.41
N ASN D 51 31.99 19.70 23.22
CA ASN D 51 33.37 19.52 22.71
C ASN D 51 33.63 20.56 21.61
N ASP D 52 32.74 21.55 21.48
CA ASP D 52 32.98 22.66 20.54
C ASP D 52 32.40 23.92 21.17
N ASP D 53 33.14 25.03 21.16
CA ASP D 53 32.70 26.27 21.81
C ASP D 53 31.98 27.14 20.80
N ARG D 54 31.76 26.57 19.62
CA ARG D 54 31.06 27.33 18.56
C ARG D 54 29.58 27.42 18.90
N LEU D 55 28.91 28.38 18.31
CA LEU D 55 27.51 28.65 18.57
C LEU D 55 26.67 28.26 17.35
N LEU D 56 25.72 27.36 17.54
CA LEU D 56 24.77 27.06 16.49
C LEU D 56 23.89 28.26 16.24
N VAL D 57 23.76 28.67 14.99
CA VAL D 57 22.89 29.80 14.65
C VAL D 57 21.91 29.33 13.59
N VAL D 58 20.65 29.21 13.98
CA VAL D 58 19.56 28.85 13.07
C VAL D 58 18.89 30.15 12.65
N ILE D 59 19.02 30.53 11.38
CA ILE D 59 18.59 31.86 10.97
C ILE D 59 18.03 31.78 9.57
N GLY D 60 16.94 32.53 9.34
CA GLY D 60 16.28 32.52 8.07
C GLY D 60 14.84 33.02 8.18
N PRO D 61 14.05 32.88 7.11
CA PRO D 61 12.69 33.39 7.11
C PRO D 61 11.77 32.63 8.09
N CYS D 62 10.73 33.28 8.58
CA CYS D 62 9.72 32.61 9.43
C CYS D 62 9.10 31.49 8.60
N SER D 63 8.90 31.74 7.30
CA SER D 63 8.24 30.77 6.39
C SER D 63 8.75 30.95 4.95
N ILE D 64 8.90 29.86 4.20
CA ILE D 64 9.29 29.93 2.76
C ILE D 64 8.01 29.94 1.92
N HIS D 65 7.82 30.98 1.11
CA HIS D 65 6.65 31.07 0.19
C HIS D 65 7.17 31.27 -1.24
N ASP D 66 8.45 31.62 -1.37
CA ASP D 66 9.03 31.89 -2.71
C ASP D 66 10.41 31.24 -2.81
N PRO D 67 10.53 30.13 -3.55
CA PRO D 67 11.81 29.45 -3.70
C PRO D 67 12.92 30.34 -4.28
N VAL D 68 12.57 31.28 -5.15
CA VAL D 68 13.57 32.18 -5.73
C VAL D 68 14.21 33.04 -4.64
N ALA D 69 13.39 33.76 -3.88
CA ALA D 69 13.92 34.58 -2.80
C ALA D 69 14.66 33.73 -1.77
N ALA D 70 14.19 32.51 -1.52
CA ALA D 70 14.86 31.63 -0.56
C ALA D 70 16.24 31.21 -1.05
N LYS D 71 16.40 31.00 -2.35
CA LYS D 71 17.73 30.65 -2.86
C LYS D 71 18.66 31.86 -2.85
N GLU D 72 18.12 33.07 -3.01
CA GLU D 72 18.95 34.30 -2.91
C GLU D 72 19.42 34.45 -1.46
N TYR D 73 18.54 34.23 -0.49
CA TYR D 73 18.94 34.28 0.91
C TYR D 73 20.00 33.24 1.21
N ALA D 74 19.77 32.02 0.72
CA ALA D 74 20.74 30.96 0.99
C ALA D 74 22.12 31.41 0.53
N THR D 75 22.18 32.08 -0.63
CA THR D 75 23.48 32.47 -1.20
C THR D 75 24.15 33.50 -0.29
N ARG D 76 23.41 34.54 0.09
CA ARG D 76 23.98 35.58 0.97
C ARG D 76 24.42 34.94 2.28
N LEU D 77 23.62 34.03 2.83
CA LEU D 77 23.94 33.42 4.16
C LEU D 77 25.14 32.49 4.06
N LEU D 78 25.30 31.79 2.96
CA LEU D 78 26.42 30.84 2.84
C LEU D 78 27.73 31.62 2.96
N ALA D 79 27.74 32.85 2.46
CA ALA D 79 28.96 33.69 2.50
C ALA D 79 29.34 33.95 3.96
N LEU D 80 28.39 34.41 4.75
CA LEU D 80 28.64 34.68 6.18
C LEU D 80 28.92 33.35 6.91
N ARG D 81 28.32 32.25 6.45
CA ARG D 81 28.59 30.93 7.07
C ARG D 81 30.08 30.58 6.99
N GLU D 82 30.66 30.64 5.79
CA GLU D 82 32.10 30.26 5.61
C GLU D 82 33.00 31.32 6.25
N GLU D 83 32.56 32.57 6.25
CA GLU D 83 33.34 33.66 6.87
C GLU D 83 33.43 33.52 8.39
N LEU D 84 32.32 33.17 9.05
CA LEU D 84 32.29 33.15 10.54
C LEU D 84 32.30 31.72 11.04
N LYS D 85 32.78 30.79 10.22
CA LYS D 85 32.74 29.33 10.56
C LYS D 85 33.53 28.99 11.82
N ASP D 86 34.50 29.79 12.20
CA ASP D 86 35.33 29.39 13.38
C ASP D 86 34.57 29.79 14.67
N GLU D 87 33.58 30.66 14.55
CA GLU D 87 32.80 31.04 15.74
C GLU D 87 31.37 30.46 15.67
N LEU D 88 30.76 30.44 14.49
CA LEU D 88 29.33 30.04 14.41
C LEU D 88 29.08 28.88 13.43
N GLU D 89 28.15 27.98 13.76
CA GLU D 89 27.72 26.92 12.80
C GLU D 89 26.41 27.44 12.20
N ILE D 90 26.47 28.07 11.04
CA ILE D 90 25.25 28.72 10.51
C ILE D 90 24.37 27.71 9.76
N VAL D 91 23.09 27.64 10.13
CA VAL D 91 22.12 26.71 9.46
C VAL D 91 20.90 27.54 9.07
N MET D 92 20.45 27.40 7.83
CA MET D 92 19.34 28.25 7.34
C MET D 92 18.00 27.70 7.84
N ARG D 93 17.10 28.59 8.22
CA ARG D 93 15.75 28.18 8.64
C ARG D 93 14.93 27.97 7.37
N VAL D 94 14.66 26.72 7.04
CA VAL D 94 13.80 26.42 5.87
C VAL D 94 12.52 25.81 6.44
N TYR D 95 11.58 26.67 6.82
CA TYR D 95 10.31 26.24 7.45
C TYR D 95 9.22 26.07 6.40
N PHE D 96 8.84 24.82 6.13
CA PHE D 96 7.82 24.49 5.10
C PHE D 96 6.45 24.17 5.74
N GLU D 97 6.42 23.84 7.04
CA GLU D 97 5.10 23.64 7.72
C GLU D 97 4.95 24.65 8.87
N LYS D 98 3.81 25.34 8.93
CA LYS D 98 3.60 26.39 9.96
C LYS D 98 2.45 26.03 10.93
N PRO D 99 2.62 26.22 12.26
CA PRO D 99 1.55 25.98 13.22
C PRO D 99 0.67 27.22 13.38
N ARG D 100 -0.66 27.03 13.42
CA ARG D 100 -1.61 28.16 13.62
C ARG D 100 -2.62 27.85 14.73
N THR D 101 -3.63 28.70 14.91
CA THR D 101 -4.73 28.44 15.88
C THR D 101 -5.93 29.29 15.51
N TRP D 105 -3.17 29.80 6.34
CA TRP D 105 -2.10 29.20 5.48
C TRP D 105 -1.21 28.32 6.35
N LYS D 106 -1.18 27.01 6.07
CA LYS D 106 -0.31 26.09 6.85
C LYS D 106 1.06 26.01 6.18
N GLY D 107 1.23 26.65 5.01
CA GLY D 107 2.58 26.71 4.41
C GLY D 107 2.71 26.41 2.93
N LEU D 108 3.94 26.21 2.47
CA LEU D 108 4.19 25.96 1.03
C LEU D 108 3.85 24.52 0.68
N ILE D 109 4.14 23.57 1.57
CA ILE D 109 3.77 22.16 1.31
C ILE D 109 2.24 22.00 1.26
N ASN D 110 1.52 22.57 2.24
CA ASN D 110 0.05 22.38 2.33
C ASN D 110 -0.65 23.15 1.21
N ASP D 111 -0.20 24.37 0.90
CA ASP D 111 -0.86 25.20 -0.12
C ASP D 111 0.19 26.03 -0.85
N PRO D 112 1.04 25.43 -1.70
CA PRO D 112 2.15 26.17 -2.33
C PRO D 112 1.74 27.43 -3.10
N HIS D 113 0.60 27.39 -3.78
CA HIS D 113 0.18 28.53 -4.63
C HIS D 113 -0.56 29.54 -3.74
N MET D 114 -0.78 29.19 -2.48
CA MET D 114 -1.41 30.16 -1.56
C MET D 114 -2.80 30.58 -2.01
N ASP D 115 -3.72 29.62 -2.14
CA ASP D 115 -5.07 29.93 -2.67
C ASP D 115 -6.10 28.98 -2.08
N ASN D 116 -5.70 28.16 -1.10
CA ASN D 116 -6.62 27.13 -0.57
C ASN D 116 -6.86 26.10 -1.68
N SER D 117 -5.89 25.96 -2.58
CA SER D 117 -5.96 24.92 -3.64
C SER D 117 -5.33 23.65 -3.08
N PHE D 118 -4.52 23.78 -2.03
CA PHE D 118 -3.94 22.60 -1.33
C PHE D 118 -3.33 21.60 -2.31
N GLN D 119 -2.46 22.09 -3.19
CA GLN D 119 -1.76 21.18 -4.14
C GLN D 119 -0.54 20.62 -3.40
N ILE D 120 -0.76 19.65 -2.51
CA ILE D 120 0.34 19.15 -1.63
C ILE D 120 1.40 18.35 -2.39
N ASN D 121 1.03 17.54 -3.38
CA ASN D 121 2.04 16.83 -4.16
C ASN D 121 3.03 17.81 -4.80
N ASP D 122 2.51 18.93 -5.27
CA ASP D 122 3.38 20.00 -5.86
C ASP D 122 4.20 20.63 -4.74
N GLY D 123 3.56 20.85 -3.58
CA GLY D 123 4.28 21.47 -2.48
C GLY D 123 5.41 20.59 -1.97
N LEU D 124 5.16 19.27 -1.90
CA LEU D 124 6.24 18.35 -1.57
C LEU D 124 7.36 18.42 -2.59
N ARG D 125 7.01 18.49 -3.88
CA ARG D 125 8.04 18.56 -4.91
C ARG D 125 8.85 19.84 -4.79
N ILE D 126 8.17 20.97 -4.63
CA ILE D 126 8.87 22.24 -4.48
C ILE D 126 9.75 22.23 -3.24
N ALA D 127 9.22 21.79 -2.10
CA ALA D 127 10.01 21.84 -0.85
C ALA D 127 11.25 20.94 -0.95
N ARG D 128 11.11 19.72 -1.48
CA ARG D 128 12.28 18.82 -1.51
C ARG D 128 13.35 19.42 -2.44
N LYS D 129 12.91 19.99 -3.56
CA LYS D 129 13.86 20.59 -4.54
C LYS D 129 14.62 21.74 -3.87
N LEU D 130 13.90 22.64 -3.20
CA LEU D 130 14.55 23.81 -2.56
C LEU D 130 15.53 23.33 -1.50
N LEU D 131 15.10 22.39 -0.65
CA LEU D 131 16.00 21.82 0.39
C LEU D 131 17.22 21.18 -0.26
N LEU D 132 17.04 20.46 -1.35
CA LEU D 132 18.15 19.75 -2.03
C LEU D 132 19.12 20.79 -2.59
N ASP D 133 18.59 21.83 -3.21
CA ASP D 133 19.43 22.89 -3.81
C ASP D 133 20.25 23.57 -2.70
N ILE D 134 19.60 23.99 -1.62
CA ILE D 134 20.29 24.70 -0.51
C ILE D 134 21.41 23.81 0.04
N ASN D 135 21.11 22.54 0.35
CA ASN D 135 22.12 21.61 0.90
C ASN D 135 23.27 21.38 -0.11
N ASP D 136 22.93 21.18 -1.37
CA ASP D 136 23.96 20.96 -2.43
C ASP D 136 24.94 22.13 -2.38
N SER D 137 24.43 23.35 -2.20
CA SER D 137 25.29 24.56 -2.12
C SER D 137 26.30 24.44 -0.99
N GLY D 138 25.90 23.88 0.14
CA GLY D 138 26.78 23.81 1.34
C GLY D 138 26.12 24.46 2.53
N LEU D 139 24.90 24.98 2.35
CA LEU D 139 24.15 25.59 3.46
C LEU D 139 23.25 24.53 4.08
N PRO D 140 23.53 24.07 5.31
CA PRO D 140 22.65 23.12 5.98
C PRO D 140 21.34 23.81 6.28
N ALA D 141 20.27 23.01 6.46
CA ALA D 141 18.94 23.59 6.66
C ALA D 141 18.31 23.12 7.98
N ALA D 142 17.39 23.92 8.49
CA ALA D 142 16.70 23.61 9.75
C ALA D 142 15.20 23.65 9.48
N GLY D 143 14.45 22.76 10.13
CA GLY D 143 13.04 22.67 9.85
C GLY D 143 12.24 22.46 11.12
N GLU D 144 10.97 22.79 11.03
CA GLU D 144 10.02 22.54 12.10
C GLU D 144 9.24 21.28 11.75
N PHE D 145 9.10 20.38 12.71
CA PHE D 145 8.38 19.10 12.46
C PHE D 145 6.98 19.19 13.05
N LEU D 146 5.99 19.54 12.23
CA LEU D 146 4.58 19.68 12.70
C LEU D 146 3.76 18.43 12.34
N ASP D 147 4.00 17.86 11.17
CA ASP D 147 3.21 16.70 10.68
C ASP D 147 3.99 15.41 10.93
N MET D 148 3.28 14.30 11.01
CA MET D 148 3.90 12.97 11.26
C MET D 148 4.22 12.28 9.93
N ILE D 149 3.76 12.82 8.82
CA ILE D 149 3.94 12.16 7.49
C ILE D 149 4.96 12.92 6.62
N THR D 150 4.89 14.24 6.63
CA THR D 150 5.81 15.09 5.81
C THR D 150 7.29 14.73 6.06
N PRO D 151 7.74 14.49 7.31
CA PRO D 151 9.16 14.21 7.58
C PRO D 151 9.85 13.17 6.69
N GLN D 152 9.13 12.14 6.27
CA GLN D 152 9.73 11.05 5.45
C GLN D 152 10.15 11.58 4.07
N TYR D 153 9.57 12.69 3.64
CA TYR D 153 9.91 13.30 2.33
C TYR D 153 11.03 14.34 2.44
N LEU D 154 11.41 14.75 3.65
CA LEU D 154 12.37 15.89 3.77
C LEU D 154 13.44 15.71 4.85
N ALA D 155 13.27 14.81 5.82
CA ALA D 155 14.19 14.74 6.98
C ALA D 155 15.64 14.35 6.63
N ASP D 156 15.86 13.75 5.47
CA ASP D 156 17.22 13.36 5.03
C ASP D 156 18.03 14.62 4.69
N LEU D 157 17.36 15.73 4.40
CA LEU D 157 18.03 17.00 4.01
C LEU D 157 18.00 18.00 5.17
N MET D 158 17.67 17.52 6.36
CA MET D 158 17.55 18.41 7.54
CA MET D 158 17.58 18.42 7.54
C MET D 158 18.70 18.10 8.56
N SER D 159 19.38 19.17 8.98
CA SER D 159 20.53 18.99 9.90
C SER D 159 20.10 19.29 11.35
N TRP D 160 18.94 19.92 11.52
CA TRP D 160 18.43 20.26 12.83
C TRP D 160 16.94 20.52 12.69
N GLY D 161 16.19 20.25 13.75
CA GLY D 161 14.76 20.43 13.69
C GLY D 161 14.18 20.93 14.99
N ALA D 162 13.02 21.58 14.88
CA ALA D 162 12.31 22.09 16.04
C ALA D 162 10.94 21.44 16.15
N ILE D 163 10.55 21.11 17.36
CA ILE D 163 9.16 20.80 17.68
C ILE D 163 8.52 22.08 18.20
N GLY D 164 7.44 22.50 17.55
CA GLY D 164 6.79 23.75 17.92
C GLY D 164 6.26 23.75 19.35
N ALA D 165 6.13 24.97 19.90
CA ALA D 165 5.68 25.11 21.29
C ALA D 165 4.31 24.49 21.51
N ARG D 166 3.44 24.49 20.49
CA ARG D 166 2.12 23.92 20.70
C ARG D 166 2.14 22.39 20.76
N THR D 167 3.25 21.75 20.40
CA THR D 167 3.30 20.29 20.40
C THR D 167 4.45 19.72 21.22
N THR D 168 5.14 20.56 22.02
CA THR D 168 6.17 20.06 22.92
C THR D 168 5.62 19.00 23.87
N GLU D 169 4.40 19.21 24.36
CA GLU D 169 3.81 18.30 25.33
C GLU D 169 3.21 17.06 24.69
N SER D 170 3.13 16.99 23.36
CA SER D 170 2.38 15.93 22.71
C SER D 170 3.21 14.67 22.55
N GLN D 171 2.68 13.55 23.04
CA GLN D 171 3.38 12.27 22.96
C GLN D 171 3.75 11.91 21.54
N VAL D 172 2.91 12.24 20.57
CA VAL D 172 3.18 11.77 19.21
C VAL D 172 4.37 12.54 18.61
N HIS D 173 4.57 13.78 19.01
CA HIS D 173 5.75 14.56 18.52
C HIS D 173 7.03 14.13 19.25
N ARG D 174 6.92 13.73 20.51
CA ARG D 174 8.09 13.22 21.27
C ARG D 174 8.52 11.89 20.64
N GLU D 175 7.56 11.04 20.27
CA GLU D 175 7.85 9.76 19.57
C GLU D 175 8.61 10.05 18.26
N LEU D 176 8.13 11.01 17.48
CA LEU D 176 8.80 11.41 16.22
C LEU D 176 10.21 11.89 16.52
N ALA D 177 10.36 12.72 17.54
CA ALA D 177 11.69 13.27 17.91
C ALA D 177 12.63 12.12 18.26
N SER D 178 12.11 11.09 18.93
CA SER D 178 12.94 9.98 19.36
C SER D 178 13.50 9.17 18.20
N GLY D 179 12.94 9.33 17.00
CA GLY D 179 13.42 8.57 15.84
C GLY D 179 14.08 9.40 14.77
N LEU D 180 14.15 10.72 14.98
CA LEU D 180 14.75 11.62 13.97
C LEU D 180 16.27 11.46 13.96
N SER D 181 16.89 11.57 12.78
CA SER D 181 18.34 11.37 12.64
C SER D 181 19.06 12.68 12.98
N CYS D 182 18.30 13.76 13.12
CA CYS D 182 18.89 15.09 13.36
C CYS D 182 18.68 15.52 14.81
N PRO D 183 19.51 16.44 15.32
CA PRO D 183 19.31 16.98 16.65
C PRO D 183 17.95 17.70 16.67
N VAL D 184 17.33 17.82 17.85
CA VAL D 184 15.97 18.42 17.94
C VAL D 184 15.87 19.43 19.09
N GLY D 185 15.23 20.55 18.83
CA GLY D 185 15.00 21.54 19.88
C GLY D 185 13.54 21.56 20.30
N PHE D 186 13.30 21.64 21.59
CA PHE D 186 11.93 21.75 22.11
C PHE D 186 11.72 23.12 22.72
N LYS D 187 10.67 23.78 22.26
CA LYS D 187 10.34 25.10 22.78
C LYS D 187 9.66 25.01 24.13
N ASN D 188 9.97 25.96 25.01
CA ASN D 188 9.22 26.04 26.28
C ASN D 188 7.79 26.40 25.89
N GLY D 189 6.82 26.06 26.73
CA GLY D 189 5.41 26.33 26.43
C GLY D 189 5.03 27.79 26.58
N THR D 190 3.85 28.15 26.11
CA THR D 190 3.45 29.58 26.14
C THR D 190 3.24 29.91 27.62
N ASP D 191 4.27 30.44 28.29
CA ASP D 191 4.14 30.90 29.70
C ASP D 191 5.53 30.92 30.38
N GLY D 192 6.58 30.66 29.60
CA GLY D 192 7.97 30.70 30.13
C GLY D 192 8.40 29.49 30.93
N THR D 193 7.51 28.51 31.10
CA THR D 193 7.83 27.32 31.93
C THR D 193 8.57 26.27 31.09
N ILE D 194 9.57 25.61 31.66
CA ILE D 194 10.41 24.66 30.89
C ILE D 194 10.04 23.21 31.19
N LYS D 195 9.10 22.96 32.12
CA LYS D 195 8.81 21.56 32.55
C LYS D 195 8.37 20.66 31.38
N VAL D 196 7.40 21.12 30.59
CA VAL D 196 6.94 20.34 29.41
C VAL D 196 8.15 20.10 28.51
N ALA D 197 9.07 21.07 28.45
CA ALA D 197 10.20 20.89 27.54
C ALA D 197 11.23 19.93 28.13
N ILE D 198 11.47 20.00 29.45
CA ILE D 198 12.37 19.03 30.06
C ILE D 198 11.77 17.63 29.96
N ASP D 199 10.47 17.50 30.27
CA ASP D 199 9.75 16.24 30.03
C ASP D 199 9.93 15.76 28.58
N ALA D 200 9.82 16.67 27.60
CA ALA D 200 9.94 16.26 26.21
C ALA D 200 11.33 15.76 25.88
N ILE D 201 12.35 16.39 26.46
CA ILE D 201 13.72 15.94 26.22
C ILE D 201 13.91 14.55 26.80
N ASN D 202 13.44 14.32 28.04
CA ASN D 202 13.57 12.99 28.64
C ASN D 202 12.80 11.94 27.84
N ALA D 203 11.58 12.27 27.38
CA ALA D 203 10.81 11.27 26.62
C ALA D 203 11.45 10.99 25.27
N ALA D 204 11.95 12.03 24.58
CA ALA D 204 12.54 11.81 23.26
C ALA D 204 13.87 11.08 23.33
N GLY D 205 14.56 11.16 24.47
CA GLY D 205 15.76 10.37 24.68
C GLY D 205 15.52 8.87 24.85
N ALA D 206 14.30 8.48 25.13
CA ALA D 206 14.04 7.07 25.37
C ALA D 206 13.61 6.39 24.08
N PRO D 207 13.80 5.08 23.99
CA PRO D 207 13.29 4.35 22.82
C PRO D 207 11.77 4.28 22.85
N HIS D 208 11.17 4.30 21.66
CA HIS D 208 9.72 4.26 21.54
C HIS D 208 9.30 3.27 20.47
N CYS D 209 8.08 2.76 20.60
CA CYS D 209 7.44 1.95 19.57
C CYS D 209 6.08 2.55 19.29
N PHE D 210 5.78 2.78 18.01
CA PHE D 210 4.56 3.50 17.63
C PHE D 210 4.30 3.27 16.15
N LEU D 211 3.10 3.67 15.71
CA LEU D 211 2.70 3.51 14.32
C LEU D 211 3.10 4.73 13.51
N SER D 212 3.65 4.49 12.33
CA SER D 212 4.10 5.57 11.46
C SER D 212 3.97 5.09 10.01
N VAL D 213 4.18 6.03 9.07
CA VAL D 213 4.09 5.75 7.64
C VAL D 213 5.51 5.62 7.10
N THR D 214 5.76 4.56 6.34
CA THR D 214 7.09 4.28 5.80
C THR D 214 7.36 5.11 4.54
N LYS D 215 8.55 4.96 3.97
CA LYS D 215 8.93 5.68 2.72
C LYS D 215 8.06 5.18 1.56
N TRP D 216 7.43 4.02 1.72
CA TRP D 216 6.56 3.43 0.66
C TRP D 216 5.12 3.94 0.76
N GLY D 217 4.80 4.77 1.75
CA GLY D 217 3.45 5.35 1.87
C GLY D 217 2.48 4.44 2.61
N HIS D 218 2.99 3.47 3.33
CA HIS D 218 2.15 2.51 4.07
C HIS D 218 2.36 2.63 5.58
N SER D 219 1.30 2.44 6.35
CA SER D 219 1.40 2.43 7.82
C SER D 219 2.21 1.20 8.22
N ALA D 220 2.97 1.32 9.30
CA ALA D 220 3.76 0.19 9.82
C ALA D 220 4.16 0.45 11.27
N ILE D 221 4.65 -0.57 11.95
CA ILE D 221 5.16 -0.40 13.31
C ILE D 221 6.64 -0.03 13.22
N VAL D 222 7.03 1.05 13.87
CA VAL D 222 8.44 1.44 13.92
C VAL D 222 8.90 1.41 15.36
N ASN D 223 10.18 1.08 15.55
CA ASN D 223 10.82 1.16 16.88
C ASN D 223 11.97 2.16 16.76
N THR D 224 12.16 3.02 17.75
CA THR D 224 13.21 4.03 17.72
C THR D 224 14.20 3.81 18.86
N SER D 225 15.40 4.38 18.68
CA SER D 225 16.44 4.24 19.69
C SER D 225 16.37 5.28 20.78
N GLY D 226 15.67 6.38 20.56
CA GLY D 226 15.85 7.52 21.45
C GLY D 226 16.82 8.52 20.86
N ASN D 227 16.61 9.80 21.18
CA ASN D 227 17.40 10.89 20.62
C ASN D 227 18.05 11.68 21.75
N GLY D 228 19.34 11.45 21.94
CA GLY D 228 20.10 12.20 22.91
C GLY D 228 20.55 13.57 22.46
N ASP D 229 20.32 13.92 21.20
CA ASP D 229 20.70 15.24 20.72
C ASP D 229 19.56 16.24 20.80
N CYS D 230 18.84 16.27 21.94
CA CYS D 230 17.73 17.18 22.11
C CYS D 230 18.06 18.22 23.17
N HIS D 231 17.55 19.43 22.98
CA HIS D 231 17.83 20.53 23.89
C HIS D 231 16.65 21.47 23.93
N ILE D 232 16.70 22.43 24.85
CA ILE D 232 15.57 23.38 25.03
C ILE D 232 15.73 24.59 24.12
N ILE D 233 14.62 25.25 23.80
CA ILE D 233 14.67 26.51 23.03
C ILE D 233 13.84 27.51 23.82
N LEU D 234 14.49 28.56 24.34
CA LEU D 234 13.77 29.60 25.11
C LEU D 234 13.14 30.57 24.10
N ARG D 235 11.82 30.70 24.14
CA ARG D 235 11.08 31.55 23.18
C ARG D 235 10.16 32.47 23.95
N GLY D 236 10.14 32.30 25.28
CA GLY D 236 9.37 33.23 26.12
C GLY D 236 7.92 32.88 26.33
N GLY D 237 7.19 33.79 26.96
CA GLY D 237 5.74 33.61 27.18
C GLY D 237 5.07 34.95 27.32
N LYS D 238 4.39 35.17 28.44
CA LYS D 238 3.82 36.51 28.72
C LYS D 238 4.99 37.47 28.80
N GLU D 239 6.12 37.00 29.35
CA GLU D 239 7.33 37.85 29.47
C GLU D 239 8.53 37.15 28.82
N PRO D 240 9.53 37.89 28.31
CA PRO D 240 10.72 37.28 27.70
C PRO D 240 11.53 36.48 28.72
N ASN D 241 12.20 35.43 28.23
CA ASN D 241 12.99 34.57 29.11
C ASN D 241 14.40 34.35 28.55
N TYR D 242 15.00 35.39 27.98
CA TYR D 242 16.38 35.30 27.49
C TYR D 242 17.42 35.89 28.44
N SER D 243 16.99 36.63 29.46
CA SER D 243 17.96 37.31 30.38
C SER D 243 18.84 36.30 31.12
N ALA D 244 19.87 36.80 31.80
CA ALA D 244 20.80 35.92 32.55
C ALA D 244 20.08 35.25 33.71
N LYS D 245 19.21 35.97 34.38
CA LYS D 245 18.44 35.36 35.48
C LYS D 245 17.66 34.17 34.91
N HIS D 246 16.99 34.39 33.78
CA HIS D 246 16.16 33.32 33.17
C HIS D 246 17.05 32.11 32.80
N VAL D 247 18.23 32.35 32.23
CA VAL D 247 19.09 31.22 31.78
C VAL D 247 19.51 30.44 33.02
N ALA D 248 19.82 31.15 34.08
CA ALA D 248 20.31 30.50 35.31
C ALA D 248 19.19 29.61 35.89
N GLU D 249 17.97 30.13 35.93
CA GLU D 249 16.83 29.31 36.41
C GLU D 249 16.72 28.08 35.51
N VAL D 250 16.77 28.28 34.19
CA VAL D 250 16.59 27.14 33.26
C VAL D 250 17.73 26.14 33.48
N LYS D 251 18.94 26.62 33.69
CA LYS D 251 20.13 25.75 33.91
C LYS D 251 19.94 24.94 35.19
N GLU D 252 19.49 25.57 36.27
CA GLU D 252 19.24 24.82 37.54
C GLU D 252 18.16 23.76 37.30
N GLY D 253 17.10 24.12 36.58
CA GLY D 253 16.04 23.14 36.31
C GLY D 253 16.58 21.96 35.54
N LEU D 254 17.37 22.27 34.52
CA LEU D 254 17.94 21.20 33.68
C LEU D 254 18.81 20.32 34.57
N ASN D 255 19.68 20.90 35.39
CA ASN D 255 20.63 20.10 36.23
C ASN D 255 19.87 19.22 37.21
N LYS D 256 18.77 19.74 37.78
CA LYS D 256 17.92 18.94 38.70
C LYS D 256 17.30 17.77 37.95
N ALA D 257 16.75 18.01 36.75
CA ALA D 257 16.17 16.95 35.89
C ALA D 257 17.24 15.95 35.43
N GLY D 258 18.50 16.33 35.51
CA GLY D 258 19.59 15.38 35.21
C GLY D 258 20.09 15.57 33.80
N LEU D 259 19.77 16.71 33.18
CA LEU D 259 20.13 16.93 31.75
C LEU D 259 21.23 17.99 31.63
N PRO D 260 22.02 17.96 30.54
CA PRO D 260 23.03 18.97 30.30
C PRO D 260 22.41 20.37 30.41
N ALA D 261 23.09 21.27 31.12
CA ALA D 261 22.56 22.63 31.31
C ALA D 261 22.92 23.45 30.08
N GLN D 262 22.12 23.32 29.04
CA GLN D 262 22.41 24.03 27.77
C GLN D 262 21.10 24.60 27.25
N VAL D 263 21.18 25.69 26.50
CA VAL D 263 19.93 26.35 26.04
C VAL D 263 20.13 27.02 24.70
N MET D 264 19.14 26.90 23.84
CA MET D 264 19.08 27.72 22.65
C MET D 264 18.11 28.87 22.91
N ILE D 265 18.44 30.07 22.46
CA ILE D 265 17.61 31.24 22.74
C ILE D 265 17.01 31.74 21.43
N ASP D 266 15.69 31.78 21.38
CA ASP D 266 14.97 32.28 20.22
C ASP D 266 14.84 33.79 20.40
N PHE D 267 15.36 34.56 19.44
CA PHE D 267 15.35 36.02 19.57
C PHE D 267 14.00 36.62 19.22
N SER D 268 13.18 35.84 18.52
CA SER D 268 11.90 36.38 18.00
C SER D 268 10.72 35.98 18.88
N HIS D 269 9.51 36.15 18.35
CA HIS D 269 8.28 35.73 19.07
C HIS D 269 8.15 36.49 20.39
N ALA D 270 7.90 35.79 21.49
CA ALA D 270 7.64 36.46 22.79
C ALA D 270 8.90 37.15 23.25
N ASN D 271 10.05 36.54 22.97
CA ASN D 271 11.34 37.14 23.39
C ASN D 271 11.48 38.52 22.75
N SER D 272 10.76 38.77 21.65
CA SER D 272 10.81 40.08 20.95
C SER D 272 9.49 40.79 21.16
N SER D 273 8.58 40.15 21.88
CA SER D 273 7.23 40.72 22.08
C SER D 273 6.63 41.03 20.71
N LYS D 274 6.75 40.10 19.76
CA LYS D 274 6.14 40.25 18.41
C LYS D 274 6.65 41.53 17.72
N GLN D 275 7.92 41.90 17.94
CA GLN D 275 8.51 43.08 17.26
C GLN D 275 9.87 42.68 16.68
N PHE D 276 10.04 42.74 15.35
CA PHE D 276 11.28 42.20 14.69
C PHE D 276 12.56 42.94 15.08
N LYS D 277 12.49 44.24 15.35
CA LYS D 277 13.70 45.03 15.70
C LYS D 277 14.24 44.66 17.10
N LYS D 278 13.36 44.24 18.01
CA LYS D 278 13.77 43.82 19.37
C LYS D 278 14.70 42.60 19.29
N GLN D 279 14.70 41.90 18.15
CA GLN D 279 15.65 40.77 18.00
C GLN D 279 17.06 41.31 18.15
N MET D 280 17.31 42.52 17.66
CA MET D 280 18.66 43.14 17.77
C MET D 280 18.97 43.40 19.26
N ASP D 281 17.97 43.81 20.04
CA ASP D 281 18.15 44.04 21.50
C ASP D 281 18.48 42.73 22.22
N VAL D 282 17.74 41.66 21.94
CA VAL D 282 18.06 40.34 22.53
C VAL D 282 19.49 39.99 22.12
N CYS D 283 19.82 40.16 20.84
CA CYS D 283 21.20 39.91 20.37
C CYS D 283 22.14 40.67 21.27
N ALA D 284 21.93 41.98 21.38
CA ALA D 284 22.79 42.69 22.36
C ALA D 284 22.92 41.89 23.65
N ASP D 285 21.81 41.63 24.32
CA ASP D 285 21.87 40.94 25.65
C ASP D 285 22.59 39.58 25.61
N VAL D 286 22.24 38.70 24.68
CA VAL D 286 22.82 37.31 24.63
C VAL D 286 24.32 37.42 24.34
N CYS D 287 24.70 38.40 23.52
CA CYS D 287 26.14 38.61 23.19
C CYS D 287 26.86 39.02 24.47
N GLN D 288 26.27 39.95 25.22
CA GLN D 288 26.85 40.33 26.53
C GLN D 288 27.00 39.07 27.40
N GLN D 289 26.00 38.17 27.40
CA GLN D 289 26.07 36.97 28.28
C GLN D 289 27.17 36.02 27.79
N ILE D 290 27.21 35.71 26.50
CA ILE D 290 28.21 34.83 25.89
C ILE D 290 29.60 35.40 26.08
N ALA D 291 29.77 36.69 25.78
CA ALA D 291 31.10 37.35 25.92
C ALA D 291 31.55 37.33 27.38
N GLY D 292 30.62 37.29 28.33
CA GLY D 292 30.97 37.23 29.76
C GLY D 292 31.34 35.83 30.22
N GLY D 293 31.17 34.83 29.36
CA GLY D 293 31.59 33.47 29.73
C GLY D 293 30.42 32.50 29.89
N GLU D 294 29.27 32.80 29.29
CA GLU D 294 28.14 31.83 29.36
C GLU D 294 28.35 30.72 28.34
N LYS D 295 28.79 29.55 28.79
CA LYS D 295 29.01 28.39 27.89
C LYS D 295 27.71 27.59 27.70
N ALA D 296 26.64 27.94 28.42
CA ALA D 296 25.37 27.17 28.37
C ALA D 296 24.53 27.57 27.16
N ILE D 297 24.76 28.76 26.59
CA ILE D 297 24.02 29.18 25.36
C ILE D 297 24.74 28.53 24.18
N ILE D 298 24.23 27.40 23.71
CA ILE D 298 24.90 26.65 22.62
C ILE D 298 24.25 27.00 21.27
N GLY D 299 23.24 27.87 21.25
CA GLY D 299 22.63 28.20 19.97
C GLY D 299 21.68 29.35 20.10
N VAL D 300 21.32 29.93 18.96
CA VAL D 300 20.31 31.01 18.91
C VAL D 300 19.42 30.80 17.68
N MET D 301 18.29 31.50 17.62
CA MET D 301 17.35 31.40 16.48
C MET D 301 16.89 32.82 16.14
N VAL D 302 16.98 33.20 14.87
CA VAL D 302 16.62 34.58 14.44
C VAL D 302 15.72 34.49 13.21
N GLU D 303 14.70 35.33 13.17
CA GLU D 303 13.82 35.37 11.99
C GLU D 303 14.35 36.48 11.07
N SER D 304 15.04 36.09 9.99
CA SER D 304 15.67 37.05 9.06
C SER D 304 15.20 36.82 7.63
N HIS D 305 15.01 37.90 6.88
CA HIS D 305 14.71 37.76 5.43
C HIS D 305 15.62 38.75 4.68
N LEU D 306 15.51 38.78 3.36
CA LEU D 306 16.32 39.73 2.55
C LEU D 306 15.75 41.11 2.83
N VAL D 307 14.43 41.21 2.91
CA VAL D 307 13.77 42.51 3.19
C VAL D 307 13.08 42.43 4.55
N GLU D 308 12.99 43.54 5.28
CA GLU D 308 12.44 43.52 6.65
C GLU D 308 10.92 43.67 6.66
N GLY D 309 10.29 43.25 7.76
CA GLY D 309 8.84 43.46 7.91
C GLY D 309 8.01 42.25 7.58
N ASN D 310 6.74 42.47 7.25
CA ASN D 310 5.86 41.34 6.83
C ASN D 310 4.78 41.86 5.86
N GLN D 311 3.94 40.97 5.33
CA GLN D 311 2.84 41.37 4.42
C GLN D 311 1.69 40.37 4.57
N SER D 312 0.55 40.65 3.95
CA SER D 312 -0.61 39.75 4.18
C SER D 312 -1.22 39.21 2.87
N LEU D 313 -1.96 38.11 2.96
CA LEU D 313 -2.62 37.49 1.77
C LEU D 313 -1.56 37.20 0.70
N LEU D 319 2.64 40.44 -4.33
CA LEU D 319 3.39 40.49 -3.05
C LEU D 319 4.77 41.11 -3.29
N ALA D 320 5.38 41.68 -2.25
CA ALA D 320 6.75 42.22 -2.35
C ALA D 320 7.76 41.08 -2.31
N TYR D 321 8.92 41.26 -2.94
CA TYR D 321 9.95 40.19 -3.01
C TYR D 321 10.79 40.14 -1.74
N GLY D 322 11.18 38.95 -1.31
CA GLY D 322 12.07 38.79 -0.16
C GLY D 322 11.48 39.36 1.12
N LYS D 323 10.16 39.37 1.24
CA LYS D 323 9.50 39.85 2.48
C LYS D 323 8.55 38.77 3.01
N SER D 324 8.45 38.63 4.34
CA SER D 324 7.64 37.55 4.95
C SER D 324 6.14 37.76 4.77
N ILE D 325 5.41 36.67 4.62
CA ILE D 325 3.92 36.74 4.55
C ILE D 325 3.43 36.14 5.86
N THR D 326 4.36 35.80 6.77
CA THR D 326 4.02 35.24 8.10
C THR D 326 4.50 36.22 9.18
N ASP D 327 5.29 35.76 10.17
CA ASP D 327 5.87 36.66 11.18
C ASP D 327 6.82 37.67 10.54
N ALA D 328 7.03 38.78 11.25
CA ALA D 328 7.93 39.81 10.75
C ALA D 328 9.39 39.46 11.07
N CYS D 329 10.28 39.73 10.12
CA CYS D 329 11.68 39.35 10.22
C CYS D 329 12.59 40.57 10.13
N ILE D 330 13.86 40.36 10.42
CA ILE D 330 14.86 41.45 10.23
C ILE D 330 15.41 41.37 8.81
N GLY D 331 15.81 42.50 8.23
CA GLY D 331 16.39 42.54 6.86
C GLY D 331 17.83 42.07 6.83
N TRP D 332 18.47 42.10 5.66
CA TRP D 332 19.84 41.54 5.51
C TRP D 332 20.91 42.38 6.21
N GLU D 333 20.76 43.69 6.30
CA GLU D 333 21.85 44.51 6.91
C GLU D 333 21.91 44.16 8.41
N ASP D 334 20.77 44.26 9.06
CA ASP D 334 20.69 43.83 10.48
C ASP D 334 21.22 42.40 10.60
N THR D 335 20.90 41.50 9.65
CA THR D 335 21.31 40.07 9.76
C THR D 335 22.84 39.96 9.75
N ASP D 336 23.49 40.63 8.81
CA ASP D 336 24.98 40.64 8.74
C ASP D 336 25.54 41.13 10.08
N ALA D 337 24.98 42.25 10.54
CA ALA D 337 25.47 42.82 11.80
C ALA D 337 25.32 41.83 12.96
N LEU D 338 24.16 41.17 13.07
CA LEU D 338 23.88 40.24 14.20
C LEU D 338 24.83 39.07 14.14
N LEU D 339 25.07 38.56 12.93
CA LEU D 339 25.94 37.37 12.83
C LEU D 339 27.34 37.79 13.32
N ARG D 340 27.80 38.97 12.91
CA ARG D 340 29.16 39.42 13.31
C ARG D 340 29.20 39.63 14.83
N GLN D 341 28.15 40.22 15.40
CA GLN D 341 28.10 40.43 16.87
C GLN D 341 28.23 39.08 17.58
N LEU D 342 27.46 38.07 17.14
CA LEU D 342 27.51 36.76 17.84
C LEU D 342 28.91 36.18 17.69
N ALA D 343 29.49 36.30 16.51
CA ALA D 343 30.83 35.73 16.28
C ALA D 343 31.85 36.38 17.23
N ASN D 344 31.79 37.70 17.36
CA ASN D 344 32.76 38.43 18.22
C ASN D 344 32.53 38.01 19.68
N ALA D 345 31.25 37.84 20.05
CA ALA D 345 30.91 37.40 21.41
C ALA D 345 31.53 36.02 21.69
N VAL D 346 31.43 35.12 20.74
CA VAL D 346 31.96 33.74 20.96
C VAL D 346 33.48 33.82 21.02
N LYS D 347 34.04 34.73 20.23
CA LYS D 347 35.52 34.92 20.25
C LYS D 347 35.94 35.36 21.65
N ALA D 348 35.20 36.29 22.23
CA ALA D 348 35.52 36.77 23.60
C ALA D 348 35.30 35.65 24.63
N ARG D 349 34.27 34.83 24.45
CA ARG D 349 34.09 33.70 25.40
C ARG D 349 35.32 32.80 25.32
N ARG D 350 35.84 32.59 24.12
CA ARG D 350 36.99 31.68 23.96
C ARG D 350 38.23 32.33 24.57
N GLY D 351 38.35 33.66 24.42
CA GLY D 351 39.54 34.38 24.88
C GLY D 351 39.51 34.72 26.36
PR PR E . -15.29 -28.21 -17.27
PR PR F . -21.31 -6.56 -0.76
CAC FLC G . -21.37 -3.79 -2.03
CA FLC G . -19.97 -3.42 -2.47
CB FLC G . -18.95 -4.58 -2.37
CBC FLC G . -18.78 -5.10 -0.95
CG FLC G . -19.31 -5.58 -3.45
CGC FLC G . -18.08 -6.28 -4.02
OA1 FLC G . -22.19 -4.24 -2.86
OA2 FLC G . -21.73 -3.66 -0.84
OB1 FLC G . -18.13 -6.14 -0.75
OB2 FLC G . -19.26 -4.50 0.03
OG1 FLC G . -17.19 -5.71 -4.68
OG2 FLC G . -17.98 -7.50 -3.80
OHB FLC G . -17.69 -4.07 -2.64
HA1 FLC G . -19.63 -2.61 -1.84
HA2 FLC G . -20.01 -3.08 -3.49
HG1 FLC G . -19.98 -6.32 -3.05
HG2 FLC G . -19.81 -5.06 -4.26
HOB FLC G . -17.04 -4.57 -2.18
PR PR H . 13.46 -12.96 -31.03
PR PR I . 20.93 -0.06 -7.20
P PO4 J . 14.41 -19.70 -25.92
O1 PO4 J . 15.92 -19.84 -25.93
O2 PO4 J . 13.79 -20.75 -26.82
O3 PO4 J . 14.02 -18.32 -26.40
O4 PO4 J . 13.90 -19.91 -24.49
CAC FLC K . 20.59 -1.52 -4.42
CA FLC K . 19.79 -2.40 -5.39
CB FLC K . 18.37 -2.04 -5.67
CBC FLC K . 17.90 -0.62 -5.45
CG FLC K . 18.01 -2.47 -7.11
CGC FLC K . 17.35 -3.83 -7.05
OA1 FLC K . 20.57 -0.27 -4.42
OA2 FLC K . 21.34 -2.07 -3.58
OB1 FLC K . 18.28 0.27 -6.21
OB2 FLC K . 17.08 -0.38 -4.53
OG1 FLC K . 18.02 -4.81 -6.68
OG2 FLC K . 16.16 -4.02 -7.34
OHB FLC K . 17.61 -2.82 -4.81
HA1 FLC K . 19.77 -3.40 -4.95
HA2 FLC K . 20.31 -2.49 -6.33
HG1 FLC K . 17.33 -1.74 -7.55
HG2 FLC K . 18.89 -2.53 -7.73
HOB FLC K . 17.89 -2.67 -3.93
C ACT L . 20.44 2.81 -7.55
O ACT L . 21.27 2.23 -8.31
OXT ACT L . 19.94 2.19 -6.60
CH3 ACT L . 20.04 4.25 -7.81
H1 ACT L . 19.00 4.38 -7.56
H2 ACT L . 20.66 4.91 -7.23
H3 ACT L . 20.18 4.46 -8.87
N1 52L M . -6.66 12.61 31.36
C4 52L M . -3.06 10.15 31.66
C5 52L M . -2.24 9.75 32.92
C6 52L M . -0.74 10.17 32.71
C17 52L M . -7.85 10.60 30.68
O30 52L M . -8.91 11.20 30.54
O29 52L M . -7.70 9.34 30.69
C1 52L M . -6.55 11.41 30.89
O27 52L M . -5.53 13.22 31.51
C2 52L M . -5.26 10.75 30.58
C3 52L M . -4.60 10.28 31.90
O3 52L M . -5.21 9.08 32.25
O4 52L M . -2.86 9.18 30.66
O5 52L M . -2.79 10.39 34.05
O6 52L M . -0.04 9.40 33.60
P 52L M . 1.70 9.81 33.90
O2P 52L M . 2.05 8.73 34.90
O3P 52L M . 1.54 11.21 34.44
O1P 52L M . 2.29 9.64 32.54
PR PR N . -6.60 8.90 33.93
PR PR O . -0.42 -12.89 17.50
CAC FLC P . 1.85 -8.25 16.83
CA FLC P . 2.77 -9.38 16.38
CB FLC P . 2.08 -10.73 16.38
CBC FLC P . 0.97 -10.68 15.33
CG FLC P . 3.18 -11.71 15.98
CGC FLC P . 2.68 -13.11 15.63
OA1 FLC P . 2.00 -7.12 16.33
OA2 FLC P . 0.97 -8.43 17.70
OB1 FLC P . 1.07 -9.89 14.37
OB2 FLC P . -0.06 -11.38 15.39
OG1 FLC P . 2.90 -13.57 14.48
OG2 FLC P . 2.11 -13.83 16.47
OHB FLC P . 1.68 -11.00 17.67
HA1 FLC P . 3.62 -9.41 17.04
HA2 FLC P . 3.13 -9.15 15.39
HG1 FLC P . 3.70 -11.30 15.12
HG2 FLC P . 3.88 -11.79 16.81
HOB FLC P . 2.35 -10.72 18.28
PR PR Q . 7.82 32.73 13.36
PR PR R . 0.87 19.77 -10.61
CAC FLC S . -1.59 18.15 -10.81
CA FLC S . -1.61 18.44 -9.30
CB FLC S . -0.87 17.45 -8.43
CBC FLC S . 0.30 16.65 -8.96
CG FLC S . -0.37 18.22 -7.22
CGC FLC S . -1.47 18.26 -6.18
OA1 FLC S . -1.03 17.14 -11.31
OA2 FLC S . -2.13 18.96 -11.59
OB1 FLC S . 1.22 17.23 -9.54
OB2 FLC S . 0.35 15.41 -8.77
OG1 FLC S . -2.57 18.78 -6.51
OG2 FLC S . -1.31 17.81 -5.03
OHB FLC S . -1.79 16.50 -8.00
HA1 FLC S . -2.65 18.40 -9.00
HA2 FLC S . -1.26 19.44 -9.11
HG1 FLC S . 0.51 17.72 -6.81
HG2 FLC S . -0.10 19.23 -7.49
HOB FLC S . -1.33 15.83 -7.50
#